data_5YOB
# 
_entry.id   5YOB 
# 
_audit_conform.dict_name       mmcif_pdbx.dic 
_audit_conform.dict_version    5.380 
_audit_conform.dict_location   http://mmcif.pdb.org/dictionaries/ascii/mmcif_pdbx.dic 
# 
loop_
_database_2.database_id 
_database_2.database_code 
_database_2.pdbx_database_accession 
_database_2.pdbx_DOI 
PDB   5YOB         pdb_00005yob 10.2210/pdb5yob/pdb 
WWPDB D_1300005568 ?            ?                   
# 
loop_
_pdbx_database_related.db_name 
_pdbx_database_related.details 
_pdbx_database_related.db_id 
_pdbx_database_related.content_type 
PDB . 1J8Q unspecified 
PDB . 5YOC unspecified 
PDB . 5YOE unspecified 
PDB . 5YOG unspecified 
# 
_pdbx_database_status.status_code                     REL 
_pdbx_database_status.status_code_sf                  REL 
_pdbx_database_status.status_code_mr                  ? 
_pdbx_database_status.entry_id                        5YOB 
_pdbx_database_status.recvd_initial_deposition_date   2017-10-27 
_pdbx_database_status.SG_entry                        N 
_pdbx_database_status.deposit_site                    PDBJ 
_pdbx_database_status.process_site                    PDBJ 
_pdbx_database_status.status_code_cs                  ? 
_pdbx_database_status.methods_development_category    ? 
_pdbx_database_status.pdb_format_compatible           Y 
_pdbx_database_status.status_code_nmr_data            ? 
# 
loop_
_audit_author.name 
_audit_author.pdbx_ordinal 
_audit_author.identifier_ORCID 
'Pu, M.'    1 ? 
'Xu, Z.'    2 ? 
'Song, G.'  3 ? 
'Liu, Z.J.' 4 ? 
# 
_citation.abstract                  ? 
_citation.abstract_id_CAS           ? 
_citation.book_id_ISBN              ? 
_citation.book_publisher            ? 
_citation.book_publisher_city       ? 
_citation.book_title                ? 
_citation.coordinate_linkage        ? 
_citation.country                   CN 
_citation.database_id_Medline       ? 
_citation.details                   ? 
_citation.id                        primary 
_citation.journal_abbrev            'Protein Cell' 
_citation.journal_id_ASTM           ? 
_citation.journal_id_CSD            ? 
_citation.journal_id_ISSN           1674-8018 
_citation.journal_full              ? 
_citation.journal_issue             ? 
_citation.journal_volume            9 
_citation.language                  ? 
_citation.page_first                659 
_citation.page_last                 663 
_citation.title                     'Protein crystal quality oriented disulfide bond engineering.' 
_citation.year                      2018 
_citation.database_id_CSD           ? 
_citation.pdbx_database_id_DOI      10.1007/s13238-017-0482-7 
_citation.pdbx_database_id_PubMed   29039033 
_citation.unpublished_flag          ? 
# 
loop_
_citation_author.citation_id 
_citation_author.name 
_citation_author.ordinal 
_citation_author.identifier_ORCID 
primary 'Pu, M.'    1 ? 
primary 'Xu, Z.'    2 ? 
primary 'Peng, Y.'  3 ? 
primary 'Hou, Y.'   4 ? 
primary 'Liu, D.'   5 ? 
primary 'Wang, Y.'  6 ? 
primary 'Liu, H.'   7 ? 
primary 'Song, G.'  8 ? 
primary 'Liu, Z.J.' 9 ? 
# 
_cell.angle_alpha                  90.00 
_cell.angle_alpha_esd              ? 
_cell.angle_beta                   100.84 
_cell.angle_beta_esd               ? 
_cell.angle_gamma                  90.00 
_cell.angle_gamma_esd              ? 
_cell.entry_id                     5YOB 
_cell.details                      ? 
_cell.formula_units_Z              ? 
_cell.length_a                     32.232 
_cell.length_a_esd                 ? 
_cell.length_b                     56.246 
_cell.length_b_esd                 ? 
_cell.length_c                     41.058 
_cell.length_c_esd                 ? 
_cell.volume                       ? 
_cell.volume_esd                   ? 
_cell.Z_PDB                        2 
_cell.reciprocal_angle_alpha       ? 
_cell.reciprocal_angle_beta        ? 
_cell.reciprocal_angle_gamma       ? 
_cell.reciprocal_angle_alpha_esd   ? 
_cell.reciprocal_angle_beta_esd    ? 
_cell.reciprocal_angle_gamma_esd   ? 
_cell.reciprocal_length_a          ? 
_cell.reciprocal_length_b          ? 
_cell.reciprocal_length_c          ? 
_cell.reciprocal_length_a_esd      ? 
_cell.reciprocal_length_b_esd      ? 
_cell.reciprocal_length_c_esd      ? 
_cell.pdbx_unique_axis             ? 
# 
_symmetry.entry_id                         5YOB 
_symmetry.cell_setting                     ? 
_symmetry.Int_Tables_number                4 
_symmetry.space_group_name_Hall            ? 
_symmetry.space_group_name_H-M             'P 1 21 1' 
_symmetry.pdbx_full_space_group_name_H-M   ? 
# 
loop_
_entity.id 
_entity.type 
_entity.src_method 
_entity.pdbx_description 
_entity.formula_weight 
_entity.pdbx_number_of_molecules 
_entity.pdbx_ec 
_entity.pdbx_mutation 
_entity.pdbx_fragment 
_entity.details 
1 polymer     man Flavodoxin              15788.223 1   ? Y98W ? ? 
2 non-polymer man 'FLAVIN MONONUCLEOTIDE' 456.344   1   ? ?    ? ? 
3 non-polymer syn GLYCEROL                92.094    2   ? ?    ? ? 
4 water       nat water                   18.015    246 ? ?    ? ? 
# 
_entity_poly.entity_id                      1 
_entity_poly.type                           'polypeptide(L)' 
_entity_poly.nstd_linkage                   no 
_entity_poly.nstd_monomer                   no 
_entity_poly.pdbx_seq_one_letter_code       
;SAKALIVYGSTTGNTEYTAETIARELADAGYEVDSRDAASVEAGGLFEGFDLVLLGCSTWGDDSIELQDDFIPLFDSLEE
TGAQGRKVACFGCGDSSWEYFCGAVDAIEEKLKNLGAEIVQDGLRIDGDPRAARDDIVGWAHDVRGAI
;
_entity_poly.pdbx_seq_one_letter_code_can   
;SAKALIVYGSTTGNTEYTAETIARELADAGYEVDSRDAASVEAGGLFEGFDLVLLGCSTWGDDSIELQDDFIPLFDSLEE
TGAQGRKVACFGCGDSSWEYFCGAVDAIEEKLKNLGAEIVQDGLRIDGDPRAARDDIVGWAHDVRGAI
;
_entity_poly.pdbx_strand_id                 A 
_entity_poly.pdbx_target_identifier         ? 
# 
loop_
_entity_poly_seq.entity_id 
_entity_poly_seq.num 
_entity_poly_seq.mon_id 
_entity_poly_seq.hetero 
1 1   SER n 
1 2   ALA n 
1 3   LYS n 
1 4   ALA n 
1 5   LEU n 
1 6   ILE n 
1 7   VAL n 
1 8   TYR n 
1 9   GLY n 
1 10  SER n 
1 11  THR n 
1 12  THR n 
1 13  GLY n 
1 14  ASN n 
1 15  THR n 
1 16  GLU n 
1 17  TYR n 
1 18  THR n 
1 19  ALA n 
1 20  GLU n 
1 21  THR n 
1 22  ILE n 
1 23  ALA n 
1 24  ARG n 
1 25  GLU n 
1 26  LEU n 
1 27  ALA n 
1 28  ASP n 
1 29  ALA n 
1 30  GLY n 
1 31  TYR n 
1 32  GLU n 
1 33  VAL n 
1 34  ASP n 
1 35  SER n 
1 36  ARG n 
1 37  ASP n 
1 38  ALA n 
1 39  ALA n 
1 40  SER n 
1 41  VAL n 
1 42  GLU n 
1 43  ALA n 
1 44  GLY n 
1 45  GLY n 
1 46  LEU n 
1 47  PHE n 
1 48  GLU n 
1 49  GLY n 
1 50  PHE n 
1 51  ASP n 
1 52  LEU n 
1 53  VAL n 
1 54  LEU n 
1 55  LEU n 
1 56  GLY n 
1 57  CYS n 
1 58  SER n 
1 59  THR n 
1 60  TRP n 
1 61  GLY n 
1 62  ASP n 
1 63  ASP n 
1 64  SER n 
1 65  ILE n 
1 66  GLU n 
1 67  LEU n 
1 68  GLN n 
1 69  ASP n 
1 70  ASP n 
1 71  PHE n 
1 72  ILE n 
1 73  PRO n 
1 74  LEU n 
1 75  PHE n 
1 76  ASP n 
1 77  SER n 
1 78  LEU n 
1 79  GLU n 
1 80  GLU n 
1 81  THR n 
1 82  GLY n 
1 83  ALA n 
1 84  GLN n 
1 85  GLY n 
1 86  ARG n 
1 87  LYS n 
1 88  VAL n 
1 89  ALA n 
1 90  CYS n 
1 91  PHE n 
1 92  GLY n 
1 93  CYS n 
1 94  GLY n 
1 95  ASP n 
1 96  SER n 
1 97  SER n 
1 98  TRP n 
1 99  GLU n 
1 100 TYR n 
1 101 PHE n 
1 102 CYS n 
1 103 GLY n 
1 104 ALA n 
1 105 VAL n 
1 106 ASP n 
1 107 ALA n 
1 108 ILE n 
1 109 GLU n 
1 110 GLU n 
1 111 LYS n 
1 112 LEU n 
1 113 LYS n 
1 114 ASN n 
1 115 LEU n 
1 116 GLY n 
1 117 ALA n 
1 118 GLU n 
1 119 ILE n 
1 120 VAL n 
1 121 GLN n 
1 122 ASP n 
1 123 GLY n 
1 124 LEU n 
1 125 ARG n 
1 126 ILE n 
1 127 ASP n 
1 128 GLY n 
1 129 ASP n 
1 130 PRO n 
1 131 ARG n 
1 132 ALA n 
1 133 ALA n 
1 134 ARG n 
1 135 ASP n 
1 136 ASP n 
1 137 ILE n 
1 138 VAL n 
1 139 GLY n 
1 140 TRP n 
1 141 ALA n 
1 142 HIS n 
1 143 ASP n 
1 144 VAL n 
1 145 ARG n 
1 146 GLY n 
1 147 ALA n 
1 148 ILE n 
# 
_entity_src_gen.entity_id                          1 
_entity_src_gen.pdbx_src_id                        1 
_entity_src_gen.pdbx_alt_source_flag               sample 
_entity_src_gen.pdbx_seq_type                      'Biological sequence' 
_entity_src_gen.pdbx_beg_seq_num                   1 
_entity_src_gen.pdbx_end_seq_num                   148 
_entity_src_gen.gene_src_common_name               ? 
_entity_src_gen.gene_src_genus                     ? 
_entity_src_gen.pdbx_gene_src_gene                 DVU_2680 
_entity_src_gen.gene_src_species                   ? 
_entity_src_gen.gene_src_strain                    'Hildenborough / ATCC 29579 / DSM 644 / NCIMB 8303' 
_entity_src_gen.gene_src_tissue                    ? 
_entity_src_gen.gene_src_tissue_fraction           ? 
_entity_src_gen.gene_src_details                   ? 
_entity_src_gen.pdbx_gene_src_fragment             ? 
_entity_src_gen.pdbx_gene_src_scientific_name      
'Desulfovibrio vulgaris (strain Hildenborough / ATCC 29579 / DSM 644 / NCIMB 8303)' 
_entity_src_gen.pdbx_gene_src_ncbi_taxonomy_id     882 
_entity_src_gen.pdbx_gene_src_variant              ? 
_entity_src_gen.pdbx_gene_src_cell_line            ? 
_entity_src_gen.pdbx_gene_src_atcc                 ? 
_entity_src_gen.pdbx_gene_src_organ                ? 
_entity_src_gen.pdbx_gene_src_organelle            ? 
_entity_src_gen.pdbx_gene_src_cell                 ? 
_entity_src_gen.pdbx_gene_src_cellular_location    ? 
_entity_src_gen.host_org_common_name               ? 
_entity_src_gen.pdbx_host_org_scientific_name      'Escherichia coli' 
_entity_src_gen.pdbx_host_org_ncbi_taxonomy_id     562 
_entity_src_gen.host_org_genus                     ? 
_entity_src_gen.pdbx_host_org_gene                 ? 
_entity_src_gen.pdbx_host_org_organ                ? 
_entity_src_gen.host_org_species                   ? 
_entity_src_gen.pdbx_host_org_tissue               ? 
_entity_src_gen.pdbx_host_org_tissue_fraction      ? 
_entity_src_gen.pdbx_host_org_strain               ? 
_entity_src_gen.pdbx_host_org_variant              ? 
_entity_src_gen.pdbx_host_org_cell_line            ? 
_entity_src_gen.pdbx_host_org_atcc                 ? 
_entity_src_gen.pdbx_host_org_culture_collection   ? 
_entity_src_gen.pdbx_host_org_cell                 ? 
_entity_src_gen.pdbx_host_org_organelle            ? 
_entity_src_gen.pdbx_host_org_cellular_location    ? 
_entity_src_gen.pdbx_host_org_vector_type          ? 
_entity_src_gen.pdbx_host_org_vector               ? 
_entity_src_gen.host_org_details                   ? 
_entity_src_gen.expression_system_id               ? 
_entity_src_gen.plasmid_name                       ? 
_entity_src_gen.plasmid_details                    ? 
_entity_src_gen.pdbx_description                   ? 
# 
_struct_ref.id                         1 
_struct_ref.db_name                    UNP 
_struct_ref.db_code                    FLAV_DESVH 
_struct_ref.pdbx_db_accession          P00323 
_struct_ref.pdbx_db_isoform            ? 
_struct_ref.entity_id                  1 
_struct_ref.pdbx_seq_one_letter_code   
;KALIVYGSTTGNTEYTAETIARELADAGYEVDSRDAASVEAGGLFEGFDLVLLGCSTWGDDSIELQDDFIPLFDSLEETG
AQGRKVACFGCGDSSYEYFCGAVDAIEEKLKNLGAEIVQDGLRIDGDPRAARDDIVGWAHDVRGAI
;
_struct_ref.pdbx_align_begin           3 
# 
_struct_ref_seq.align_id                      1 
_struct_ref_seq.ref_id                        1 
_struct_ref_seq.pdbx_PDB_id_code              5YOB 
_struct_ref_seq.pdbx_strand_id                A 
_struct_ref_seq.seq_align_beg                 3 
_struct_ref_seq.pdbx_seq_align_beg_ins_code   ? 
_struct_ref_seq.seq_align_end                 148 
_struct_ref_seq.pdbx_seq_align_end_ins_code   ? 
_struct_ref_seq.pdbx_db_accession             P00323 
_struct_ref_seq.db_align_beg                  3 
_struct_ref_seq.pdbx_db_align_beg_ins_code    ? 
_struct_ref_seq.db_align_end                  148 
_struct_ref_seq.pdbx_db_align_end_ins_code    ? 
_struct_ref_seq.pdbx_auth_seq_align_beg       3 
_struct_ref_seq.pdbx_auth_seq_align_end       148 
# 
loop_
_struct_ref_seq_dif.align_id 
_struct_ref_seq_dif.pdbx_pdb_id_code 
_struct_ref_seq_dif.mon_id 
_struct_ref_seq_dif.pdbx_pdb_strand_id 
_struct_ref_seq_dif.seq_num 
_struct_ref_seq_dif.pdbx_pdb_ins_code 
_struct_ref_seq_dif.pdbx_seq_db_name 
_struct_ref_seq_dif.pdbx_seq_db_accession_code 
_struct_ref_seq_dif.db_mon_id 
_struct_ref_seq_dif.pdbx_seq_db_seq_num 
_struct_ref_seq_dif.details 
_struct_ref_seq_dif.pdbx_auth_seq_num 
_struct_ref_seq_dif.pdbx_ordinal 
1 5YOB SER A 1  ? UNP P00323 ?   ?  'expression tag'      1  1 
1 5YOB ALA A 2  ? UNP P00323 ?   ?  'expression tag'      2  2 
1 5YOB TRP A 98 ? UNP P00323 TYR 98 'engineered mutation' 98 3 
# 
loop_
_chem_comp.id 
_chem_comp.type 
_chem_comp.mon_nstd_flag 
_chem_comp.name 
_chem_comp.pdbx_synonyms 
_chem_comp.formula 
_chem_comp.formula_weight 
ALA 'L-peptide linking' y ALANINE                 ?                               'C3 H7 N O2'      89.093  
ARG 'L-peptide linking' y ARGININE                ?                               'C6 H15 N4 O2 1'  175.209 
ASN 'L-peptide linking' y ASPARAGINE              ?                               'C4 H8 N2 O3'     132.118 
ASP 'L-peptide linking' y 'ASPARTIC ACID'         ?                               'C4 H7 N O4'      133.103 
CYS 'L-peptide linking' y CYSTEINE                ?                               'C3 H7 N O2 S'    121.158 
FMN non-polymer         . 'FLAVIN MONONUCLEOTIDE' 'RIBOFLAVIN MONOPHOSPHATE'      'C17 H21 N4 O9 P' 456.344 
GLN 'L-peptide linking' y GLUTAMINE               ?                               'C5 H10 N2 O3'    146.144 
GLU 'L-peptide linking' y 'GLUTAMIC ACID'         ?                               'C5 H9 N O4'      147.129 
GLY 'peptide linking'   y GLYCINE                 ?                               'C2 H5 N O2'      75.067  
GOL non-polymer         . GLYCEROL                'GLYCERIN; PROPANE-1,2,3-TRIOL' 'C3 H8 O3'        92.094  
HIS 'L-peptide linking' y HISTIDINE               ?                               'C6 H10 N3 O2 1'  156.162 
HOH non-polymer         . WATER                   ?                               'H2 O'            18.015  
ILE 'L-peptide linking' y ISOLEUCINE              ?                               'C6 H13 N O2'     131.173 
LEU 'L-peptide linking' y LEUCINE                 ?                               'C6 H13 N O2'     131.173 
LYS 'L-peptide linking' y LYSINE                  ?                               'C6 H15 N2 O2 1'  147.195 
PHE 'L-peptide linking' y PHENYLALANINE           ?                               'C9 H11 N O2'     165.189 
PRO 'L-peptide linking' y PROLINE                 ?                               'C5 H9 N O2'      115.130 
SER 'L-peptide linking' y SERINE                  ?                               'C3 H7 N O3'      105.093 
THR 'L-peptide linking' y THREONINE               ?                               'C4 H9 N O3'      119.119 
TRP 'L-peptide linking' y TRYPTOPHAN              ?                               'C11 H12 N2 O2'   204.225 
TYR 'L-peptide linking' y TYROSINE                ?                               'C9 H11 N O3'     181.189 
VAL 'L-peptide linking' y VALINE                  ?                               'C5 H11 N O2'     117.146 
# 
_exptl.absorpt_coefficient_mu     ? 
_exptl.absorpt_correction_T_max   ? 
_exptl.absorpt_correction_T_min   ? 
_exptl.absorpt_correction_type    ? 
_exptl.absorpt_process_details    ? 
_exptl.entry_id                   5YOB 
_exptl.crystals_number            1 
_exptl.details                    ? 
_exptl.method                     'X-RAY DIFFRACTION' 
_exptl.method_details             ? 
# 
_exptl_crystal.colour                      ? 
_exptl_crystal.density_diffrn              ? 
_exptl_crystal.density_Matthews            2.32 
_exptl_crystal.density_method              ? 
_exptl_crystal.density_percent_sol         46.87 
_exptl_crystal.description                 ? 
_exptl_crystal.F_000                       ? 
_exptl_crystal.id                          1 
_exptl_crystal.preparation                 ? 
_exptl_crystal.size_max                    ? 
_exptl_crystal.size_mid                    ? 
_exptl_crystal.size_min                    ? 
_exptl_crystal.size_rad                    ? 
_exptl_crystal.colour_lustre               ? 
_exptl_crystal.colour_modifier             ? 
_exptl_crystal.colour_primary              ? 
_exptl_crystal.density_meas                ? 
_exptl_crystal.density_meas_esd            ? 
_exptl_crystal.density_meas_gt             ? 
_exptl_crystal.density_meas_lt             ? 
_exptl_crystal.density_meas_temp           ? 
_exptl_crystal.density_meas_temp_esd       ? 
_exptl_crystal.density_meas_temp_gt        ? 
_exptl_crystal.density_meas_temp_lt        ? 
_exptl_crystal.pdbx_crystal_image_url      ? 
_exptl_crystal.pdbx_crystal_image_format   ? 
_exptl_crystal.pdbx_mosaicity              ? 
_exptl_crystal.pdbx_mosaicity_esd          ? 
# 
_exptl_crystal_grow.apparatus       ? 
_exptl_crystal_grow.atmosphere      ? 
_exptl_crystal_grow.crystal_id      1 
_exptl_crystal_grow.details         ? 
_exptl_crystal_grow.method          'VAPOR DIFFUSION, HANGING DROP' 
_exptl_crystal_grow.method_ref      ? 
_exptl_crystal_grow.pH              ? 
_exptl_crystal_grow.pressure        ? 
_exptl_crystal_grow.pressure_esd    ? 
_exptl_crystal_grow.seeding         ? 
_exptl_crystal_grow.seeding_ref     ? 
_exptl_crystal_grow.temp            293 
_exptl_crystal_grow.temp_details    ? 
_exptl_crystal_grow.temp_esd        ? 
_exptl_crystal_grow.time            ? 
_exptl_crystal_grow.pdbx_details    
;Tris-HCL 0.1M
Ammonium Sulfate 3.2M
;
_exptl_crystal_grow.pdbx_pH_range   7.0-7.5 
# 
_diffrn.ambient_environment    ? 
_diffrn.ambient_temp           100 
_diffrn.ambient_temp_details   'Liquid nitrogen' 
_diffrn.ambient_temp_esd       ? 
_diffrn.crystal_id             1 
_diffrn.crystal_support        ? 
_diffrn.crystal_treatment      ? 
_diffrn.details                ? 
_diffrn.id                     1 
_diffrn.ambient_pressure       ? 
_diffrn.ambient_pressure_esd   ? 
_diffrn.ambient_pressure_gt    ? 
_diffrn.ambient_pressure_lt    ? 
_diffrn.ambient_temp_gt        ? 
_diffrn.ambient_temp_lt        ? 
# 
_diffrn_detector.details                      ? 
_diffrn_detector.detector                     CCD 
_diffrn_detector.diffrn_id                    1 
_diffrn_detector.type                         'MAR CCD 130 mm' 
_diffrn_detector.area_resol_mean              ? 
_diffrn_detector.dtime                        ? 
_diffrn_detector.pdbx_frames_total            ? 
_diffrn_detector.pdbx_collection_time_total   ? 
_diffrn_detector.pdbx_collection_date         2016-07-06 
# 
_diffrn_radiation.collimation                      ? 
_diffrn_radiation.diffrn_id                        1 
_diffrn_radiation.filter_edge                      ? 
_diffrn_radiation.inhomogeneity                    ? 
_diffrn_radiation.monochromator                    ? 
_diffrn_radiation.polarisn_norm                    ? 
_diffrn_radiation.polarisn_ratio                   ? 
_diffrn_radiation.probe                            ? 
_diffrn_radiation.type                             ? 
_diffrn_radiation.xray_symbol                      ? 
_diffrn_radiation.wavelength_id                    1 
_diffrn_radiation.pdbx_monochromatic_or_laue_m_l   M 
_diffrn_radiation.pdbx_wavelength_list             ? 
_diffrn_radiation.pdbx_wavelength                  ? 
_diffrn_radiation.pdbx_diffrn_protocol             'SINGLE WAVELENGTH' 
_diffrn_radiation.pdbx_analyzer                    ? 
_diffrn_radiation.pdbx_scattering_type             x-ray 
# 
_diffrn_radiation_wavelength.id           1 
_diffrn_radiation_wavelength.wavelength   0.9793 
_diffrn_radiation_wavelength.wt           1.0 
# 
_diffrn_source.current                     ? 
_diffrn_source.details                     ? 
_diffrn_source.diffrn_id                   1 
_diffrn_source.power                       ? 
_diffrn_source.size                        ? 
_diffrn_source.source                      SYNCHROTRON 
_diffrn_source.target                      ? 
_diffrn_source.type                        'SSRF BEAMLINE BL17U1' 
_diffrn_source.voltage                     ? 
_diffrn_source.take-off_angle              ? 
_diffrn_source.pdbx_wavelength_list        0.9793 
_diffrn_source.pdbx_wavelength             ? 
_diffrn_source.pdbx_synchrotron_beamline   BL17U1 
_diffrn_source.pdbx_synchrotron_site       SSRF 
# 
_reflns.B_iso_Wilson_estimate            ? 
_reflns.entry_id                         5YOB 
_reflns.data_reduction_details           ? 
_reflns.data_reduction_method            ? 
_reflns.d_resolution_high                1.142 
_reflns.d_resolution_low                 31.656 
_reflns.details                          ? 
_reflns.limit_h_max                      ? 
_reflns.limit_h_min                      ? 
_reflns.limit_k_max                      ? 
_reflns.limit_k_min                      ? 
_reflns.limit_l_max                      ? 
_reflns.limit_l_min                      ? 
_reflns.number_all                       ? 
_reflns.number_obs                       38709 
_reflns.observed_criterion               ? 
_reflns.observed_criterion_F_max         ? 
_reflns.observed_criterion_F_min         ? 
_reflns.observed_criterion_I_max         ? 
_reflns.observed_criterion_I_min         ? 
_reflns.observed_criterion_sigma_F       ? 
_reflns.observed_criterion_sigma_I       ? 
_reflns.percent_possible_obs             75 
_reflns.R_free_details                   ? 
_reflns.Rmerge_F_all                     ? 
_reflns.Rmerge_F_obs                     ? 
_reflns.Friedel_coverage                 ? 
_reflns.number_gt                        ? 
_reflns.threshold_expression             ? 
_reflns.pdbx_redundancy                  4.4 
_reflns.pdbx_Rmerge_I_obs                ? 
_reflns.pdbx_Rmerge_I_all                ? 
_reflns.pdbx_Rsym_value                  ? 
_reflns.pdbx_netI_over_av_sigmaI         ? 
_reflns.pdbx_netI_over_sigmaI            32.21 
_reflns.pdbx_res_netI_over_av_sigmaI_2   ? 
_reflns.pdbx_res_netI_over_sigmaI_2      ? 
_reflns.pdbx_chi_squared                 ? 
_reflns.pdbx_scaling_rejects             ? 
_reflns.pdbx_d_res_high_opt              ? 
_reflns.pdbx_d_res_low_opt               ? 
_reflns.pdbx_d_res_opt_method            ? 
_reflns.phase_calculation_details        ? 
_reflns.pdbx_Rrim_I_all                  ? 
_reflns.pdbx_Rpim_I_all                  ? 
_reflns.pdbx_d_opt                       ? 
_reflns.pdbx_number_measured_all         ? 
_reflns.pdbx_diffrn_id                   1 
_reflns.pdbx_ordinal                     1 
_reflns.pdbx_CC_half                     ? 
_reflns.pdbx_R_split                     ? 
# 
_reflns_shell.d_res_high                  . 
_reflns_shell.d_res_low                   ? 
_reflns_shell.meanI_over_sigI_all         ? 
_reflns_shell.meanI_over_sigI_obs         ? 
_reflns_shell.number_measured_all         ? 
_reflns_shell.number_measured_obs         ? 
_reflns_shell.number_possible             ? 
_reflns_shell.number_unique_all           ? 
_reflns_shell.number_unique_obs           ? 
_reflns_shell.percent_possible_all        ? 
_reflns_shell.percent_possible_obs        ? 
_reflns_shell.Rmerge_F_all                ? 
_reflns_shell.Rmerge_F_obs                ? 
_reflns_shell.Rmerge_I_all                ? 
_reflns_shell.Rmerge_I_obs                ? 
_reflns_shell.meanI_over_sigI_gt          ? 
_reflns_shell.meanI_over_uI_all           ? 
_reflns_shell.meanI_over_uI_gt            ? 
_reflns_shell.number_measured_gt          ? 
_reflns_shell.number_unique_gt            ? 
_reflns_shell.percent_possible_gt         ? 
_reflns_shell.Rmerge_F_gt                 ? 
_reflns_shell.Rmerge_I_gt                 ? 
_reflns_shell.pdbx_redundancy             ? 
_reflns_shell.pdbx_Rsym_value             ? 
_reflns_shell.pdbx_chi_squared            ? 
_reflns_shell.pdbx_netI_over_sigmaI_all   ? 
_reflns_shell.pdbx_netI_over_sigmaI_obs   ? 
_reflns_shell.pdbx_Rrim_I_all             ? 
_reflns_shell.pdbx_Rpim_I_all             ? 
_reflns_shell.pdbx_rejects                ? 
_reflns_shell.pdbx_ordinal                1 
_reflns_shell.pdbx_diffrn_id              1 
_reflns_shell.pdbx_CC_half                ? 
_reflns_shell.pdbx_R_split                ? 
# 
_refine.aniso_B[1][1]                            ? 
_refine.aniso_B[1][2]                            ? 
_refine.aniso_B[1][3]                            ? 
_refine.aniso_B[2][2]                            ? 
_refine.aniso_B[2][3]                            ? 
_refine.aniso_B[3][3]                            ? 
_refine.B_iso_max                                ? 
_refine.B_iso_mean                               ? 
_refine.B_iso_min                                ? 
_refine.correlation_coeff_Fo_to_Fc               ? 
_refine.correlation_coeff_Fo_to_Fc_free          ? 
_refine.details                                  ? 
_refine.diff_density_max                         ? 
_refine.diff_density_max_esd                     ? 
_refine.diff_density_min                         ? 
_refine.diff_density_min_esd                     ? 
_refine.diff_density_rms                         ? 
_refine.diff_density_rms_esd                     ? 
_refine.entry_id                                 5YOB 
_refine.pdbx_refine_id                           'X-RAY DIFFRACTION' 
_refine.ls_abs_structure_details                 ? 
_refine.ls_abs_structure_Flack                   ? 
_refine.ls_abs_structure_Flack_esd               ? 
_refine.ls_abs_structure_Rogers                  ? 
_refine.ls_abs_structure_Rogers_esd              ? 
_refine.ls_d_res_high                            1.142 
_refine.ls_d_res_low                             31.656 
_refine.ls_extinction_coef                       ? 
_refine.ls_extinction_coef_esd                   ? 
_refine.ls_extinction_expression                 ? 
_refine.ls_extinction_method                     ? 
_refine.ls_goodness_of_fit_all                   ? 
_refine.ls_goodness_of_fit_all_esd               ? 
_refine.ls_goodness_of_fit_obs                   ? 
_refine.ls_goodness_of_fit_obs_esd               ? 
_refine.ls_hydrogen_treatment                    ? 
_refine.ls_matrix_type                           ? 
_refine.ls_number_constraints                    ? 
_refine.ls_number_parameters                     ? 
_refine.ls_number_reflns_all                     ? 
_refine.ls_number_reflns_obs                     38708 
_refine.ls_number_reflns_R_free                  2000 
_refine.ls_number_reflns_R_work                  ? 
_refine.ls_number_restraints                     ? 
_refine.ls_percent_reflns_obs                    74.19 
_refine.ls_percent_reflns_R_free                 5.17 
_refine.ls_R_factor_all                          ? 
_refine.ls_R_factor_obs                          0.1668 
_refine.ls_R_factor_R_free                       0.1774 
_refine.ls_R_factor_R_free_error                 ? 
_refine.ls_R_factor_R_free_error_details         ? 
_refine.ls_R_factor_R_work                       0.1663 
_refine.ls_R_Fsqd_factor_obs                     ? 
_refine.ls_R_I_factor_obs                        ? 
_refine.ls_redundancy_reflns_all                 ? 
_refine.ls_redundancy_reflns_obs                 ? 
_refine.ls_restrained_S_all                      ? 
_refine.ls_restrained_S_obs                      ? 
_refine.ls_shift_over_esd_max                    ? 
_refine.ls_shift_over_esd_mean                   ? 
_refine.ls_structure_factor_coef                 ? 
_refine.ls_weighting_details                     ? 
_refine.ls_weighting_scheme                      ? 
_refine.ls_wR_factor_all                         ? 
_refine.ls_wR_factor_obs                         ? 
_refine.ls_wR_factor_R_free                      ? 
_refine.ls_wR_factor_R_work                      ? 
_refine.occupancy_max                            ? 
_refine.occupancy_min                            ? 
_refine.solvent_model_details                    'FLAT BULK SOLVENT MODEL' 
_refine.solvent_model_param_bsol                 ? 
_refine.solvent_model_param_ksol                 ? 
_refine.ls_R_factor_gt                           ? 
_refine.ls_goodness_of_fit_gt                    ? 
_refine.ls_goodness_of_fit_ref                   ? 
_refine.ls_shift_over_su_max                     ? 
_refine.ls_shift_over_su_max_lt                  ? 
_refine.ls_shift_over_su_mean                    ? 
_refine.ls_shift_over_su_mean_lt                 ? 
_refine.pdbx_ls_sigma_I                          ? 
_refine.pdbx_ls_sigma_F                          1.35 
_refine.pdbx_ls_sigma_Fsqd                       ? 
_refine.pdbx_data_cutoff_high_absF               ? 
_refine.pdbx_data_cutoff_high_rms_absF           ? 
_refine.pdbx_data_cutoff_low_absF                ? 
_refine.pdbx_isotropic_thermal_model             ? 
_refine.pdbx_ls_cross_valid_method               'FREE R-VALUE' 
_refine.pdbx_method_to_determine_struct          'MOLECULAR REPLACEMENT' 
_refine.pdbx_starting_model                      1J8Q 
_refine.pdbx_stereochemistry_target_values       ML 
_refine.pdbx_R_Free_selection_details            ? 
_refine.pdbx_stereochem_target_val_spec_case     ? 
_refine.pdbx_overall_ESU_R                       ? 
_refine.pdbx_overall_ESU_R_Free                  ? 
_refine.pdbx_solvent_vdw_probe_radii             1.11 
_refine.pdbx_solvent_ion_probe_radii             ? 
_refine.pdbx_solvent_shrinkage_radii             0.90 
_refine.pdbx_real_space_R                        ? 
_refine.pdbx_density_correlation                 ? 
_refine.pdbx_pd_number_of_powder_patterns        ? 
_refine.pdbx_pd_number_of_points                 ? 
_refine.pdbx_pd_meas_number_of_points            ? 
_refine.pdbx_pd_proc_ls_prof_R_factor            ? 
_refine.pdbx_pd_proc_ls_prof_wR_factor           ? 
_refine.pdbx_pd_Marquardt_correlation_coeff      ? 
_refine.pdbx_pd_Fsqrd_R_factor                   ? 
_refine.pdbx_pd_ls_matrix_band_width             ? 
_refine.pdbx_overall_phase_error                 24.07 
_refine.pdbx_overall_SU_R_free_Cruickshank_DPI   ? 
_refine.pdbx_overall_SU_R_free_Blow_DPI          ? 
_refine.pdbx_overall_SU_R_Blow_DPI               ? 
_refine.pdbx_TLS_residual_ADP_flag               ? 
_refine.pdbx_diffrn_id                           1 
_refine.overall_SU_B                             ? 
_refine.overall_SU_ML                            0.10 
_refine.overall_SU_R_Cruickshank_DPI             ? 
_refine.overall_SU_R_free                        ? 
_refine.overall_FOM_free_R_set                   ? 
_refine.overall_FOM_work_R_set                   ? 
_refine.pdbx_average_fsc_overall                 ? 
_refine.pdbx_average_fsc_work                    ? 
_refine.pdbx_average_fsc_free                    ? 
# 
_refine_hist.pdbx_refine_id                   'X-RAY DIFFRACTION' 
_refine_hist.cycle_id                         LAST 
_refine_hist.pdbx_number_atoms_protein        1141 
_refine_hist.pdbx_number_atoms_nucleic_acid   0 
_refine_hist.pdbx_number_atoms_ligand         12 
_refine_hist.number_atoms_solvent             246 
_refine_hist.number_atoms_total               1399 
_refine_hist.d_res_high                       1.142 
_refine_hist.d_res_low                        31.656 
# 
loop_
_refine_ls_restr.pdbx_refine_id 
_refine_ls_restr.criterion 
_refine_ls_restr.dev_ideal 
_refine_ls_restr.dev_ideal_target 
_refine_ls_restr.number 
_refine_ls_restr.rejects 
_refine_ls_restr.type 
_refine_ls_restr.weight 
_refine_ls_restr.pdbx_restraint_function 
'X-RAY DIFFRACTION' ? 0.009  ? 1203 ? f_bond_d           ? ? 
'X-RAY DIFFRACTION' ? 1.088  ? 1640 ? f_angle_d          ? ? 
'X-RAY DIFFRACTION' ? 23.464 ? 413  ? f_dihedral_angle_d ? ? 
'X-RAY DIFFRACTION' ? 0.087  ? 177  ? f_chiral_restr     ? ? 
'X-RAY DIFFRACTION' ? 0.006  ? 215  ? f_plane_restr      ? ? 
# 
loop_
_refine_ls_shell.pdbx_refine_id 
_refine_ls_shell.d_res_high 
_refine_ls_shell.d_res_low 
_refine_ls_shell.number_reflns_all 
_refine_ls_shell.number_reflns_obs 
_refine_ls_shell.number_reflns_R_free 
_refine_ls_shell.number_reflns_R_work 
_refine_ls_shell.percent_reflns_obs 
_refine_ls_shell.percent_reflns_R_free 
_refine_ls_shell.R_factor_all 
_refine_ls_shell.R_factor_obs 
_refine_ls_shell.R_factor_R_free 
_refine_ls_shell.R_factor_R_free_error 
_refine_ls_shell.R_factor_R_work 
_refine_ls_shell.redundancy_reflns_all 
_refine_ls_shell.redundancy_reflns_obs 
_refine_ls_shell.wR_factor_all 
_refine_ls_shell.wR_factor_obs 
_refine_ls_shell.wR_factor_R_free 
_refine_ls_shell.wR_factor_R_work 
_refine_ls_shell.pdbx_total_number_of_bins_used 
_refine_ls_shell.pdbx_phase_error 
_refine_ls_shell.pdbx_fsc_work 
_refine_ls_shell.pdbx_fsc_free 
'X-RAY DIFFRACTION' 1.1419 1.1705  . . 5   105  3.00   . . . 0.3697 . 0.3352 . . . . . . . . . . 
'X-RAY DIFFRACTION' 1.1705 1.2021  . . 28  495  14.00  . . . 0.3360 . 0.3115 . . . . . . . . . . 
'X-RAY DIFFRACTION' 1.2021 1.2375  . . 58  1054 30.00  . . . 0.3409 . 0.2970 . . . . . . . . . . 
'X-RAY DIFFRACTION' 1.2375 1.2774  . . 93  1728 49.00  . . . 0.2911 . 0.2702 . . . . . . . . . . 
'X-RAY DIFFRACTION' 1.2774 1.3231  . . 128 2352 67.00  . . . 0.2461 . 0.2361 . . . . . . . . . . 
'X-RAY DIFFRACTION' 1.3231 1.3761  . . 162 2975 84.00  . . . 0.2554 . 0.2264 . . . . . . . . . . 
'X-RAY DIFFRACTION' 1.3761 1.4387  . . 189 3443 98.00  . . . 0.2131 . 0.2043 . . . . . . . . . . 
'X-RAY DIFFRACTION' 1.4387 1.5146  . . 191 3518 99.00  . . . 0.2134 . 0.1793 . . . . . . . . . . 
'X-RAY DIFFRACTION' 1.5146 1.6094  . . 191 3512 100.00 . . . 0.1840 . 0.1679 . . . . . . . . . . 
'X-RAY DIFFRACTION' 1.6094 1.7337  . . 191 3508 100.00 . . . 0.2041 . 0.1595 . . . . . . . . . . 
'X-RAY DIFFRACTION' 1.7337 1.9082  . . 193 3544 99.00  . . . 0.1900 . 0.1635 . . . . . . . . . . 
'X-RAY DIFFRACTION' 1.9082 2.1842  . . 190 3492 99.00  . . . 0.1913 . 0.1563 . . . . . . . . . . 
'X-RAY DIFFRACTION' 2.1842 2.7516  . . 191 3490 98.00  . . . 0.1640 . 0.1646 . . . . . . . . . . 
'X-RAY DIFFRACTION' 2.7516 31.6685 . . 190 3492 97.00  . . . 0.1422 . 0.1499 . . . . . . . . . . 
# 
_struct.entry_id                     5YOB 
_struct.title                        'Crystal Structure of flavodoxin without engineered disulfide bond' 
_struct.pdbx_model_details           ? 
_struct.pdbx_formula_weight          ? 
_struct.pdbx_formula_weight_method   ? 
_struct.pdbx_model_type_details      ? 
_struct.pdbx_CASP_flag               N 
# 
_struct_keywords.entry_id        5YOB 
_struct_keywords.text            'fusion partner, FMN-binding protein, oxidation, ELECTRON TRANSPORT' 
_struct_keywords.pdbx_keywords   'ELECTRON TRANSPORT' 
# 
loop_
_struct_asym.id 
_struct_asym.pdbx_blank_PDB_chainid_flag 
_struct_asym.pdbx_modified 
_struct_asym.entity_id 
_struct_asym.details 
A N N 1 ? 
B N N 2 ? 
C N N 3 ? 
D N N 3 ? 
E N N 4 ? 
# 
loop_
_struct_conf.conf_type_id 
_struct_conf.id 
_struct_conf.pdbx_PDB_helix_id 
_struct_conf.beg_label_comp_id 
_struct_conf.beg_label_asym_id 
_struct_conf.beg_label_seq_id 
_struct_conf.pdbx_beg_PDB_ins_code 
_struct_conf.end_label_comp_id 
_struct_conf.end_label_asym_id 
_struct_conf.end_label_seq_id 
_struct_conf.pdbx_end_PDB_ins_code 
_struct_conf.beg_auth_comp_id 
_struct_conf.beg_auth_asym_id 
_struct_conf.beg_auth_seq_id 
_struct_conf.end_auth_comp_id 
_struct_conf.end_auth_asym_id 
_struct_conf.end_auth_seq_id 
_struct_conf.pdbx_PDB_helix_class 
_struct_conf.details 
_struct_conf.pdbx_PDB_helix_length 
HELX_P HELX_P1 AA1 GLY A 13  ? ALA A 29  ? GLY A 13  ALA A 29  1 ? 17 
HELX_P HELX_P2 AA2 ALA A 39  ? VAL A 41  ? ALA A 39  VAL A 41  5 ? 3  
HELX_P HELX_P3 AA3 PHE A 71  ? SER A 77  ? PHE A 71  SER A 77  1 ? 7  
HELX_P HELX_P4 AA4 LEU A 78  ? THR A 81  ? LEU A 78  THR A 81  5 ? 4  
HELX_P HELX_P5 AA5 CYS A 102 ? LEU A 115 ? CYS A 102 LEU A 115 1 ? 14 
HELX_P HELX_P6 AA6 ASP A 129 ? ALA A 132 ? ASP A 129 ALA A 132 5 ? 4  
HELX_P HELX_P7 AA7 ALA A 133 ? ALA A 147 ? ALA A 133 ALA A 147 1 ? 15 
# 
_struct_conf_type.id          HELX_P 
_struct_conf_type.criteria    ? 
_struct_conf_type.reference   ? 
# 
loop_
_struct_sheet.id 
_struct_sheet.type 
_struct_sheet.number_strands 
_struct_sheet.details 
AA1 ? 5 ? 
AA2 ? 5 ? 
AA3 ? 2 ? 
# 
loop_
_struct_sheet_order.sheet_id 
_struct_sheet_order.range_id_1 
_struct_sheet_order.range_id_2 
_struct_sheet_order.offset 
_struct_sheet_order.sense 
AA1 1 2 ? parallel      
AA1 2 3 ? parallel      
AA1 3 4 ? parallel      
AA1 4 5 ? parallel      
AA2 1 2 ? parallel      
AA2 2 3 ? parallel      
AA2 3 4 ? parallel      
AA2 4 5 ? parallel      
AA3 1 2 ? anti-parallel 
# 
loop_
_struct_sheet_range.sheet_id 
_struct_sheet_range.id 
_struct_sheet_range.beg_label_comp_id 
_struct_sheet_range.beg_label_asym_id 
_struct_sheet_range.beg_label_seq_id 
_struct_sheet_range.pdbx_beg_PDB_ins_code 
_struct_sheet_range.end_label_comp_id 
_struct_sheet_range.end_label_asym_id 
_struct_sheet_range.end_label_seq_id 
_struct_sheet_range.pdbx_end_PDB_ins_code 
_struct_sheet_range.beg_auth_comp_id 
_struct_sheet_range.beg_auth_asym_id 
_struct_sheet_range.beg_auth_seq_id 
_struct_sheet_range.end_auth_comp_id 
_struct_sheet_range.end_auth_asym_id 
_struct_sheet_range.end_auth_seq_id 
AA1 1 GLU A 32  ? ASP A 37  ? GLU A 32  ASP A 37  
AA1 2 LYS A 3   ? GLY A 9   ? LYS A 3   GLY A 9   
AA1 3 LEU A 52  ? CYS A 57  ? LEU A 52  CYS A 57  
AA1 4 LYS A 87  ? GLY A 94  ? LYS A 87  GLY A 94  
AA1 5 GLU A 118 ? ILE A 119 ? GLU A 118 ILE A 119 
AA2 1 GLU A 32  ? ASP A 37  ? GLU A 32  ASP A 37  
AA2 2 LYS A 3   ? GLY A 9   ? LYS A 3   GLY A 9   
AA2 3 LEU A 52  ? CYS A 57  ? LEU A 52  CYS A 57  
AA2 4 LYS A 87  ? GLY A 94  ? LYS A 87  GLY A 94  
AA2 5 LEU A 124 ? ASP A 127 ? LEU A 124 ASP A 127 
AA3 1 THR A 59  ? TRP A 60  ? THR A 59  TRP A 60  
AA3 2 GLU A 66  ? LEU A 67  ? GLU A 66  LEU A 67  
# 
loop_
_pdbx_struct_sheet_hbond.sheet_id 
_pdbx_struct_sheet_hbond.range_id_1 
_pdbx_struct_sheet_hbond.range_id_2 
_pdbx_struct_sheet_hbond.range_1_label_atom_id 
_pdbx_struct_sheet_hbond.range_1_label_comp_id 
_pdbx_struct_sheet_hbond.range_1_label_asym_id 
_pdbx_struct_sheet_hbond.range_1_label_seq_id 
_pdbx_struct_sheet_hbond.range_1_PDB_ins_code 
_pdbx_struct_sheet_hbond.range_1_auth_atom_id 
_pdbx_struct_sheet_hbond.range_1_auth_comp_id 
_pdbx_struct_sheet_hbond.range_1_auth_asym_id 
_pdbx_struct_sheet_hbond.range_1_auth_seq_id 
_pdbx_struct_sheet_hbond.range_2_label_atom_id 
_pdbx_struct_sheet_hbond.range_2_label_comp_id 
_pdbx_struct_sheet_hbond.range_2_label_asym_id 
_pdbx_struct_sheet_hbond.range_2_label_seq_id 
_pdbx_struct_sheet_hbond.range_2_PDB_ins_code 
_pdbx_struct_sheet_hbond.range_2_auth_atom_id 
_pdbx_struct_sheet_hbond.range_2_auth_comp_id 
_pdbx_struct_sheet_hbond.range_2_auth_asym_id 
_pdbx_struct_sheet_hbond.range_2_auth_seq_id 
AA1 1 2 O ARG A 36 ? O ARG A 36 N ILE A 6   ? N ILE A 6   
AA1 2 3 N LEU A 5  ? N LEU A 5  O LEU A 54  ? O LEU A 54  
AA1 3 4 N LEU A 55 ? N LEU A 55 O PHE A 91  ? O PHE A 91  
AA1 4 5 N VAL A 88 ? N VAL A 88 O GLU A 118 ? O GLU A 118 
AA2 1 2 O ARG A 36 ? O ARG A 36 N ILE A 6   ? N ILE A 6   
AA2 2 3 N LEU A 5  ? N LEU A 5  O LEU A 54  ? O LEU A 54  
AA2 3 4 N LEU A 55 ? N LEU A 55 O PHE A 91  ? O PHE A 91  
AA2 4 5 N GLY A 94 ? N GLY A 94 O ILE A 126 ? O ILE A 126 
AA3 1 2 N TRP A 60 ? N TRP A 60 O GLU A 66  ? O GLU A 66  
# 
loop_
_struct_site.id 
_struct_site.pdbx_evidence_code 
_struct_site.pdbx_auth_asym_id 
_struct_site.pdbx_auth_comp_id 
_struct_site.pdbx_auth_seq_id 
_struct_site.pdbx_auth_ins_code 
_struct_site.pdbx_num_residues 
_struct_site.details 
AC1 Software A FMN 201 ? 22 'binding site for residue FMN A 201' 
AC2 Software A GOL 202 ? 5  'binding site for residue GOL A 202' 
AC3 Software A GOL 203 ? 5  'binding site for residue GOL A 203' 
# 
loop_
_struct_site_gen.id 
_struct_site_gen.site_id 
_struct_site_gen.pdbx_num_res 
_struct_site_gen.label_comp_id 
_struct_site_gen.label_asym_id 
_struct_site_gen.label_seq_id 
_struct_site_gen.pdbx_auth_ins_code 
_struct_site_gen.auth_comp_id 
_struct_site_gen.auth_asym_id 
_struct_site_gen.auth_seq_id 
_struct_site_gen.label_atom_id 
_struct_site_gen.label_alt_id 
_struct_site_gen.symmetry 
_struct_site_gen.details 
1  AC1 22 SER A 10  ? SER A 10  . ? 1_555 ? 
2  AC1 22 THR A 11  ? THR A 11  . ? 1_555 ? 
3  AC1 22 THR A 12  ? THR A 12  . ? 1_555 ? 
4  AC1 22 GLY A 13  ? GLY A 13  . ? 1_555 ? 
5  AC1 22 ASN A 14  ? ASN A 14  . ? 1_555 ? 
6  AC1 22 THR A 15  ? THR A 15  . ? 1_555 ? 
7  AC1 22 SER A 58  ? SER A 58  . ? 1_555 ? 
8  AC1 22 THR A 59  ? THR A 59  . ? 1_555 ? 
9  AC1 22 TRP A 60  ? TRP A 60  . ? 1_555 ? 
10 AC1 22 GLY A 61  ? GLY A 61  . ? 1_555 ? 
11 AC1 22 CYS A 93  ? CYS A 93  . ? 1_555 ? 
12 AC1 22 GLY A 94  ? GLY A 94  . ? 1_555 ? 
13 AC1 22 ASP A 95  ? ASP A 95  . ? 1_555 ? 
14 AC1 22 TRP A 98  ? TRP A 98  . ? 1_555 ? 
15 AC1 22 TYR A 100 ? TYR A 100 . ? 1_555 ? 
16 AC1 22 PHE A 101 ? PHE A 101 . ? 1_555 ? 
17 AC1 22 CYS A 102 ? CYS A 102 . ? 1_555 ? 
18 AC1 22 HOH E .   ? HOH A 335 . ? 1_555 ? 
19 AC1 22 HOH E .   ? HOH A 397 . ? 1_555 ? 
20 AC1 22 HOH E .   ? HOH A 399 . ? 1_555 ? 
21 AC1 22 HOH E .   ? HOH A 433 . ? 1_555 ? 
22 AC1 22 HOH E .   ? HOH A 436 . ? 1_555 ? 
23 AC2 5  ASP A 62  ? ASP A 62  . ? 1_555 ? 
24 AC2 5  ASP A 63  ? ASP A 63  . ? 1_555 ? 
25 AC2 5  SER A 64  ? SER A 64  . ? 1_555 ? 
26 AC2 5  GLU A 66  ? GLU A 66  . ? 1_555 ? 
27 AC2 5  HOH E .   ? HOH A 310 . ? 1_555 ? 
28 AC3 5  GLU A 80  ? GLU A 80  . ? 1_556 ? 
29 AC3 5  ARG A 145 ? ARG A 145 . ? 1_555 ? 
30 AC3 5  HOH E .   ? HOH A 329 . ? 1_555 ? 
31 AC3 5  HOH E .   ? HOH A 429 . ? 1_555 ? 
32 AC3 5  HOH E .   ? HOH A 474 . ? 1_555 ? 
# 
_atom_sites.entry_id                    5YOB 
_atom_sites.fract_transf_matrix[1][1]   0.02019533 
_atom_sites.fract_transf_matrix[1][2]   -0.02409950 
_atom_sites.fract_transf_matrix[1][3]   0.00304052 
_atom_sites.fract_transf_matrix[2][1]   -0.00432805 
_atom_sites.fract_transf_matrix[2][2]   -0.00145908 
_atom_sites.fract_transf_matrix[2][3]   0.01718231 
_atom_sites.fract_transf_matrix[3][1]   -0.01478203 
_atom_sites.fract_transf_matrix[3][2]   -0.01917908 
_atom_sites.fract_transf_matrix[3][3]   -0.00535209 
_atom_sites.fract_transf_vector[1]      1.381924 
_atom_sites.fract_transf_vector[2]      -1.132287 
_atom_sites.fract_transf_vector[3]      2.202484 
# 
loop_
_atom_type.symbol 
C 
H 
N 
O 
P 
S 
# 
loop_
_atom_site.group_PDB 
_atom_site.id 
_atom_site.type_symbol 
_atom_site.label_atom_id 
_atom_site.label_alt_id 
_atom_site.label_comp_id 
_atom_site.label_asym_id 
_atom_site.label_entity_id 
_atom_site.label_seq_id 
_atom_site.pdbx_PDB_ins_code 
_atom_site.Cartn_x 
_atom_site.Cartn_y 
_atom_site.Cartn_z 
_atom_site.occupancy 
_atom_site.B_iso_or_equiv 
_atom_site.pdbx_formal_charge 
_atom_site.auth_seq_id 
_atom_site.auth_comp_id 
_atom_site.auth_asym_id 
_atom_site.auth_atom_id 
_atom_site.pdbx_PDB_model_num 
ATOM   1    N N     . SER A 1 1   ? 5.576   -8.962  -17.743 1.00 33.53 ?  1   SER A N     1 
ATOM   2    C CA    . SER A 1 1   ? 4.948   -7.852  -17.033 1.00 32.59 ?  1   SER A CA    1 
ATOM   3    C C     . SER A 1 1   ? 4.507   -8.336  -15.654 1.00 28.70 ?  1   SER A C     1 
ATOM   4    O O     . SER A 1 1   ? 3.509   -7.876  -15.117 1.00 22.20 ?  1   SER A O     1 
ATOM   5    C CB    . SER A 1 1   ? 3.739   -7.329  -17.822 1.00 35.58 ?  1   SER A CB    1 
ATOM   6    O OG    . SER A 1 1   ? 4.069   -7.097  -19.191 1.00 22.01 ?  1   SER A OG    1 
ATOM   7    N N     . ALA A 1 2   ? 5.264   -9.272  -15.080 1.00 20.27 ?  2   ALA A N     1 
ATOM   8    C CA    . ALA A 1 2   ? 4.761   -10.048 -13.962 1.00 21.23 ?  2   ALA A CA    1 
ATOM   9    C C     . ALA A 1 2   ? 5.469   -9.767  -12.648 1.00 16.95 ?  2   ALA A C     1 
ATOM   10   O O     . ALA A 1 2   ? 5.300   -10.550 -11.724 1.00 23.35 ?  2   ALA A O     1 
ATOM   11   C CB    . ALA A 1 2   ? 4.828   -11.544 -14.282 1.00 25.68 ?  2   ALA A CB    1 
ATOM   12   N N     . LYS A 1 3   ? 6.215   -8.660  -12.495 1.00 15.76 ?  3   LYS A N     1 
ATOM   13   C CA    . LYS A 1 3   ? 6.860   -8.384  -11.207 1.00 15.52 ?  3   LYS A CA    1 
ATOM   14   C C     . LYS A 1 3   ? 6.063   -7.368  -10.401 1.00 13.10 ?  3   LYS A C     1 
ATOM   15   O O     . LYS A 1 3   ? 5.826   -6.250  -10.868 1.00 13.51 ?  3   LYS A O     1 
ATOM   16   C CB    . LYS A 1 3   ? 8.302   -7.910  -11.379 1.00 18.70 ?  3   LYS A CB    1 
ATOM   17   C CG    . LYS A 1 3   ? 9.246   -9.026  -11.850 1.00 24.21 ?  3   LYS A CG    1 
ATOM   18   C CD    . LYS A 1 3   ? 10.718  -8.594  -11.839 1.00 31.77 ?  3   LYS A CD    1 
ATOM   19   C CE    . LYS A 1 3   ? 11.180  -7.995  -10.493 1.00 34.93 ?  3   LYS A CE    1 
ATOM   20   N NZ    . LYS A 1 3   ? 11.220  -8.942  -9.310  1.00 30.97 ?  3   LYS A NZ    1 
ATOM   21   N N     . ALA A 1 4   ? 5.649   -7.770  -9.201  1.00 13.37 ?  4   ALA A N     1 
ATOM   22   C CA    . ALA A 1 4   ? 4.938   -6.887  -8.276  1.00 12.12 ?  4   ALA A CA    1 
ATOM   23   C C     . ALA A 1 4   ? 5.751   -6.707  -7.009  1.00 13.70 ?  4   ALA A C     1 
ATOM   24   O O     . ALA A 1 4   ? 6.326   -7.668  -6.489  1.00 14.15 ?  4   ALA A O     1 
ATOM   25   C CB    . ALA A 1 4   ? 3.581   -7.470  -7.889  1.00 14.22 ?  4   ALA A CB    1 
ATOM   26   N N     . LEU A 1 5   ? 5.810   -5.463  -6.540  1.00 11.55 ?  5   LEU A N     1 
ATOM   27   C CA    . LEU A 1 5   ? 6.434   -5.126  -5.264  1.00 10.93 ?  5   LEU A CA    1 
ATOM   28   C C     . LEU A 1 5   ? 5.356   -4.703  -4.285  1.00 11.58 ?  5   LEU A C     1 
ATOM   29   O O     . LEU A 1 5   ? 4.497   -3.891  -4.642  1.00 12.59 ?  5   LEU A O     1 
ATOM   30   C CB    . LEU A 1 5   ? 7.400   -3.948  -5.449  1.00 11.35 ?  5   LEU A CB    1 
ATOM   31   C CG    . LEU A 1 5   ? 8.035   -3.330  -4.197  1.00 11.98 ?  5   LEU A CG    1 
ATOM   32   C CD1   . LEU A 1 5   ? 8.977   -4.304  -3.531  1.00 14.02 ?  5   LEU A CD1   1 
ATOM   33   C CD2   . LEU A 1 5   ? 8.726   -2.009  -4.518  1.00 13.61 ?  5   LEU A CD2   1 
ATOM   34   N N     . ILE A 1 6   ? 5.389   -5.242  -3.076  1.00 11.27 ?  6   ILE A N     1 
ATOM   35   C CA    . ILE A 1 6   ? 4.511   -4.769  -2.010  1.00 10.89 ?  6   ILE A CA    1 
ATOM   36   C C     . ILE A 1 6   ? 5.431   -4.234  -0.928  1.00 12.44 ?  6   ILE A C     1 
ATOM   37   O O     . ILE A 1 6   ? 6.325   -4.958  -0.472  1.00 14.33 ?  6   ILE A O     1 
ATOM   38   C CB    . ILE A 1 6   ? 3.624   -5.894  -1.457  1.00 11.56 ?  6   ILE A CB    1 
ATOM   39   C CG1   . ILE A 1 6   ? 2.779   -6.488  -2.567  1.00 12.64 ?  6   ILE A CG1   1 
ATOM   40   C CG2   . ILE A 1 6   ? 2.717   -5.351  -0.325  1.00 13.06 ?  6   ILE A CG2   1 
ATOM   41   C CD1   . ILE A 1 6   ? 2.035   -7.770  -2.168  1.00 15.09 ?  6   ILE A CD1   1 
ATOM   42   N N     . VAL A 1 7   ? 5.220   -2.983  -0.507  1.00 11.22 ?  7   VAL A N     1 
ATOM   43   C CA    . VAL A 1 7   ? 5.958   -2.409  0.618   1.00 11.45 ?  7   VAL A CA    1 
ATOM   44   C C     . VAL A 1 7   ? 4.940   -2.009  1.667   1.00 12.58 ?  7   VAL A C     1 
ATOM   45   O O     . VAL A 1 7   ? 4.028   -1.241  1.353   1.00 12.39 ?  7   VAL A O     1 
ATOM   46   C CB    . VAL A 1 7   ? 6.800   -1.190  0.200   1.00 11.81 ?  7   VAL A CB    1 
ATOM   47   C CG1   . VAL A 1 7   ? 7.528   -0.587  1.409   1.00 14.69 ?  7   VAL A CG1   1 
ATOM   48   C CG2   . VAL A 1 7   ? 7.767   -1.584  -0.881  1.00 14.76 ?  7   VAL A CG2   1 
ATOM   49   N N     . TYR A 1 8   ? 5.126   -2.461  2.911   1.00 11.49 ?  8   TYR A N     1 
ATOM   50   C CA    . TYR A 1 8   ? 4.152   -2.167  3.953   1.00 12.10 ?  8   TYR A CA    1 
ATOM   51   C C     . TYR A 1 8   ? 4.793   -1.581  5.203   1.00 12.72 ?  8   TYR A C     1 
ATOM   52   O O     . TYR A 1 8   ? 5.881   -2.014  5.616   1.00 12.00 ?  8   TYR A O     1 
ATOM   53   C CB    . TYR A 1 8   ? 3.340   -3.408  4.340   1.00 14.06 ?  8   TYR A CB    1 
ATOM   54   C CG    . TYR A 1 8   ? 4.176   -4.571  4.800   1.00 13.60 ?  8   TYR A CG    1 
ATOM   55   C CD1   . TYR A 1 8   ? 4.485   -4.735  6.137   1.00 13.75 ?  8   TYR A CD1   1 
ATOM   56   C CD2   . TYR A 1 8   ? 4.674   -5.498  3.894   1.00 13.04 ?  8   TYR A CD2   1 
ATOM   57   C CE1   . TYR A 1 8   ? 5.270   -5.773  6.552   1.00 15.17 ?  8   TYR A CE1   1 
ATOM   58   C CE2   . TYR A 1 8   ? 5.462   -6.545  4.305   1.00 15.35 ?  8   TYR A CE2   1 
ATOM   59   C CZ    . TYR A 1 8   ? 5.747   -6.684  5.645   1.00 14.22 ?  8   TYR A CZ    1 
ATOM   60   O OH    . TYR A 1 8   ? 6.514   -7.743  6.061   1.00 19.31 ?  8   TYR A OH    1 
ATOM   61   N N     . GLY A 1 9   ? 4.102   -0.597  5.794   1.00 10.91 ?  9   GLY A N     1 
ATOM   62   C CA    . GLY A 1 9   ? 4.463   -0.097  7.104   1.00 10.85 ?  9   GLY A CA    1 
ATOM   63   C C     . GLY A 1 9   ? 3.391   -0.538  8.071   1.00 11.74 ?  9   GLY A C     1 
ATOM   64   O O     . GLY A 1 9   ? 2.209   -0.223  7.870   1.00 11.40 ?  9   GLY A O     1 
ATOM   65   N N     . SER A 1 10  ? 3.767   -1.300  9.104   1.00 10.82 ?  10  SER A N     1 
ATOM   66   C CA    . SER A 1 10  ? 2.794   -1.879  10.021  1.00 11.41 ?  10  SER A CA    1 
ATOM   67   C C     . SER A 1 10  ? 3.424   -1.978  11.408  1.00 11.67 ?  10  SER A C     1 
ATOM   68   O O     . SER A 1 10  ? 4.543   -2.486  11.536  1.00 13.42 ?  10  SER A O     1 
ATOM   69   C CB    . SER A 1 10  ? 2.436   -3.289  9.530   1.00 11.03 ?  10  SER A CB    1 
ATOM   70   O OG    . SER A 1 10  ? 1.419   -3.895  10.321  1.00 10.97 ?  10  SER A OG    1 
ATOM   71   N N     . THR A 1 11  ? 2.706   -1.550  12.451  1.00 10.58 ?  11  THR A N     1 
ATOM   72   C CA    . THR A 1 11  ? 3.236   -1.614  13.818  1.00 11.43 ?  11  THR A CA    1 
ATOM   73   C C     . THR A 1 11  ? 2.630   -2.736  14.634  1.00 14.09 ?  11  THR A C     1 
ATOM   74   O O     . THR A 1 11  ? 3.345   -3.372  15.413  1.00 13.92 ?  11  THR A O     1 
ATOM   75   C CB    . THR A 1 11  ? 2.998   -0.270  14.515  1.00 11.27 ?  11  THR A CB    1 
ATOM   76   O OG1   . THR A 1 11  ? 3.633   0.723   13.728  1.00 14.15 ?  11  THR A OG1   1 
ATOM   77   C CG2   . THR A 1 11  ? 3.620   -0.241  15.920  1.00 13.05 ?  11  THR A CG2   1 
ATOM   78   N N     . THR A 1 12  ? 1.338   -3.006  14.487  1.00 13.18 ?  12  THR A N     1 
ATOM   79   C CA    . THR A 1 12  ? 0.708   -4.103  15.215  1.00 13.10 ?  12  THR A CA    1 
ATOM   80   C C     . THR A 1 12  ? 0.453   -5.325  14.342  1.00 13.76 ?  12  THR A C     1 
ATOM   81   O O     . THR A 1 12  ? -0.155  -6.291  14.827  1.00 16.28 ?  12  THR A O     1 
ATOM   82   C CB    . THR A 1 12  ? -0.545  -3.661  16.002  1.00 13.31 ?  12  THR A CB    1 
ATOM   83   O OG1   . THR A 1 12  ? -1.707  -3.617  15.154  1.00 14.37 ?  12  THR A OG1   1 
ATOM   84   C CG2   . THR A 1 12  ? -0.337  -2.307  16.610  1.00 14.10 ?  12  THR A CG2   1 
ATOM   85   N N     . GLY A 1 13  ? 0.926   -5.323  13.086  1.00 11.88 ?  13  GLY A N     1 
ATOM   86   C CA    . GLY A 1 13  ? 0.827   -6.465  12.201  1.00 13.31 ?  13  GLY A CA    1 
ATOM   87   C C     . GLY A 1 13  ? -0.384  -6.486  11.297  1.00 11.89 ?  13  GLY A C     1 
ATOM   88   O O     . GLY A 1 13  ? -0.501  -7.420  10.488  1.00 11.50 ?  13  GLY A O     1 
ATOM   89   N N     . ASN A 1 14  ? -1.290  -5.513  11.389  1.00 11.13 ?  14  ASN A N     1 
ATOM   90   C CA    . ASN A 1 14  ? -2.529  -5.614  10.617  1.00 13.01 ?  14  ASN A CA    1 
ATOM   91   C C     . ASN A 1 14  ? -2.287  -5.366  9.130   1.00 11.96 ?  14  ASN A C     1 
ATOM   92   O O     . ASN A 1 14  ? -2.735  -6.153  8.267   1.00 11.31 ?  14  ASN A O     1 
ATOM   93   C CB    . ASN A 1 14  ? -3.579  -4.662  11.175  1.00 11.58 ?  14  ASN A CB    1 
ATOM   94   C CG    . ASN A 1 14  ? -4.100  -5.132  12.504  1.00 13.45 ?  14  ASN A CG    1 
ATOM   95   O OD1   . ASN A 1 14  ? -4.083  -6.339  12.812  1.00 13.49 ?  14  ASN A OD1   1 
ATOM   96   N ND2   . ASN A 1 14  ? -4.507  -4.191  13.333  1.00 14.03 ?  14  ASN A ND2   1 
ATOM   97   N N     . THR A 1 15  ? -1.537  -4.302  8.814   1.00 10.76 ?  15  THR A N     1 
ATOM   98   C CA    . THR A 1 15  ? -1.209  -4.026  7.438   1.00 10.54 ?  15  THR A CA    1 
ATOM   99   C C     . THR A 1 15  ? -0.247  -5.071  6.897   1.00 11.41 ?  15  THR A C     1 
ATOM   100  O O     . THR A 1 15  ? -0.278  -5.383  5.710   1.00 11.08 ?  15  THR A O     1 
ATOM   101  C CB    . THR A 1 15  ? -0.641  -2.601  7.310   1.00 10.82 ?  15  THR A CB    1 
ATOM   102  O OG1   . THR A 1 15  ? -1.567  -1.664  7.854   1.00 11.82 ?  15  THR A OG1   1 
ATOM   103  C CG2   . THR A 1 15  ? -0.370  -2.230  5.864   1.00 10.72 ?  15  THR A CG2   1 
ATOM   104  N N     . GLU A 1 16  ? 0.596   -5.657  7.743   1.00 10.92 ?  16  GLU A N     1 
ATOM   105  C CA    . GLU A 1 16  ? 1.451   -6.763  7.318   1.00 11.62 ?  16  GLU A CA    1 
ATOM   106  C C     . GLU A 1 16  ? 0.619   -7.976  6.911   1.00 11.88 ?  16  GLU A C     1 
ATOM   107  O O     . GLU A 1 16  ? 0.872   -8.589  5.870   1.00 11.94 ?  16  GLU A O     1 
ATOM   108  C CB    . GLU A 1 16  ? 2.417   -7.147  8.440   1.00 13.51 ?  16  GLU A CB    1 
ATOM   109  C CG    . GLU A 1 16  ? 3.293   -8.353  8.074   1.00 14.17 ?  16  GLU A CG    1 
ATOM   110  C CD    . GLU A 1 16  ? 4.354   -8.643  9.105   1.00 24.41 ?  16  GLU A CD    1 
ATOM   111  O OE1   . GLU A 1 16  ? 4.097   -8.434  10.300  1.00 24.25 ?  16  GLU A OE1   1 
ATOM   112  O OE2   . GLU A 1 16  ? 5.450   -9.076  8.712   1.00 37.38 ?  16  GLU A OE2   1 
ATOM   113  N N     . TYR A 1 17  ? -0.363  -8.360  7.730   1.00 11.84 ?  17  TYR A N     1 
ATOM   114  C CA    . TYR A 1 17  ? -1.254  -9.457  7.355   1.00 12.38 ?  17  TYR A CA    1 
ATOM   115  C C     . TYR A 1 17  ? -1.949  -9.135  6.046   1.00 11.67 ?  17  TYR A C     1 
ATOM   116  O O     . TYR A 1 17  ? -2.119  -10.006 5.179   1.00 11.53 ?  17  TYR A O     1 
ATOM   117  C CB    . TYR A 1 17  ? -2.309  -9.695  8.459   1.00 12.48 ?  17  TYR A CB    1 
ATOM   118  C CG    . TYR A 1 17  ? -3.456  -10.589 8.002   1.00 11.65 ?  17  TYR A CG    1 
ATOM   119  C CD1   . TYR A 1 17  ? -4.602  -10.041 7.447   1.00 12.59 ?  17  TYR A CD1   1 
ATOM   120  C CD2   . TYR A 1 17  ? -3.357  -11.972 8.075   1.00 15.27 ?  17  TYR A CD2   1 
ATOM   121  C CE1   . TYR A 1 17  ? -5.643  -10.838 6.978   1.00 14.47 ?  17  TYR A CE1   1 
ATOM   122  C CE2   . TYR A 1 17  ? -4.404  -12.799 7.599   1.00 17.45 ?  17  TYR A CE2   1 
ATOM   123  C CZ    . TYR A 1 17  ? -5.532  -12.209 7.070   1.00 15.29 ?  17  TYR A CZ    1 
ATOM   124  O OH    . TYR A 1 17  ? -6.568  -12.993 6.603   1.00 19.65 ?  17  TYR A OH    1 
ATOM   125  N N     . THR A 1 18  ? -2.388  -7.884  5.888   1.00 10.87 ?  18  THR A N     1 
ATOM   126  C CA    . THR A 1 18  ? -3.073  -7.485  4.675   1.00 10.97 ?  18  THR A CA    1 
ATOM   127  C C     . THR A 1 18  ? -2.153  -7.645  3.482   1.00 10.78 ?  18  THR A C     1 
ATOM   128  O O     . THR A 1 18  ? -2.553  -8.200  2.450   1.00 11.01 ?  18  THR A O     1 
ATOM   129  C CB    . THR A 1 18  ? -3.593  -6.047  4.813   1.00 10.19 ?  18  THR A CB    1 
ATOM   130  O OG1   . THR A 1 18  ? -4.442  -5.963  5.963   1.00 11.46 ?  18  THR A OG1   1 
ATOM   131  C CG2   . THR A 1 18  ? -4.342  -5.608  3.596   1.00 11.54 ?  18  THR A CG2   1 
ATOM   132  N N     . ALA A 1 19  ? -0.888  -7.243  3.636   1.00 11.94 ?  19  ALA A N     1 
ATOM   133  C CA    . ALA A 1 19  ? 0.115   -7.396  2.585   1.00 11.36 ?  19  ALA A CA    1 
ATOM   134  C C     . ALA A 1 19  ? 0.317   -8.867  2.224   1.00 12.75 ?  19  ALA A C     1 
ATOM   135  O O     . ALA A 1 19  ? 0.433   -9.216  1.041   1.00 12.15 ?  19  ALA A O     1 
ATOM   136  C CB    . ALA A 1 19  ? 1.421   -6.758  3.041   1.00 10.39 ?  19  ALA A CB    1 
ATOM   137  N N     . GLU A 1 20  ? 0.371   -9.742  3.225   1.00 12.26 ?  20  GLU A N     1 
ATOM   138  C CA    . GLU A 1 20  ? 0.585   -11.159 2.972   1.00 13.39 ?  20  GLU A CA    1 
ATOM   139  C C     . GLU A 1 20  ? -0.580  -11.750 2.202   1.00 12.04 ?  20  GLU A C     1 
ATOM   140  O O     . GLU A 1 20  ? -0.389  -12.596 1.310   1.00 12.52 ?  20  GLU A O     1 
ATOM   141  C CB    . GLU A 1 20  ? 0.706   -11.910 4.287   1.00 13.28 ?  20  GLU A CB    1 
ATOM   142  C CG    . GLU A 1 20  ? 2.029   -11.679 4.989   1.00 16.18 ?  20  GLU A CG    1 
ATOM   143  C CD    . GLU A 1 20  ? 2.001   -12.032 6.483   1.00 22.08 ?  20  GLU A CD    1 
ATOM   144  O OE1   . GLU A 1 20  ? 0.934   -12.410 7.012   1.00 22.34 ?  20  GLU A OE1   1 
ATOM   145  O OE2   . GLU A 1 20  ? 3.073   -11.918 7.126   1.00 25.85 ?  20  GLU A OE2   1 
ATOM   146  N N     . THR A 1 21  ? -1.788  -11.300 2.526   1.00 11.84 ?  21  THR A N     1 
ATOM   147  C CA    . THR A 1 21  ? -2.993  -11.783 1.861   1.00 14.14 ?  21  THR A CA    1 
ATOM   148  C C     . THR A 1 21  ? -3.013  -11.335 0.403   1.00 13.37 ?  21  THR A C     1 
ATOM   149  O O     . THR A 1 21  ? -3.316  -12.127 -0.507  1.00 13.42 ?  21  THR A O     1 
ATOM   150  C CB    . THR A 1 21  ? -4.210  -11.300 2.647   1.00 12.59 ?  21  THR A CB    1 
ATOM   151  O OG1   . THR A 1 21  ? -4.097  -11.793 3.985   1.00 13.40 ?  21  THR A OG1   1 
ATOM   152  C CG2   . THR A 1 21  ? -5.538  -11.788 2.053   1.00 14.83 ?  21  THR A CG2   1 
ATOM   153  N N     . ILE A 1 22  ? -2.680  -10.061 0.157   1.00 12.35 ?  22  ILE A N     1 
ATOM   154  C CA    . ILE A 1 22  ? -2.583  -9.561  -1.212  1.00 12.89 ?  22  ILE A CA    1 
ATOM   155  C C     . ILE A 1 22  ? -1.503  -10.317 -1.974  1.00 12.31 ?  22  ILE A C     1 
ATOM   156  O O     . ILE A 1 22  ? -1.692  -10.719 -3.125  1.00 12.93 ?  22  ILE A O     1 
ATOM   157  C CB    . ILE A 1 22  ? -2.279  -8.048  -1.192  1.00 11.37 ?  22  ILE A CB    1 
ATOM   158  C CG1   . ILE A 1 22  ? -3.442  -7.263  -0.586  1.00 12.37 ?  22  ILE A CG1   1 
ATOM   159  C CG2   . ILE A 1 22  ? -1.959  -7.511  -2.601  1.00 13.30 ?  22  ILE A CG2   1 
ATOM   160  C CD1   . ILE A 1 22  ? -3.071  -5.841  -0.128  1.00 12.88 ?  22  ILE A CD1   1 
ATOM   161  N N     . ALA A 1 23  ? -0.360  -10.539 -1.344  1.00 11.88 ?  23  ALA A N     1 
ATOM   162  C CA    . ALA A 1 23  ? 0.751   -11.189 -2.032  1.00 13.96 ?  23  ALA A CA    1 
ATOM   163  C C     . ALA A 1 23  ? 0.343   -12.572 -2.529  1.00 15.20 ?  23  ALA A C     1 
ATOM   164  O O     . ALA A 1 23  ? 0.666   -12.964 -3.665  1.00 14.62 ?  23  ALA A O     1 
ATOM   165  C CB    . ALA A 1 23  ? 1.968   -11.295 -1.112  1.00 14.43 ?  23  ALA A CB    1 
ATOM   166  N N     . ARG A 1 24  ? -0.341  -13.343 -1.679  1.00 13.59 ?  24  ARG A N     1 
ATOM   167  C CA    . ARG A 1 24  ? -0.783  -14.666 -2.091  1.00 14.31 ?  24  ARG A CA    1 
ATOM   168  C C     . ARG A 1 24  ? -1.752  -14.596 -3.272  1.00 15.10 ?  24  ARG A C     1 
ATOM   169  O O     . ARG A 1 24  ? -1.654  -15.397 -4.216  1.00 15.24 ?  24  ARG A O     1 
ATOM   170  C CB    . ARG A 1 24  ? -1.405  -15.370 -0.893  1.00 14.13 ?  24  ARG A CB    1 
ATOM   171  C CG    . ARG A 1 24  ? -1.926  -16.759 -1.230  1.00 22.41 ?  24  ARG A CG    1 
ATOM   172  C CD    . ARG A 1 24  ? -0.789  -17.701 -1.631  1.00 40.60 ?  24  ARG A CD    1 
ATOM   173  N NE    . ARG A 1 24  ? 0.041   -18.066 -0.482  1.00 66.15 ?  24  ARG A NE    1 
ATOM   174  C CZ    . ARG A 1 24  ? -0.215  -19.086 0.335   1.00 76.66 ?  24  ARG A CZ    1 
ATOM   175  N NH1   . ARG A 1 24  ? -1.284  -19.849 0.129   1.00 60.82 ?  24  ARG A NH1   1 
ATOM   176  N NH2   . ARG A 1 24  ? 0.596   -19.338 1.359   1.00 67.01 ?  24  ARG A NH2   1 
ATOM   177  N N     . GLU A 1 25  ? -2.670  -13.631 -3.260  1.00 13.76 ?  25  GLU A N     1 
ATOM   178  C CA    . GLU A 1 25  ? -3.618  -13.490 -4.355  1.00 13.89 ?  25  GLU A CA    1 
ATOM   179  C C     . GLU A 1 25  ? -2.891  -13.200 -5.665  1.00 12.58 ?  25  GLU A C     1 
ATOM   180  O O     . GLU A 1 25  ? -3.181  -13.826 -6.700  1.00 14.19 ?  25  GLU A O     1 
ATOM   181  C CB    . GLU A 1 25  ? -4.637  -12.394 -4.023  1.00 13.39 ?  25  GLU A CB    1 
ATOM   182  C CG    . GLU A 1 25  ? -6.005  -12.509 -4.737  1.00 16.41 ?  25  GLU A CG    1 
ATOM   183  C CD    . GLU A 1 25  ? -6.019  -12.076 -6.212  1.00 16.38 ?  25  GLU A CD    1 
ATOM   184  O OE1   . GLU A 1 25  ? -5.069  -11.411 -6.681  1.00 16.13 ?  25  GLU A OE1   1 
ATOM   185  O OE2   . GLU A 1 25  ? -7.006  -12.401 -6.915  1.00 16.91 ?  25  GLU A OE2   1 
ATOM   186  N N     . LEU A 1 26  ? -1.916  -12.289 -5.640  1.00 13.24 ?  26  LEU A N     1 
ATOM   187  C CA    . LEU A 1 26  ? -1.210  -11.948 -6.853  1.00 13.19 ?  26  LEU A CA    1 
ATOM   188  C C     . LEU A 1 26  ? -0.361  -13.113 -7.331  1.00 14.55 ?  26  LEU A C     1 
ATOM   189  O O     . LEU A 1 26  ? -0.269  -13.373 -8.542  1.00 13.85 ?  26  LEU A O     1 
ATOM   190  C CB    . LEU A 1 26  ? -0.326  -10.718 -6.649  1.00 13.00 ?  26  LEU A CB    1 
ATOM   191  C CG    . LEU A 1 26  ? -1.006  -9.408  -6.264  1.00 16.77 ?  26  LEU A CG    1 
ATOM   192  C CD1   . LEU A 1 26  ? 0.072   -8.318  -6.104  1.00 19.33 ?  26  LEU A CD1   1 
ATOM   193  C CD2   . LEU A 1 26  ? -2.062  -8.991  -7.214  1.00 19.31 ?  26  LEU A CD2   1 
ATOM   194  N N     . ALA A 1 27  ? 0.312   -13.791 -6.403  1.00 13.83 ?  27  ALA A N     1 
ATOM   195  C CA    . ALA A 1 27  ? 1.152   -14.919 -6.780  1.00 15.14 ?  27  ALA A CA    1 
ATOM   196  C C     . ALA A 1 27  ? 0.327   -16.033 -7.389  1.00 15.04 ?  27  ALA A C     1 
ATOM   197  O O     . ALA A 1 27  ? 0.721   -16.626 -8.401  1.00 16.08 ?  27  ALA A O     1 
ATOM   198  C CB    . ALA A 1 27  ? 1.947   -15.418 -5.576  1.00 15.75 ?  27  ALA A CB    1 
ATOM   199  N N     . ASP A 1 28  ? -0.835  -16.311 -6.827  1.00 15.37 ?  28  ASP A N     1 
ATOM   200  C CA    . ASP A 1 28  ? -1.683  -17.358 -7.392  1.00 16.41 ?  28  ASP A CA    1 
ATOM   201  C C     . ASP A 1 28  ? -2.099  -17.027 -8.819  1.00 16.93 ?  28  ASP A C     1 
ATOM   202  O O     . ASP A 1 28  ? -2.367  -17.932 -9.615  1.00 19.14 ?  28  ASP A O     1 
ATOM   203  C CB    . ASP A 1 28  ? -2.940  -17.523 -6.533  1.00 18.55 ?  28  ASP A CB    1 
ATOM   204  C CG    . ASP A 1 28  ? -2.689  -18.287 -5.242  1.00 22.98 ?  28  ASP A CG    1 
ATOM   205  O OD1   . ASP A 1 28  ? -1.584  -18.840 -5.064  1.00 25.40 ?  28  ASP A OD1   1 
ATOM   206  O OD2   . ASP A 1 28  ? -3.612  -18.319 -4.408  1.00 33.11 ?  28  ASP A OD2   1 
ATOM   207  N N     . ALA A 1 29  ? -2.188  -15.745 -9.159  1.00 15.19 ?  29  ALA A N     1 
ATOM   208  C CA    . ALA A 1 29  ? -2.592  -15.306 -10.486 1.00 15.47 ?  29  ALA A CA    1 
ATOM   209  C C     . ALA A 1 29  ? -1.438  -15.259 -11.479 1.00 15.66 ?  29  ALA A C     1 
ATOM   210  O O     . ALA A 1 29  ? -1.678  -14.990 -12.660 1.00 19.35 ?  29  ALA A O     1 
ATOM   211  C CB    . ALA A 1 29  ? -3.250  -13.926 -10.381 1.00 17.73 ?  29  ALA A CB    1 
ATOM   212  N N     . GLY A 1 30  ? -0.207  -15.501 -11.046 1.00 14.59 ?  30  GLY A N     1 
ATOM   213  C CA    . GLY A 1 30  ? 0.941   -15.508 -11.929 1.00 16.52 ?  30  GLY A CA    1 
ATOM   214  C C     . GLY A 1 30  ? 1.930   -14.371 -11.776 1.00 16.76 ?  30  GLY A C     1 
ATOM   215  O O     . GLY A 1 30  ? 2.885   -14.310 -12.553 1.00 18.51 ?  30  GLY A O     1 
ATOM   216  N N     . TYR A 1 31  ? 1.735   -13.461 -10.823 1.00 16.63 ?  31  TYR A N     1 
ATOM   217  C CA    . TYR A 1 31  ? 2.753   -12.459 -10.535 1.00 15.66 ?  31  TYR A CA    1 
ATOM   218  C C     . TYR A 1 31  ? 3.899   -13.047 -9.722  1.00 16.22 ?  31  TYR A C     1 
ATOM   219  O O     . TYR A 1 31  ? 3.711   -13.934 -8.891  1.00 18.12 ?  31  TYR A O     1 
ATOM   220  C CB    . TYR A 1 31  ? 2.163   -11.259 -9.770  1.00 14.89 ?  31  TYR A CB    1 
ATOM   221  C CG    . TYR A 1 31  ? 1.405   -10.321 -10.662 1.00 13.53 ?  31  TYR A CG    1 
ATOM   222  C CD1   . TYR A 1 31  ? 0.101   -10.566 -11.011 1.00 14.59 ?  31  TYR A CD1   1 
ATOM   223  C CD2   . TYR A 1 31  ? 2.037   -9.207  -11.200 1.00 16.62 ?  31  TYR A CD2   1 
ATOM   224  C CE1   . TYR A 1 31  ? -0.580  -9.702  -11.836 1.00 14.63 ?  31  TYR A CE1   1 
ATOM   225  C CE2   . TYR A 1 31  ? 1.376   -8.348  -12.034 1.00 17.10 ?  31  TYR A CE2   1 
ATOM   226  C CZ    . TYR A 1 31  ? 0.064   -8.592  -12.362 1.00 16.72 ?  31  TYR A CZ    1 
ATOM   227  O OH    . TYR A 1 31  ? -0.577  -7.719  -13.230 1.00 19.11 ?  31  TYR A OH    1 
ATOM   228  N N     . GLU A 1 32  ? 5.095   -12.533 -9.971  1.00 17.15 ?  32  GLU A N     1 
ATOM   229  C CA    . GLU A 1 32  ? 6.248   -12.764 -9.103  1.00 17.54 ?  32  GLU A CA    1 
ATOM   230  C C     . GLU A 1 32  ? 6.258   -11.633 -8.085  1.00 16.53 ?  32  GLU A C     1 
ATOM   231  O O     . GLU A 1 32  ? 6.488   -10.479 -8.453  1.00 16.47 ?  32  GLU A O     1 
ATOM   232  C CB    . GLU A 1 32  ? 7.544   -12.704 -9.915  1.00 20.56 ?  32  GLU A CB    1 
ATOM   233  C CG    . GLU A 1 32  ? 7.603   -13.545 -11.176 1.00 41.31 ?  32  GLU A CG    1 
ATOM   234  C CD    . GLU A 1 32  ? 8.985   -13.482 -11.841 1.00 68.02 ?  32  GLU A CD    1 
ATOM   235  O OE1   . GLU A 1 32  ? 9.127   -14.007 -12.970 1.00 72.88 ?  32  GLU A OE1   1 
ATOM   236  O OE2   . GLU A 1 32  ? 9.928   -12.909 -11.236 1.00 50.55 ?  32  GLU A OE2   1 
ATOM   237  N N     . VAL A 1 33  ? 6.006   -11.944 -6.826  1.00 14.80 ?  33  VAL A N     1 
ATOM   238  C CA    . VAL A 1 33  ? 5.768   -10.919 -5.817  1.00 15.88 ?  33  VAL A CA    1 
ATOM   239  C C     . VAL A 1 33  ? 6.962   -10.789 -4.885  1.00 15.10 ?  33  VAL A C     1 
ATOM   240  O O     . VAL A 1 33  ? 7.392   -11.771 -4.256  1.00 18.12 ?  33  VAL A O     1 
ATOM   241  C CB    . VAL A 1 33  ? 4.507   -11.241 -5.005  1.00 14.78 ?  33  VAL A CB    1 
ATOM   242  C CG1   . VAL A 1 33  ? 4.214   -10.138 -4.015  1.00 16.85 ?  33  VAL A CG1   1 
ATOM   243  C CG2   . VAL A 1 33  ? 3.314   -11.476 -5.923  1.00 19.36 ?  33  VAL A CG2   1 
ATOM   244  N N     . ASP A 1 34  ? 7.433   -9.564  -4.719  1.00 13.05 ?  34  ASP A N     1 
ATOM   245  C CA    . ASP A 1 34  ? 8.476   -9.248  -3.753  1.00 14.33 ?  34  ASP A CA    1 
ATOM   246  C C     . ASP A 1 34  ? 7.810   -8.401  -2.673  1.00 14.45 ?  34  ASP A C     1 
ATOM   247  O O     . ASP A 1 34  ? 7.423   -7.258  -2.928  1.00 15.62 ?  34  ASP A O     1 
ATOM   248  C CB    . ASP A 1 34  ? 9.526   -8.441  -4.510  1.00 15.50 ?  34  ASP A CB    1 
ATOM   249  C CG    . ASP A 1 34  ? 10.828  -8.268  -3.767  1.00 17.51 ?  34  ASP A CG    1 
ATOM   250  O OD1   . ASP A 1 34  ? 10.812  -8.201  -2.521  1.00 19.05 ?  34  ASP A OD1   1 
ATOM   251  O OD2   . ASP A 1 34  ? 11.882  -8.149  -4.456  1.00 19.17 ?  34  ASP A OD2   1 
ATOM   252  N N     . SER A 1 35  ? 7.681   -8.940  -1.474  1.00 14.46 ?  35  SER A N     1 
ATOM   253  C CA    . SER A 1 35  ? 7.035   -8.225  -0.379  1.00 13.04 ?  35  SER A CA    1 
ATOM   254  C C     . SER A 1 35  ? 8.101   -7.782  0.623   1.00 16.09 ?  35  SER A C     1 
ATOM   255  O O     . SER A 1 35  ? 8.891   -8.609  1.093   1.00 18.71 ?  35  SER A O     1 
ATOM   256  C CB    . SER A 1 35  ? 6.065   -9.145  0.367   1.00 18.10 ?  35  SER A CB    1 
ATOM   257  O OG    . SER A 1 35  ? 4.975   -9.524  -0.419  1.00 23.74 ?  35  SER A OG    1 
ATOM   258  N N     . ARG A 1 36  ? 8.101   -6.495  0.991   1.00 13.07 ?  36  ARG A N     1 
ATOM   259  C CA    . ARG A 1 36  ? 9.121   -5.956  1.877   1.00 13.87 ?  36  ARG A CA    1 
ATOM   260  C C     . ARG A 1 36  ? 8.496   -5.087  2.957   1.00 12.86 ?  36  ARG A C     1 
ATOM   261  O O     . ARG A 1 36  ? 7.674   -4.216  2.652   1.00 14.20 ?  36  ARG A O     1 
ATOM   262  C CB    . ARG A 1 36  ? 10.111  -5.100  1.090   1.00 13.35 ?  36  ARG A CB    1 
ATOM   263  C CG    . ARG A 1 36  ? 10.742  -5.855  -0.073  1.00 13.44 ?  36  ARG A CG    1 
ATOM   264  C CD    . ARG A 1 36  ? 11.819  -5.054  -0.716  1.00 14.70 ?  36  ARG A CD    1 
ATOM   265  N NE    . ARG A 1 36  ? 12.179  -5.711  -1.966  1.00 16.39 ?  36  ARG A NE    1 
ATOM   266  C CZ    . ARG A 1 36  ? 12.989  -5.166  -2.867  1.00 18.87 ?  36  ARG A CZ    1 
ATOM   267  N NH1   . ARG A 1 36  ? 13.557  -3.998  -2.632  1.00 18.49 ?  36  ARG A NH1   1 
ATOM   268  N NH2   . ARG A 1 36  ? 13.223  -5.808  -4.002  1.00 19.47 ?  36  ARG A NH2   1 
ATOM   269  N N     . ASP A 1 37  ? 8.959   -5.262  4.195   1.00 12.50 ?  37  ASP A N     1 
ATOM   270  C CA    . ASP A 1 37  ? 8.618   -4.337  5.258   1.00 12.73 ?  37  ASP A CA    1 
ATOM   271  C C     . ASP A 1 37  ? 9.321   -3.009  4.975   1.00 13.43 ?  37  ASP A C     1 
ATOM   272  O O     . ASP A 1 37  ? 10.522  -2.979  4.684   1.00 12.82 ?  37  ASP A O     1 
ATOM   273  C CB    . ASP A 1 37  ? 9.120   -4.958  6.574   1.00 13.21 ?  37  ASP A CB    1 
ATOM   274  C CG    . ASP A 1 37  ? 8.671   -4.215  7.819   1.00 16.28 ?  37  ASP A CG    1 
ATOM   275  O OD1   . ASP A 1 37  ? 8.652   -2.954  7.807   1.00 13.68 ?  37  ASP A OD1   1 
ATOM   276  O OD2   . ASP A 1 37  ? 8.315   -4.927  8.813   1.00 17.25 ?  37  ASP A OD2   1 
ATOM   277  N N     . ALA A 1 38  ? 8.573   -1.900  5.036   1.00 11.50 ?  38  ALA A N     1 
ATOM   278  C CA    . ALA A 1 38  ? 9.160   -0.577  4.827   1.00 12.54 ?  38  ALA A CA    1 
ATOM   279  C C     . ALA A 1 38  ? 10.372  -0.311  5.702   1.00 12.12 ?  38  ALA A C     1 
ATOM   280  O O     . ALA A 1 38  ? 11.234  0.476   5.317   1.00 13.69 ?  38  ALA A O     1 
ATOM   281  C CB    . ALA A 1 38  ? 8.105   0.506   5.044   1.00 13.67 ?  38  ALA A CB    1 
ATOM   282  N N     . ALA A 1 39  ? 10.448  -0.924  6.884   1.00 13.80 ?  39  ALA A N     1 
ATOM   283  C CA    . ALA A 1 39  ? 11.611  -0.685  7.727   1.00 13.07 ?  39  ALA A CA    1 
ATOM   284  C C     . ALA A 1 39  ? 12.895  -1.126  7.052   1.00 14.17 ?  39  ALA A C     1 
ATOM   285  O O     . ALA A 1 39  ? 13.972  -0.644  7.427   1.00 18.17 ?  39  ALA A O     1 
ATOM   286  C CB    . ALA A 1 39  ? 11.477  -1.423  9.057   1.00 15.68 ?  39  ALA A CB    1 
ATOM   287  N N     . SER A 1 40  ? 12.807  -2.030  6.086   1.00 14.18 ?  40  SER A N     1 
ATOM   288  C CA    . SER A 1 40  ? 13.974  -2.655  5.459   1.00 16.34 ?  40  SER A CA    1 
ATOM   289  C C     . SER A 1 40  ? 14.392  -2.003  4.146   1.00 16.23 ?  40  SER A C     1 
ATOM   290  O O     . SER A 1 40  ? 15.384  -2.432  3.546   1.00 18.91 ?  40  SER A O     1 
ATOM   291  C CB    . SER A 1 40  ? 13.707  -4.151  5.212   1.00 17.21 ?  40  SER A CB    1 
ATOM   292  O OG    . SER A 1 40  ? 12.797  -4.357  4.132   1.00 18.08 ?  40  SER A OG    1 
ATOM   293  N N     . VAL A 1 41  ? 13.675  -1.000  3.667   1.00 14.19 ?  41  VAL A N     1 
ATOM   294  C CA    . VAL A 1 41  ? 13.882  -0.526  2.306   1.00 14.30 ?  41  VAL A CA    1 
ATOM   295  C C     . VAL A 1 41  ? 14.513  0.854   2.298   1.00 15.29 ?  41  VAL A C     1 
ATOM   296  O O     . VAL A 1 41  ? 14.422  1.629   3.248   1.00 18.33 ?  41  VAL A O     1 
ATOM   297  C CB    . VAL A 1 41  ? 12.594  -0.538  1.456   1.00 15.01 ?  41  VAL A CB    1 
ATOM   298  C CG1   . VAL A 1 41  ? 11.896  -1.899  1.507   1.00 16.06 ?  41  VAL A CG1   1 
ATOM   299  C CG2   . VAL A 1 41  ? 11.652  0.613   1.866   1.00 16.39 ?  41  VAL A CG2   1 
ATOM   300  N N     . GLU A 1 42  ? 15.153  1.171   1.183   1.00 16.50 ?  42  GLU A N     1 
ATOM   301  C CA    . GLU A 1 42  ? 15.567  2.535   0.913   1.00 19.54 ?  42  GLU A CA    1 
ATOM   302  C C     . GLU A 1 42  ? 14.788  3.069   -0.285  1.00 14.31 ?  42  GLU A C     1 
ATOM   303  O O     . GLU A 1 42  ? 14.430  2.324   -1.206  1.00 14.69 ?  42  GLU A O     1 
ATOM   304  C CB    . GLU A 1 42  ? 17.082  2.638   0.708   1.00 28.23 ?  42  GLU A CB    1 
ATOM   305  C CG    . GLU A 1 42  ? 17.526  2.433   -0.699  1.00 39.23 ?  42  GLU A CG    1 
ATOM   306  C CD    . GLU A 1 42  ? 18.716  3.291   -1.035  1.00 54.63 ?  42  GLU A CD    1 
ATOM   307  O OE1   . GLU A 1 42  ? 18.613  4.533   -0.883  1.00 55.74 ?  42  GLU A OE1   1 
ATOM   308  O OE2   . GLU A 1 42  ? 19.749  2.730   -1.466  1.00 49.33 ?  42  GLU A OE2   1 
ATOM   309  N N     . ALA A 1 43  ? 14.494  4.365   -0.241  1.00 14.41 ?  43  ALA A N     1 
ATOM   310  C CA    . ALA A 1 43  ? 13.578  4.945   -1.209  1.00 14.66 ?  43  ALA A CA    1 
ATOM   311  C C     . ALA A 1 43  ? 14.181  5.026   -2.607  1.00 14.10 ?  43  ALA A C     1 
ATOM   312  O O     . ALA A 1 43  ? 13.457  4.889   -3.591  1.00 12.83 ?  43  ALA A O     1 
ATOM   313  C CB    . ALA A 1 43  ? 13.180  6.355   -0.777  1.00 16.85 ?  43  ALA A CB    1 
ATOM   314  N N     . GLY A 1 44  ? 15.475  5.326   -2.732  1.00 14.01 ?  44  GLY A N     1 
ATOM   315  C CA    . GLY A 1 44  ? 16.040  5.643   -4.039  1.00 13.93 ?  44  GLY A CA    1 
ATOM   316  C C     . GLY A 1 44  ? 15.946  4.507   -5.026  1.00 12.74 ?  44  GLY A C     1 
ATOM   317  O O     . GLY A 1 44  ? 16.589  3.466   -4.834  1.00 15.71 ?  44  GLY A O     1 
ATOM   318  N N     . GLY A 1 45  ? 15.159  4.692   -6.089  1.00 12.80 ?  45  GLY A N     1 
ATOM   319  C CA    . GLY A 1 45  ? 14.949  3.649   -7.060  1.00 12.20 ?  45  GLY A CA    1 
ATOM   320  C C     . GLY A 1 45  ? 14.196  2.433   -6.584  1.00 12.99 ?  45  GLY A C     1 
ATOM   321  O O     . GLY A 1 45  ? 14.255  1.393   -7.238  1.00 13.67 ?  45  GLY A O     1 
ATOM   322  N N     . LEU A 1 46  ? 13.439  2.544   -5.494  1.00 12.27 ?  46  LEU A N     1 
ATOM   323  C CA    . LEU A 1 46  ? 12.793  1.371   -4.910  1.00 12.38 ?  46  LEU A CA    1 
ATOM   324  C C     . LEU A 1 46  ? 11.862  0.660   -5.895  1.00 12.39 ?  46  LEU A C     1 
ATOM   325  O O     . LEU A 1 46  ? 11.713  -0.575  -5.820  1.00 13.00 ?  46  LEU A O     1 
ATOM   326  C CB    . LEU A 1 46  ? 12.007  1.806   -3.677  1.00 13.18 ?  46  LEU A CB    1 
ATOM   327  C CG    . LEU A 1 46  ? 11.321  0.676   -2.889  1.00 14.21 ?  46  LEU A CG    1 
ATOM   328  C CD1   . LEU A 1 46  ? 12.314  -0.389  -2.483  1.00 15.56 ?  46  LEU A CD1   1 
ATOM   329  C CD2   . LEU A 1 46  ? 10.673  1.294   -1.688  1.00 15.97 ?  46  LEU A CD2   1 
ATOM   330  N N     . PHE A 1 47  ? 11.185  1.401   -6.780  1.00 11.74 ?  47  PHE A N     1 
ATOM   331  C CA    . PHE A 1 47  ? 10.224  0.784   -7.692  1.00 11.33 ?  47  PHE A CA    1 
ATOM   332  C C     . PHE A 1 47  ? 10.847  0.258   -8.976  1.00 12.58 ?  47  PHE A C     1 
ATOM   333  O O     . PHE A 1 47  ? 10.131  -0.341  -9.795  1.00 11.90 ?  47  PHE A O     1 
ATOM   334  C CB    . PHE A 1 47  ? 9.077   1.736   -8.021  1.00 12.82 ?  47  PHE A CB    1 
ATOM   335  C CG    . PHE A 1 47  ? 8.360   2.265   -6.815  1.00 11.94 ?  47  PHE A CG    1 
ATOM   336  C CD1   . PHE A 1 47  ? 8.523   1.682   -5.553  1.00 13.77 ?  47  PHE A CD1   1 
ATOM   337  C CD2   . PHE A 1 47  ? 7.520   3.374   -6.939  1.00 13.61 ?  47  PHE A CD2   1 
ATOM   338  C CE1   . PHE A 1 47  ? 7.880   2.203   -4.440  1.00 13.63 ?  47  PHE A CE1   1 
ATOM   339  C CE2   . PHE A 1 47  ? 6.855   3.888   -5.813  1.00 14.32 ?  47  PHE A CE2   1 
ATOM   340  C CZ    . PHE A 1 47  ? 7.047   3.308   -4.587  1.00 13.25 ?  47  PHE A CZ    1 
ATOM   341  N N     . GLU A 1 48  ? 12.159  0.434   -9.164  1.00 13.02 ?  48  GLU A N     1 
ATOM   342  C CA    . GLU A 1 48  ? 12.785  0.042   -10.420 1.00 11.72 ?  48  GLU A CA    1 
ATOM   343  C C     . GLU A 1 48  ? 12.556  -1.434  -10.710 1.00 14.05 ?  48  GLU A C     1 
ATOM   344  O O     . GLU A 1 48  ? 12.736  -2.285  -9.833  1.00 14.42 ?  48  GLU A O     1 
ATOM   345  C CB    . GLU A 1 48  ? 14.288  0.316   -10.351 1.00 12.90 ?  48  GLU A CB    1 
ATOM   346  C CG    . GLU A 1 48  ? 14.690  1.747   -10.646 1.00 15.47 ?  48  GLU A CG    1 
ATOM   347  C CD    . GLU A 1 48  ? 14.449  2.114   -12.090 1.00 16.65 ?  48  GLU A CD    1 
ATOM   348  O OE1   . GLU A 1 48  ? 13.933  3.211   -12.339 1.00 19.43 ?  48  GLU A OE1   1 
ATOM   349  O OE2   . GLU A 1 48  ? 14.737  1.305   -12.994 1.00 17.10 ?  48  GLU A OE2   1 
ATOM   350  N N     . GLY A 1 49  ? 12.137  -1.732  -11.949 1.00 12.99 ?  49  GLY A N     1 
ATOM   351  C CA    . GLY A 1 49  ? 11.941  -3.074  -12.434 1.00 15.82 ?  49  GLY A CA    1 
ATOM   352  C C     . GLY A 1 49  ? 10.619  -3.714  -12.072 1.00 16.80 ?  49  GLY A C     1 
ATOM   353  O O     . GLY A 1 49  ? 10.410  -4.890  -12.419 1.00 19.95 ?  49  GLY A O     1 
ATOM   354  N N     . PHE A 1 50  ? 9.707   -2.995  -11.418 1.00 13.45 ?  50  PHE A N     1 
ATOM   355  C CA    . PHE A 1 50  ? 8.433   -3.574  -11.013 1.00 12.62 ?  50  PHE A CA    1 
ATOM   356  C C     . PHE A 1 50  ? 7.307   -3.074  -11.901 1.00 13.24 ?  50  PHE A C     1 
ATOM   357  O O     . PHE A 1 50  ? 7.153   -1.869  -12.144 1.00 15.61 ?  50  PHE A O     1 
ATOM   358  C CB    . PHE A 1 50  ? 8.141   -3.321  -9.524  1.00 13.74 ?  50  PHE A CB    1 
ATOM   359  C CG    . PHE A 1 50  ? 9.027   -4.098  -8.610  1.00 13.50 ?  50  PHE A CG    1 
ATOM   360  C CD1   . PHE A 1 50  ? 8.781   -5.451  -8.406  1.00 13.66 ?  50  PHE A CD1   1 
ATOM   361  C CD2   . PHE A 1 50  ? 10.095  -3.486  -7.941  1.00 13.20 ?  50  PHE A CD2   1 
ATOM   362  C CE1   . PHE A 1 50  ? 9.576   -6.185  -7.605  1.00 14.42 ?  50  PHE A CE1   1 
ATOM   363  C CE2   . PHE A 1 50  ? 10.896  -4.252  -7.112  1.00 14.82 ?  50  PHE A CE2   1 
ATOM   364  C CZ    . PHE A 1 50  ? 10.624  -5.606  -6.938  1.00 15.68 ?  50  PHE A CZ    1 
ATOM   365  N N     . ASP A 1 51  ? 6.524   -4.012  -12.404 1.00 12.87 ?  51  ASP A N     1 
ATOM   366  C CA    . ASP A 1 51  ? 5.377   -3.669  -13.228 1.00 14.27 ?  51  ASP A CA    1 
ATOM   367  C C     . ASP A 1 51  ? 4.224   -3.122  -12.415 1.00 13.34 ?  51  ASP A C     1 
ATOM   368  O O     . ASP A 1 51  ? 3.390   -2.385  -12.952 1.00 14.52 ?  51  ASP A O     1 
ATOM   369  C CB    . ASP A 1 51  ? 4.950   -4.925  -13.971 1.00 16.75 ?  51  ASP A CB    1 
ATOM   370  C CG    . ASP A 1 51  ? 6.068   -5.462  -14.837 1.00 20.51 ?  51  ASP A CG    1 
ATOM   371  O OD1   . ASP A 1 51  ? 6.376   -4.782  -15.839 1.00 26.25 ?  51  ASP A OD1   1 
ATOM   372  O OD2   . ASP A 1 51  ? 6.672   -6.499  -14.492 1.00 17.44 ?  51  ASP A OD2   1 
ATOM   373  N N     . LEU A 1 52  ? 4.128   -3.507  -11.142 1.00 12.25 ?  52  LEU A N     1 
ATOM   374  C CA    . LEU A 1 52  ? 3.030   -3.074  -10.283 1.00 13.14 ?  52  LEU A CA    1 
ATOM   375  C C     . LEU A 1 52  ? 3.611   -2.894  -8.898  1.00 12.37 ?  52  LEU A C     1 
ATOM   376  O O     . LEU A 1 52  ? 4.401   -3.730  -8.440  1.00 12.00 ?  52  LEU A O     1 
ATOM   377  C CB    . LEU A 1 52  ? 1.939   -4.162  -10.256 1.00 13.83 ?  52  LEU A CB    1 
ATOM   378  C CG    . LEU A 1 52  ? 0.770   -3.956  -9.285  1.00 12.12 ?  52  LEU A CG    1 
ATOM   379  C CD1   . LEU A 1 52  ? -0.057  -2.749  -9.653  1.00 15.12 ?  52  LEU A CD1   1 
ATOM   380  C CD2   . LEU A 1 52  ? -0.087  -5.222  -9.245  1.00 16.92 ?  52  LEU A CD2   1 
ATOM   381  N N     . VAL A 1 53  ? 3.223   -1.799  -8.240  1.00 11.90 ?  53  VAL A N     1 
ATOM   382  C CA    . VAL A 1 53  ? 3.692   -1.515  -6.892  1.00 11.66 ?  53  VAL A CA    1 
ATOM   383  C C     . VAL A 1 53  ? 2.483   -1.299  -6.007  1.00 12.67 ?  53  VAL A C     1 
ATOM   384  O O     . VAL A 1 53  ? 1.611   -0.495  -6.349  1.00 12.27 ?  53  VAL A O     1 
ATOM   385  C CB    . VAL A 1 53  ? 4.579   -0.265  -6.889  1.00 11.01 ?  53  VAL A CB    1 
ATOM   386  C CG1   . VAL A 1 53  ? 4.993   0.107   -5.428  1.00 13.32 ?  53  VAL A CG1   1 
ATOM   387  C CG2   . VAL A 1 53  ? 5.789   -0.494  -7.753  1.00 12.76 ?  53  VAL A CG2   1 
ATOM   388  N N     . LEU A 1 54  ? 2.445   -1.978  -4.865  1.00 10.30 ?  54  LEU A N     1 
ATOM   389  C CA    . LEU A 1 54  ? 1.383   -1.801  -3.875  1.00 10.92 ?  54  LEU A CA    1 
ATOM   390  C C     . LEU A 1 54  ? 1.986   -1.326  -2.568  1.00 9.72  ?  54  LEU A C     1 
ATOM   391  O O     . LEU A 1 54  ? 2.942   -1.928  -2.064  1.00 11.65 ?  54  LEU A O     1 
ATOM   392  C CB    . LEU A 1 54  ? 0.589   -3.089  -3.676  1.00 12.21 ?  54  LEU A CB    1 
ATOM   393  C CG    . LEU A 1 54  ? 0.048   -3.677  -4.973  1.00 13.24 ?  54  LEU A CG    1 
ATOM   394  C CD1   . LEU A 1 54  ? -0.689  -4.964  -4.647  1.00 17.01 ?  54  LEU A CD1   1 
ATOM   395  C CD2   . LEU A 1 54  ? -0.868  -2.721  -5.684  1.00 20.25 ?  54  LEU A CD2   1 
ATOM   396  N N     . LEU A 1 55  ? 1.464   -0.210  -2.078  1.00 10.62 ?  55  LEU A N     1 
ATOM   397  C CA    . LEU A 1 55  ? 1.995   0.443   -0.891  1.00 9.34  ?  55  LEU A CA    1 
ATOM   398  C C     . LEU A 1 55  ? 0.976   0.339   0.233   1.00 11.33 ?  55  LEU A C     1 
ATOM   399  O O     . LEU A 1 55  ? -0.156  0.804   0.067   1.00 11.45 ?  55  LEU A O     1 
ATOM   400  C CB    . LEU A 1 55  ? 2.283   1.918   -1.169  1.00 10.58 ?  55  LEU A CB    1 
ATOM   401  C CG    . LEU A 1 55  ? 3.324   2.146   -2.288  1.00 11.80 ?  55  LEU A CG    1 
ATOM   402  C CD1   . LEU A 1 55  ? 3.546   3.615   -2.515  1.00 13.33 ?  55  LEU A CD1   1 
ATOM   403  C CD2   . LEU A 1 55  ? 4.606   1.422   -2.020  1.00 12.69 ?  55  LEU A CD2   1 
ATOM   404  N N     . GLY A 1 56  ? 1.377   -0.227  1.373   1.00 10.22 ?  56  GLY A N     1 
ATOM   405  C CA    . GLY A 1 56  ? 0.480   -0.376  2.518   1.00 10.07 ?  56  GLY A CA    1 
ATOM   406  C C     . GLY A 1 56  ? 0.991   0.415   3.707   1.00 9.80  ?  56  GLY A C     1 
ATOM   407  O O     . GLY A 1 56  ? 2.197   0.403   4.000   1.00 11.22 ?  56  GLY A O     1 
ATOM   408  N N     . CYS A 1 57  ? 0.074   1.081   4.421   1.00 9.91  ?  57  CYS A N     1 
ATOM   409  C CA    . CYS A 1 57  ? 0.532   1.910   5.531   1.00 10.97 ?  57  CYS A CA    1 
ATOM   410  C C     . CYS A 1 57  ? -0.621  2.149   6.494   1.00 10.70 ?  57  CYS A C     1 
ATOM   411  O O     . CYS A 1 57  ? -1.696  2.561   6.060   1.00 11.39 ?  57  CYS A O     1 
ATOM   412  C CB    . CYS A 1 57  ? 1.035   3.251   4.991   1.00 10.99 ?  57  CYS A CB    1 
ATOM   413  S SG    . CYS A 1 57  ? 1.841   4.278   6.219   1.00 11.76 ?  57  CYS A SG    1 
ATOM   414  N N     . SER A 1 58  ? -0.404  1.904   7.796   1.00 10.14 ?  58  SER A N     1 
ATOM   415  C CA    . SER A 1 58  ? -1.398  2.235   8.801   1.00 10.49 ?  58  SER A CA    1 
ATOM   416  C C     . SER A 1 58  ? -1.308  3.721   9.153   1.00 10.85 ?  58  SER A C     1 
ATOM   417  O O     . SER A 1 58  ? -0.324  4.410   8.842   1.00 10.65 ?  58  SER A O     1 
ATOM   418  C CB    . SER A 1 58  ? -1.248  1.343   10.016  1.00 11.52 ?  58  SER A CB    1 
ATOM   419  O OG    . SER A 1 58  ? 0.090   1.308   10.469  1.00 11.42 ?  58  SER A OG    1 
ATOM   420  N N     . THR A 1 59  ? -2.354  4.203   9.835   1.00 10.28 ?  59  THR A N     1 
ATOM   421  C CA    . THR A 1 59  ? -2.508  5.612   10.156  1.00 10.12 ?  59  THR A CA    1 
ATOM   422  C C     . THR A 1 59  ? -2.412  5.822   11.658  1.00 11.41 ?  59  THR A C     1 
ATOM   423  O O     . THR A 1 59  ? -2.965  5.046   12.444  1.00 10.76 ?  59  THR A O     1 
ATOM   424  C CB    . THR A 1 59  ? -3.873  6.131   9.658   1.00 11.49 ?  59  THR A CB    1 
ATOM   425  O OG1   . THR A 1 59  ? -3.985  5.899   8.260   1.00 11.65 ?  59  THR A OG1   1 
ATOM   426  C CG2   . THR A 1 59  ? -4.002  7.620   9.877   1.00 12.27 ?  59  THR A CG2   1 
ATOM   427  N N     . TRP A 1 60  ? -1.725  6.902   12.042  1.00 11.24 ?  60  TRP A N     1 
ATOM   428  C CA    . TRP A 1 60  ? -1.406  7.211   13.435  1.00 11.99 ?  60  TRP A CA    1 
ATOM   429  C C     . TRP A 1 60  ? -1.590  8.708   13.655  1.00 12.77 ?  60  TRP A C     1 
ATOM   430  O O     . TRP A 1 60  ? -2.139  9.419   12.801  1.00 12.62 ?  60  TRP A O     1 
ATOM   431  C CB    . TRP A 1 60  ? 0.023   6.737   13.758  1.00 13.50 ?  60  TRP A CB    1 
ATOM   432  C CG    . TRP A 1 60  ? 0.149   5.273   13.531  1.00 12.38 ?  60  TRP A CG    1 
ATOM   433  C CD1   . TRP A 1 60  ? 0.566   4.657   12.377  1.00 11.99 ?  60  TRP A CD1   1 
ATOM   434  C CD2   . TRP A 1 60  ? -0.233  4.241   14.413  1.00 11.67 ?  60  TRP A CD2   1 
ATOM   435  N NE1   . TRP A 1 60  ? 0.470   3.306   12.509  1.00 12.06 ?  60  TRP A NE1   1 
ATOM   436  C CE2   . TRP A 1 60  ? -0.025  3.020   13.743  1.00 11.47 ?  60  TRP A CE2   1 
ATOM   437  C CE3   . TRP A 1 60  ? -0.758  4.218   15.702  1.00 13.55 ?  60  TRP A CE3   1 
ATOM   438  C CZ2   . TRP A 1 60  ? -0.294  1.804   14.321  1.00 13.12 ?  60  TRP A CZ2   1 
ATOM   439  C CZ3   . TRP A 1 60  ? -1.036  2.993   16.271  1.00 12.56 ?  60  TRP A CZ3   1 
ATOM   440  C CH2   . TRP A 1 60  ? -0.818  1.797   15.569  1.00 13.34 ?  60  TRP A CH2   1 
ATOM   441  N N     . GLY A 1 61  ? -1.115  9.193   14.797  1.00 12.84 ?  61  GLY A N     1 
ATOM   442  C CA    . GLY A 1 61  ? -1.102  10.615  15.112  1.00 14.20 ?  61  GLY A CA    1 
ATOM   443  C C     . GLY A 1 61  ? -2.021  10.939  16.282  1.00 13.99 ?  61  GLY A C     1 
ATOM   444  O O     . GLY A 1 61  ? -3.197  10.576  16.285  1.00 14.55 ?  61  GLY A O     1 
ATOM   445  N N     . ASP A 1 62  ? -1.479  11.634  17.288  1.00 14.91 ?  62  ASP A N     1 
ATOM   446  C CA    . ASP A 1 62  ? -2.247  11.996  18.470  1.00 16.30 ?  62  ASP A CA    1 
ATOM   447  C C     . ASP A 1 62  ? -3.408  12.917  18.117  1.00 15.51 ?  62  ASP A C     1 
ATOM   448  O O     . ASP A 1 62  ? -4.532  12.714  18.591  1.00 17.30 ?  62  ASP A O     1 
ATOM   449  C CB    . ASP A 1 62  ? -1.289  12.663  19.464  1.00 18.86 ?  62  ASP A CB    1 
ATOM   450  C CG    . ASP A 1 62  ? -1.981  13.182  20.719  1.00 32.64 ?  62  ASP A CG    1 
ATOM   451  O OD1   . ASP A 1 62  ? -2.494  12.347  21.493  1.00 26.00 ?  62  ASP A OD1   1 
ATOM   452  O OD2   . ASP A 1 62  ? -1.982  14.423  20.941  1.00 33.14 ?  62  ASP A OD2   1 
ATOM   453  N N     . ASP A 1 63  ? -3.157  13.941  17.310  1.00 15.27 ?  63  ASP A N     1 
ATOM   454  C CA    . ASP A 1 63  ? -4.187  14.893  16.898  1.00 17.49 ?  63  ASP A CA    1 
ATOM   455  C C     . ASP A 1 63  ? -3.920  15.405  15.486  1.00 16.37 ?  63  ASP A C     1 
ATOM   456  O O     . ASP A 1 63  ? -4.300  16.532  15.144  1.00 18.11 ?  63  ASP A O     1 
ATOM   457  C CB    . ASP A 1 63  ? -4.390  16.052  17.913  1.00 19.13 ?  63  ASP A CB    1 
ATOM   458  C CG    . ASP A 1 63  ? -3.346  17.129  17.803  1.00 22.65 ?  63  ASP A CG    1 
ATOM   459  O OD1   . ASP A 1 63  ? -2.245  16.859  17.275  1.00 24.01 ?  63  ASP A OD1   1 
ATOM   460  O OD2   . ASP A 1 63  ? -3.630  18.266  18.261  1.00 22.92 ?  63  ASP A OD2   1 
ATOM   461  N N     . SER A 1 64  ? -3.275  14.584  14.658  1.00 14.96 ?  64  SER A N     1 
ATOM   462  C CA    . SER A 1 64  ? -3.006  14.896  13.268  1.00 13.82 ?  64  SER A CA    1 
ATOM   463  C C     . SER A 1 64  ? -2.903  13.575  12.526  1.00 13.63 ?  64  SER A C     1 
ATOM   464  O O     . SER A 1 64  ? -2.834  12.523  13.151  1.00 13.65 ?  64  SER A O     1 
ATOM   465  C CB    . SER A 1 64  ? -1.698  15.688  13.124  1.00 15.93 ?  64  SER A CB    1 
ATOM   466  O OG    . SER A 1 64  ? -0.576  14.920  13.540  1.00 18.38 ?  64  SER A OG    1 
ATOM   467  N N     . ILE A 1 65  ? -2.885  13.617  11.191  1.00 13.95 ?  65  ILE A N     1 
ATOM   468  C CA    . ILE A 1 65  ? -2.717  12.399  10.399  1.00 12.44 ?  65  ILE A CA    1 
ATOM   469  C C     . ILE A 1 65  ? -1.222  12.148  10.238  1.00 13.03 ?  65  ILE A C     1 
ATOM   470  O O     . ILE A 1 65  ? -0.525  12.935  9.586   1.00 14.59 ?  65  ILE A O     1 
ATOM   471  C CB    . ILE A 1 65  ? -3.379  12.529  9.029   1.00 12.98 ?  65  ILE A CB    1 
ATOM   472  C CG1   . ILE A 1 65  ? -4.877  12.785  9.207   1.00 14.49 ?  65  ILE A CG1   1 
ATOM   473  C CG2   . ILE A 1 65  ? -3.108  11.263  8.189   1.00 15.20 ?  65  ILE A CG2   1 
ATOM   474  C CD1   . ILE A 1 65  ? -5.534  13.153  7.871   1.00 16.99 ?  65  ILE A CD1   1 
ATOM   475  N N     . GLU A 1 66  ? -0.724  11.061  10.827  1.00 12.83 ?  66  GLU A N     1 
ATOM   476  C CA    . GLU A 1 66  ? 0.668   10.682  10.671  1.00 13.54 ?  66  GLU A CA    1 
ATOM   477  C C     . GLU A 1 66  ? 0.757   9.289   10.075  1.00 14.55 ?  66  GLU A C     1 
ATOM   478  O O     . GLU A 1 66  ? -0.075  8.416   10.330  1.00 15.28 ?  66  GLU A O     1 
ATOM   479  C CB    . GLU A 1 66  ? 1.419   10.734  12.010  1.00 15.05 ?  66  GLU A CB    1 
ATOM   480  C CG    . GLU A 1 66  ? 1.461   12.145  12.589  1.00 16.97 ?  66  GLU A CG    1 
ATOM   481  C CD    . GLU A 1 66  ? 2.347   12.261  13.789  1.00 40.80 ?  66  GLU A CD    1 
ATOM   482  O OE1   . GLU A 1 66  ? 2.561   11.250  14.476  1.00 37.57 ?  66  GLU A OE1   1 
ATOM   483  O OE2   . GLU A 1 66  ? 2.823   13.387  14.051  1.00 50.17 ?  66  GLU A OE2   1 
ATOM   484  N N     . LEU A 1 67  ? 1.762   9.093   9.236   1.00 12.55 ?  67  LEU A N     1 
ATOM   485  C CA    . LEU A 1 67  ? 2.015   7.782   8.657   1.00 12.06 ?  67  LEU A CA    1 
ATOM   486  C C     . LEU A 1 67  ? 2.755   6.899   9.654   1.00 11.48 ?  67  LEU A C     1 
ATOM   487  O O     . LEU A 1 67  ? 3.478   7.390   10.523  1.00 12.04 ?  67  LEU A O     1 
ATOM   488  C CB    . LEU A 1 67  ? 2.889   7.955   7.417   1.00 12.57 ?  67  LEU A CB    1 
ATOM   489  C CG    . LEU A 1 67  ? 2.157   8.215   6.104   1.00 17.55 ?  67  LEU A CG    1 
ATOM   490  C CD1   . LEU A 1 67  ? 1.107   9.292   6.150   1.00 20.21 ?  67  LEU A CD1   1 
ATOM   491  C CD2   . LEU A 1 67  ? 3.184   8.501   5.002   1.00 18.36 ?  67  LEU A CD2   1 
ATOM   492  N N     . GLN A 1 68  ? 2.609   5.583   9.485   1.00 11.46 ?  68  GLN A N     1 
ATOM   493  C CA    . GLN A 1 68  ? 3.377   4.628   10.259  1.00 12.52 ?  68  GLN A CA    1 
ATOM   494  C C     . GLN A 1 68  ? 4.864   4.943   10.120  1.00 11.61 ?  68  GLN A C     1 
ATOM   495  O O     . GLN A 1 68  ? 5.342   5.277   9.041   1.00 11.87 ?  68  GLN A O     1 
ATOM   496  C CB    . GLN A 1 68  ? 3.037   3.226   9.740   1.00 11.43 ?  68  GLN A CB    1 
ATOM   497  C CG    . GLN A 1 68  ? 3.441   2.093   10.633  1.00 12.40 ?  68  GLN A CG    1 
ATOM   498  C CD    . GLN A 1 68  ? 4.881   1.676   10.436  1.00 11.88 ?  68  GLN A CD    1 
ATOM   499  O OE1   . GLN A 1 68  ? 5.482   2.001   9.430   1.00 11.84 ?  68  GLN A OE1   1 
ATOM   500  N NE2   . GLN A 1 68  ? 5.446   0.961   11.422  1.00 13.06 ?  68  GLN A NE2   1 
ATOM   501  N N     . ASP A 1 69  ? 5.595   4.865   11.239  1.00 12.29 ?  69  ASP A N     1 
ATOM   502  C CA    . ASP A 1 69  ? 6.953   5.404   11.312  1.00 12.40 ?  69  ASP A CA    1 
ATOM   503  C C     . ASP A 1 69  ? 7.889   4.831   10.277  1.00 14.13 ?  69  ASP A C     1 
ATOM   504  O O     . ASP A 1 69  ? 8.770   5.538   9.786   1.00 15.41 ?  69  ASP A O     1 
ATOM   505  C CB    . ASP A 1 69  ? 7.580   5.127   12.687  1.00 15.52 ?  69  ASP A CB    1 
ATOM   506  C CG    . ASP A 1 69  ? 7.198   6.138   13.720  1.00 15.52 ?  69  ASP A CG    1 
ATOM   507  O OD1   . ASP A 1 69  ? 6.780   7.248   13.355  1.00 16.11 ?  69  ASP A OD1   1 
ATOM   508  O OD2   . ASP A 1 69  ? 7.319   5.809   14.920  1.00 15.75 ?  69  ASP A OD2   1 
ATOM   509  N N     . ASP A 1 70  ? 7.783   3.539   9.981   1.00 14.18 ?  70  ASP A N     1 
ATOM   510  C CA    . ASP A 1 70  ? 8.727   2.942   9.041   1.00 15.70 ?  70  ASP A CA    1 
ATOM   511  C C     . ASP A 1 70  ? 8.460   3.410   7.625   1.00 15.07 ?  70  ASP A C     1 
ATOM   512  O O     . ASP A 1 70  ? 9.357   3.349   6.775   1.00 16.57 ?  70  ASP A O     1 
ATOM   513  C CB    . ASP A 1 70  ? 8.636   1.417   9.097   1.00 16.63 ?  70  ASP A CB    1 
ATOM   514  C CG    . ASP A 1 70  ? 8.967   0.865   10.462  1.00 17.46 ?  70  ASP A CG    1 
ATOM   515  O OD1   . ASP A 1 70  ? 9.976   1.303   11.087  1.00 21.46 ?  70  ASP A OD1   1 
ATOM   516  O OD2   . ASP A 1 70  ? 8.268   -0.017  10.951  1.00 18.23 ?  70  ASP A OD2   1 
ATOM   517  N N     . PHE A 1 71  ? 7.248   3.896   7.362   1.00 14.86 ?  71  PHE A N     1 
ATOM   518  C CA    . PHE A 1 71  ? 6.894   4.373   6.043   1.00 14.02 ?  71  PHE A CA    1 
ATOM   519  C C     . PHE A 1 71  ? 7.286   5.826   5.825   1.00 15.46 ?  71  PHE A C     1 
ATOM   520  O O     . PHE A 1 71  ? 7.455   6.224   4.670   1.00 14.63 ?  71  PHE A O     1 
ATOM   521  C CB    . PHE A 1 71  ? 5.374   4.177   5.809   1.00 13.74 ?  71  PHE A CB    1 
ATOM   522  C CG    . PHE A 1 71  ? 4.995   4.007   4.367   1.00 12.28 ?  71  PHE A CG    1 
ATOM   523  C CD1   . PHE A 1 71  ? 4.876   5.110   3.552   1.00 15.89 ?  71  PHE A CD1   1 
ATOM   524  C CD2   . PHE A 1 71  ? 4.793   2.750   3.837   1.00 12.56 ?  71  PHE A CD2   1 
ATOM   525  C CE1   . PHE A 1 71  ? 4.554   4.994   2.225   1.00 17.40 ?  71  PHE A CE1   1 
ATOM   526  C CE2   . PHE A 1 71  ? 4.457   2.613   2.465   1.00 15.36 ?  71  PHE A CE2   1 
ATOM   527  C CZ    . PHE A 1 71  ? 4.351   3.753   1.679   1.00 15.84 ?  71  PHE A CZ    1 
ATOM   528  N N     . ILE A 1 72  ? 7.438   6.613   6.890   1.00 14.25 ?  72  ILE A N     1 
ATOM   529  C CA    . ILE A 1 72  ? 7.691   8.044   6.728   1.00 15.01 ?  72  ILE A CA    1 
ATOM   530  C C     . ILE A 1 72  ? 8.892   8.342   5.839   1.00 15.36 ?  72  ILE A C     1 
ATOM   531  O O     . ILE A 1 72  ? 8.777   9.202   4.958   1.00 15.80 ?  72  ILE A O     1 
ATOM   532  C CB    . ILE A 1 72  ? 7.758   8.744   8.099   1.00 14.84 ?  72  ILE A CB    1 
ATOM   533  C CG1   . ILE A 1 72  ? 6.380   8.792   8.753   1.00 13.90 ?  72  ILE A CG1   1 
ATOM   534  C CG2   . ILE A 1 72  ? 8.317   10.159  7.963   1.00 15.72 ?  72  ILE A CG2   1 
ATOM   535  C CD1   . ILE A 1 72  ? 6.402   9.223   10.205  1.00 16.09 ?  72  ILE A CD1   1 
ATOM   536  N N     . PRO A 1 73  ? 10.052  7.684   6.006   1.00 16.25 ?  73  PRO A N     1 
ATOM   537  C CA    . PRO A 1 73  ? 11.188  8.010   5.123   1.00 16.04 ?  73  PRO A CA    1 
ATOM   538  C C     . PRO A 1 73  ? 10.891  7.725   3.668   1.00 16.34 ?  73  PRO A C     1 
ATOM   539  O O     . PRO A 1 73  ? 11.358  8.457   2.792   1.00 16.65 ?  73  PRO A O     1 
ATOM   540  C CB    . PRO A 1 73  ? 12.319  7.112   5.640   1.00 18.74 ?  73  PRO A CB    1 
ATOM   541  C CG    . PRO A 1 73  ? 11.916  6.704   7.023   1.00 26.28 ?  73  PRO A CG    1 
ATOM   542  C CD    . PRO A 1 73  ? 10.414  6.711   7.056   1.00 18.98 ?  73  PRO A CD    1 
ATOM   543  N N     . LEU A 1 74  ? 10.153  6.649   3.376   1.00 15.83 ?  74  LEU A N     1 
ATOM   544  C CA    . LEU A 1 74  ? 9.755   6.357   2.004   1.00 16.75 ?  74  LEU A CA    1 
ATOM   545  C C     . LEU A 1 74  ? 8.869   7.471   1.462   1.00 15.01 ?  74  LEU A C     1 
ATOM   546  O O     . LEU A 1 74  ? 9.091   7.973   0.353   1.00 15.37 ?  74  LEU A O     1 
ATOM   547  C CB    . LEU A 1 74  ? 9.061   4.985   1.965   1.00 15.63 ?  74  LEU A CB    1 
ATOM   548  C CG    . LEU A 1 74  ? 8.593   4.503   0.606   1.00 15.44 ?  74  LEU A CG    1 
ATOM   549  C CD1   . LEU A 1 74  ? 9.746   4.507   -0.401  1.00 19.10 ?  74  LEU A CD1   1 
ATOM   550  C CD2   . LEU A 1 74  ? 8.008   3.104   0.720   1.00 18.22 ?  74  LEU A CD2   1 
ATOM   551  N N     . PHE A 1 75  ? 7.872   7.894   2.248   1.00 14.62 ?  75  PHE A N     1 
ATOM   552  C CA    . PHE A 1 75  ? 7.001   8.983   1.821   1.00 13.38 ?  75  PHE A CA    1 
ATOM   553  C C     . PHE A 1 75  ? 7.792   10.273  1.594   1.00 15.82 ?  75  PHE A C     1 
ATOM   554  O O     . PHE A 1 75  ? 7.586   10.982  0.600   1.00 15.60 ?  75  PHE A O     1 
ATOM   555  C CB    . PHE A 1 75  ? 5.894   9.182   2.874   1.00 12.89 ?  75  PHE A CB    1 
ATOM   556  C CG    . PHE A 1 75  ? 4.979   10.313  2.565   1.00 12.84 ?  75  PHE A CG    1 
ATOM   557  C CD1   . PHE A 1 75  ? 3.857   10.113  1.756   1.00 14.18 ?  75  PHE A CD1   1 
ATOM   558  C CD2   . PHE A 1 75  ? 5.220   11.588  3.066   1.00 15.07 ?  75  PHE A CD2   1 
ATOM   559  C CE1   . PHE A 1 75  ? 2.992   11.161  1.462   1.00 16.35 ?  75  PHE A CE1   1 
ATOM   560  C CE2   . PHE A 1 75  ? 4.359   12.654  2.759   1.00 18.75 ?  75  PHE A CE2   1 
ATOM   561  C CZ    . PHE A 1 75  ? 3.252   12.440  1.961   1.00 18.99 ?  75  PHE A CZ    1 
ATOM   562  N N     . ASP A 1 76  ? 8.714   10.578  2.504   1.00 15.50 ?  76  ASP A N     1 
ATOM   563  C CA    . ASP A 1 76  ? 9.467   11.825  2.400   1.00 15.28 ?  76  ASP A CA    1 
ATOM   564  C C     . ASP A 1 76  ? 10.356  11.856  1.164   1.00 16.42 ?  76  ASP A C     1 
ATOM   565  O O     . ASP A 1 76  ? 10.697  12.936  0.678   1.00 19.79 ?  76  ASP A O     1 
ATOM   566  C CB    . ASP A 1 76  ? 10.340  12.012  3.636   1.00 17.16 ?  76  ASP A CB    1 
ATOM   567  C CG    . ASP A 1 76  ? 9.547   12.485  4.849   1.00 18.92 ?  76  ASP A CG    1 
ATOM   568  O OD1   . ASP A 1 76  ? 8.373   12.890  4.681   1.00 19.69 ?  76  ASP A OD1   1 
ATOM   569  O OD2   . ASP A 1 76  ? 10.109  12.466  5.968   1.00 20.27 ?  76  ASP A OD2   1 
ATOM   570  N N     . SER A 1 77  ? 10.765  10.694  0.653   1.00 15.80 ?  77  SER A N     1 
ATOM   571  C CA    . SER A 1 77  ? 11.604  10.605  -0.542  1.00 15.06 ?  77  SER A CA    1 
ATOM   572  C C     . SER A 1 77  ? 10.871  9.929   -1.702  1.00 15.49 ?  77  SER A C     1 
ATOM   573  O O     . SER A 1 77  ? 11.495  9.356   -2.601  1.00 13.90 ?  77  SER A O     1 
ATOM   574  C CB    . SER A 1 77  ? 12.927  9.908   -0.208  1.00 17.05 ?  77  SER A CB    1 
ATOM   575  O OG    . SER A 1 77  ? 13.714  10.744  0.639   1.00 19.67 ?  77  SER A OG    1 
ATOM   576  N N     . LEU A 1 78  ? 9.539   10.000  -1.709  1.00 15.39 ?  78  LEU A N     1 
ATOM   577  C CA    . LEU A 1 78  ? 8.759   9.268   -2.696  1.00 15.19 ?  78  LEU A CA    1 
ATOM   578  C C     . LEU A 1 78  ? 9.103   9.717   -4.108  1.00 13.20 ?  78  LEU A C     1 
ATOM   579  O O     . LEU A 1 78  ? 8.950   8.946   -5.054  1.00 14.74 ?  78  LEU A O     1 
ATOM   580  C CB    . LEU A 1 78  ? 7.264   9.462   -2.394  1.00 14.49 ?  78  LEU A CB    1 
ATOM   581  C CG    . LEU A 1 78  ? 6.315   8.382   -2.902  1.00 19.14 ?  78  LEU A CG    1 
ATOM   582  C CD1   . LEU A 1 78  ? 6.680   6.993   -2.361  1.00 18.73 ?  78  LEU A CD1   1 
ATOM   583  C CD2   . LEU A 1 78  ? 4.851   8.765   -2.516  1.00 16.63 ?  78  LEU A CD2   1 
ATOM   584  N N     . GLU A 1 79  ? 9.570   10.956  -4.268  1.00 13.97 ?  79  GLU A N     1 
ATOM   585  C CA    . GLU A 1 79  ? 9.956   11.448  -5.587  1.00 15.10 ?  79  GLU A CA    1 
ATOM   586  C C     . GLU A 1 79  ? 11.196  10.760  -6.153  1.00 12.70 ?  79  GLU A C     1 
ATOM   587  O O     . GLU A 1 79  ? 11.503  10.970  -7.331  1.00 13.46 ?  79  GLU A O     1 
ATOM   588  C CB    . GLU A 1 79  ? 10.163  12.980  -5.552  1.00 17.45 ?  79  GLU A CB    1 
ATOM   589  C CG    . GLU A 1 79  ? 11.469  13.437  -4.926  1.00 18.63 ?  79  GLU A CG    1 
ATOM   590  C CD    . GLU A 1 79  ? 11.408  13.566  -3.415  1.00 32.55 ?  79  GLU A CD    1 
ATOM   591  O OE1   . GLU A 1 79  ? 12.387  14.086  -2.842  1.00 33.37 ?  79  GLU A OE1   1 
ATOM   592  O OE2   . GLU A 1 79  ? 10.395  13.158  -2.803  1.00 30.14 ?  79  GLU A OE2   1 
ATOM   593  N N     . GLU A 1 80  ? 11.909  9.971   -5.369  1.00 12.94 ?  80  GLU A N     1 
ATOM   594  C CA    . GLU A 1 80  ? 13.088  9.270   -5.855  1.00 14.59 ?  80  GLU A CA    1 
ATOM   595  C C     . GLU A 1 80  ? 12.830  7.801   -6.147  1.00 14.09 ?  80  GLU A C     1 
ATOM   596  O O     . GLU A 1 80  ? 13.769  7.082   -6.493  1.00 12.36 ?  80  GLU A O     1 
ATOM   597  C CB    . GLU A 1 80  ? 14.229  9.344   -4.849  1.00 17.34 ?  80  GLU A CB    1 
ATOM   598  C CG    . GLU A 1 80  ? 14.346  10.660  -4.100  1.00 25.12 ?  80  GLU A CG    1 
ATOM   599  C CD    . GLU A 1 80  ? 15.280  11.638  -4.764  1.00 48.11 ?  80  GLU A CD    1 
ATOM   600  O OE1   . GLU A 1 80  ? 15.117  11.879  -5.980  1.00 47.57 ?  80  GLU A OE1   1 
ATOM   601  O OE2   . GLU A 1 80  ? 16.181  12.158  -4.070  1.00 57.32 ?  80  GLU A OE2   1 
ATOM   602  N N     . THR A 1 81  ? 11.598  7.336   -6.020  1.00 11.71 ?  81  THR A N     1 
ATOM   603  C CA    . THR A 1 81  ? 11.307  5.908   -6.061  1.00 12.00 ?  81  THR A CA    1 
ATOM   604  C C     . THR A 1 81  ? 11.126  5.364   -7.476  1.00 14.06 ?  81  THR A C     1 
ATOM   605  O O     . THR A 1 81  ? 11.144  4.129   -7.652  1.00 13.75 ?  81  THR A O     1 
ATOM   606  C CB    . THR A 1 81  ? 10.046  5.578   -5.246  1.00 12.58 ?  81  THR A CB    1 
ATOM   607  O OG1   . THR A 1 81  ? 8.947   6.350   -5.760  1.00 13.50 ?  81  THR A OG1   1 
ATOM   608  C CG2   . THR A 1 81  ? 10.261  5.855   -3.761  1.00 14.78 ?  81  THR A CG2   1 
ATOM   609  N N     . GLY A 1 82  ? 10.951  6.219   -8.493  1.00 11.60 ?  82  GLY A N     1 
ATOM   610  C CA    . GLY A 1 82  ? 10.594  5.715   -9.798  1.00 14.26 ?  82  GLY A CA    1 
ATOM   611  C C     . GLY A 1 82  ? 9.101   5.581   -10.019 1.00 13.42 ?  82  GLY A C     1 
ATOM   612  O O     . GLY A 1 82  ? 8.667   4.692   -10.752 1.00 14.20 ?  82  GLY A O     1 
ATOM   613  N N     . ALA A 1 83  ? 8.313   6.487   -9.440  1.00 13.51 ?  83  ALA A N     1 
ATOM   614  C CA    . ALA A 1 83  ? 6.855   6.366   -9.485  1.00 13.83 ?  83  ALA A CA    1 
ATOM   615  C C     . ALA A 1 83  ? 6.252   6.957   -10.752 1.00 13.52 ?  83  ALA A C     1 
ATOM   616  O O     . ALA A 1 83  ? 5.089   6.662   -11.067 1.00 14.53 ?  83  ALA A O     1 
ATOM   617  C CB    . ALA A 1 83  ? 6.213   7.046   -8.272  1.00 14.30 ?  83  ALA A CB    1 
ATOM   618  N N     . GLN A 1 84  ? 7.010   7.754   -11.513 1.00 16.19 ?  84  GLN A N     1 
ATOM   619  C CA    . GLN A 1 84  ? 6.422   8.368   -12.687 1.00 14.90 ?  84  GLN A CA    1 
ATOM   620  C C     . GLN A 1 84  ? 6.044   7.304   -13.713 1.00 18.09 ?  84  GLN A C     1 
ATOM   621  O O     . GLN A 1 84  ? 6.875   6.483   -14.137 1.00 19.09 ?  84  GLN A O     1 
ATOM   622  C CB    . GLN A 1 84  ? 7.402   9.370   -13.287 1.00 24.73 ?  84  GLN A CB    1 
ATOM   623  C CG    . GLN A 1 84  ? 8.366   8.789   -14.267 1.00 33.99 ?  84  GLN A CG    1 
ATOM   624  C CD    . GLN A 1 84  ? 8.968   9.873   -15.122 1.00 61.20 ?  84  GLN A CD    1 
ATOM   625  O OE1   . GLN A 1 84  ? 9.346   10.932  -14.616 1.00 59.20 ?  84  GLN A OE1   1 
ATOM   626  N NE2   . GLN A 1 84  ? 9.038   9.633   -16.431 1.00 46.82 ?  84  GLN A NE2   1 
ATOM   627  N N     . GLY A 1 85  ? 4.778   7.317   -14.121 1.00 13.96 ?  85  GLY A N     1 
ATOM   628  C CA    . GLY A 1 85  ? 4.292   6.326   -15.045 1.00 16.45 ?  85  GLY A CA    1 
ATOM   629  C C     . GLY A 1 85  ? 4.122   4.940   -14.458 1.00 17.51 ?  85  GLY A C     1 
ATOM   630  O O     . GLY A 1 85  ? 3.728   4.023   -15.186 1.00 19.07 ?  85  GLY A O     1 
ATOM   631  N N     . ARG A 1 86  ? 4.357   4.761   -13.152 1.00 14.55 ?  86  ARG A N     1 
ATOM   632  C CA    . ARG A 1 86  ? 4.291   3.452   -12.510 1.00 15.40 ?  86  ARG A CA    1 
ATOM   633  C C     . ARG A 1 86  ? 2.837   3.155   -12.128 1.00 13.02 ?  86  ARG A C     1 
ATOM   634  O O     . ARG A 1 86  ? 2.125   4.032   -11.636 1.00 13.89 ?  86  ARG A O     1 
ATOM   635  C CB    . ARG A 1 86  ? 5.171   3.481   -11.252 1.00 13.49 ?  86  ARG A CB    1 
ATOM   636  C CG    . ARG A 1 86  ? 5.411   2.126   -10.609 1.00 14.03 ?  86  ARG A CG    1 
ATOM   637  C CD    . ARG A 1 86  ? 6.485   1.306   -11.300 1.00 13.91 ?  86  ARG A CD    1 
ATOM   638  N NE    . ARG A 1 86  ? 7.754   2.033   -11.411 1.00 12.87 ?  86  ARG A NE    1 
ATOM   639  C CZ    . ARG A 1 86  ? 8.811   1.594   -12.091 1.00 13.30 ?  86  ARG A CZ    1 
ATOM   640  N NH1   . ARG A 1 86  ? 8.806   0.400   -12.687 1.00 13.09 ?  86  ARG A NH1   1 
ATOM   641  N NH2   . ARG A 1 86  ? 9.895   2.365   -12.181 1.00 13.31 ?  86  ARG A NH2   1 
ATOM   642  N N     . LYS A 1 87  ? 2.401   1.916   -12.361 1.00 12.84 ?  87  LYS A N     1 
ATOM   643  C CA    . LYS A 1 87  ? 1.101   1.463   -11.876 1.00 13.38 ?  87  LYS A CA    1 
ATOM   644  C C     . LYS A 1 87  ? 1.205   1.123   -10.390 1.00 12.85 ?  87  LYS A C     1 
ATOM   645  O O     . LYS A 1 87  ? 2.001   0.257   -9.996  1.00 13.15 ?  87  LYS A O     1 
ATOM   646  C CB    . LYS A 1 87  ? 0.647   0.271   -12.697 1.00 14.48 ?  87  LYS A CB    1 
ATOM   647  C CG    . LYS A 1 87  ? 0.299   0.698   -14.140 1.00 18.01 ?  87  LYS A CG    1 
ATOM   648  C CD    . LYS A 1 87  ? -0.261  -0.445  -14.940 1.00 18.51 ?  87  LYS A CD    1 
ATOM   649  C CE    . LYS A 1 87  ? -0.438  -0.096  -16.410 1.00 24.62 ?  87  LYS A CE    1 
ATOM   650  N NZ    . LYS A 1 87  ? -1.551  0.841   -16.576 1.00 29.32 ?  87  LYS A NZ    1 
ATOM   651  N N     A VAL A 1 88  ? 0.437   1.851   -9.565  0.67 12.64 ?  88  VAL A N     1 
ATOM   652  N N     B VAL A 1 88  ? 0.421   1.812   -9.567  0.33 12.74 ?  88  VAL A N     1 
ATOM   653  C CA    A VAL A 1 88  ? 0.501   1.772   -8.104  0.67 11.60 ?  88  VAL A CA    1 
ATOM   654  C CA    B VAL A 1 88  ? 0.506   1.662   -8.120  0.33 11.74 ?  88  VAL A CA    1 
ATOM   655  C C     A VAL A 1 88  ? -0.915  1.650   -7.562  0.67 13.73 ?  88  VAL A C     1 
ATOM   656  C C     B VAL A 1 88  ? -0.897  1.662   -7.547  0.33 13.71 ?  88  VAL A C     1 
ATOM   657  O O     A VAL A 1 88  ? -1.870  2.148   -8.164  0.67 14.64 ?  88  VAL A O     1 
ATOM   658  O O     B VAL A 1 88  ? -1.812  2.287   -8.091  0.33 14.08 ?  88  VAL A O     1 
ATOM   659  C CB    A VAL A 1 88  ? 1.219   3.002   -7.474  0.67 11.78 ?  88  VAL A CB    1 
ATOM   660  C CB    B VAL A 1 88  ? 1.317   2.805   -7.474  0.33 12.52 ?  88  VAL A CB    1 
ATOM   661  C CG1   A VAL A 1 88  ? 1.494   2.764   -5.988  0.67 11.83 ?  88  VAL A CG1   1 
ATOM   662  C CG1   B VAL A 1 88  ? 2.744   2.849   -8.028  0.33 12.82 ?  88  VAL A CG1   1 
ATOM   663  C CG2   A VAL A 1 88  ? 2.520   3.328   -8.223  0.67 11.29 ?  88  VAL A CG2   1 
ATOM   664  C CG2   B VAL A 1 88  ? 0.585   4.123   -7.685  0.33 12.32 ?  88  VAL A CG2   1 
ATOM   665  N N     . ALA A 1 89  ? -1.049  0.982   -6.414  1.00 11.66 ?  89  ALA A N     1 
ATOM   666  C CA    . ALA A 1 89  ? -2.285  1.060   -5.654  1.00 13.22 ?  89  ALA A CA    1 
ATOM   667  C C     . ALA A 1 89  ? -1.920  0.989   -4.176  1.00 12.27 ?  89  ALA A C     1 
ATOM   668  O O     . ALA A 1 89  ? -0.866  0.461   -3.817  1.00 13.39 ?  89  ALA A O     1 
ATOM   669  C CB    . ALA A 1 89  ? -3.301  -0.005  -6.064  1.00 14.71 ?  89  ALA A CB    1 
ATOM   670  N N     . CYS A 1 90  ? -2.787  1.537   -3.316  1.00 10.44 ?  90  CYS A N     1 
ATOM   671  C CA    . CYS A 1 90  ? -2.468  1.712   -1.913  1.00 11.36 ?  90  CYS A CA    1 
ATOM   672  C C     . CYS A 1 90  ? -3.479  1.010   -1.018  1.00 10.80 ?  90  CYS A C     1 
ATOM   673  O O     . CYS A 1 90  ? -4.652  0.845   -1.381  1.00 12.32 ?  90  CYS A O     1 
ATOM   674  C CB    . CYS A 1 90  ? -2.451  3.205   -1.556  1.00 11.48 ?  90  CYS A CB    1 
ATOM   675  S SG    . CYS A 1 90  ? -1.250  4.143   -2.446  1.00 14.22 ?  90  CYS A SG    1 
ATOM   676  N N     . PHE A 1 91  ? -3.013  0.590   0.155   1.00 10.64 ?  91  PHE A N     1 
ATOM   677  C CA    . PHE A 1 91  ? -3.900  -0.068  1.108   1.00 10.55 ?  91  PHE A CA    1 
ATOM   678  C C     . PHE A 1 91  ? -3.449  0.304   2.505   1.00 10.93 ?  91  PHE A C     1 
ATOM   679  O O     . PHE A 1 91  ? -2.325  0.766   2.718   1.00 11.24 ?  91  PHE A O     1 
ATOM   680  C CB    . PHE A 1 91  ? -3.910  -1.604  0.947   1.00 11.86 ?  91  PHE A CB    1 
ATOM   681  C CG    . PHE A 1 91  ? -2.576  -2.288  1.148   1.00 9.91  ?  91  PHE A CG    1 
ATOM   682  C CD1   . PHE A 1 91  ? -1.663  -2.337  0.106   1.00 10.63 ?  91  PHE A CD1   1 
ATOM   683  C CD2   . PHE A 1 91  ? -2.292  -2.978  2.340   1.00 10.22 ?  91  PHE A CD2   1 
ATOM   684  C CE1   . PHE A 1 91  ? -0.455  -2.999  0.246   1.00 11.66 ?  91  PHE A CE1   1 
ATOM   685  C CE2   . PHE A 1 91  ? -1.074  -3.640  2.488   1.00 10.99 ?  91  PHE A CE2   1 
ATOM   686  C CZ    . PHE A 1 91  ? -0.152  -3.656  1.448   1.00 10.76 ?  91  PHE A CZ    1 
ATOM   687  N N     . GLY A 1 92  ? -4.310  0.092   3.482   1.00 10.62 ?  92  GLY A N     1 
ATOM   688  C CA    . GLY A 1 92  ? -3.873  0.348   4.832   1.00 11.06 ?  92  GLY A CA    1 
ATOM   689  C C     . GLY A 1 92  ? -4.930  -0.058  5.829   1.00 10.17 ?  92  GLY A C     1 
ATOM   690  O O     . GLY A 1 92  ? -6.117  -0.181  5.508   1.00 12.29 ?  92  GLY A O     1 
ATOM   691  N N     . CYS A 1 93  ? -4.484  -0.258  7.053   1.00 10.86 ?  93  CYS A N     1 
ATOM   692  C CA    . CYS A 1 93  ? -5.369  -0.560  8.168   1.00 11.27 ?  93  CYS A CA    1 
ATOM   693  C C     . CYS A 1 93  ? -5.523  0.680   9.038   1.00 11.01 ?  93  CYS A C     1 
ATOM   694  O O     . CYS A 1 93  ? -4.634  1.534   9.135   1.00 11.36 ?  93  CYS A O     1 
ATOM   695  C CB    . CYS A 1 93  ? -4.879  -1.741  9.021   1.00 11.26 ?  93  CYS A CB    1 
ATOM   696  S SG    . CYS A 1 93  ? -4.903  -3.299  8.055   1.00 13.87 ?  93  CYS A SG    1 
ATOM   697  N N     . GLY A 1 94  ? -6.671  0.761   9.668   1.00 11.52 ?  94  GLY A N     1 
ATOM   698  C CA    . GLY A 1 94  ? -7.008  1.866   10.531  1.00 11.62 ?  94  GLY A CA    1 
ATOM   699  C C     . GLY A 1 94  ? -8.156  1.473   11.442  1.00 11.60 ?  94  GLY A C     1 
ATOM   700  O O     . GLY A 1 94  ? -8.428  0.299   11.671  1.00 13.86 ?  94  GLY A O     1 
ATOM   701  N N     . ASP A 1 95  ? -8.855  2.476   11.949  1.00 12.93 ?  95  ASP A N     1 
ATOM   702  C CA    . ASP A 1 95  ? -9.917  2.242   12.920  1.00 13.77 ?  95  ASP A CA    1 
ATOM   703  C C     . ASP A 1 95  ? -10.914 3.376   12.731  1.00 14.03 ?  95  ASP A C     1 
ATOM   704  O O     . ASP A 1 95  ? -10.564 4.552   12.892  1.00 13.01 ?  95  ASP A O     1 
ATOM   705  C CB    . ASP A 1 95  ? -9.307  2.238   14.326  1.00 15.31 ?  95  ASP A CB    1 
ATOM   706  C CG    . ASP A 1 95  ? -10.325 2.043   15.445  1.00 23.85 ?  95  ASP A CG    1 
ATOM   707  O OD1   . ASP A 1 95  ? -11.496 2.446   15.310  1.00 18.19 ?  95  ASP A OD1   1 
ATOM   708  O OD2   . ASP A 1 95  ? -9.922  1.498   16.494  1.00 31.62 ?  95  ASP A OD2   1 
ATOM   709  N N     . SER A 1 96  ? -12.160 3.021   12.408  1.00 15.07 ?  96  SER A N     1 
ATOM   710  C CA    . SER A 1 96  ? -13.169 4.027   12.090  1.00 16.17 ?  96  SER A CA    1 
ATOM   711  C C     . SER A 1 96  ? -13.632 4.820   13.294  1.00 16.46 ?  96  SER A C     1 
ATOM   712  O O     . SER A 1 96  ? -14.485 5.700   13.124  1.00 18.80 ?  96  SER A O     1 
ATOM   713  C CB    . SER A 1 96  ? -14.373 3.402   11.392  1.00 23.32 ?  96  SER A CB    1 
ATOM   714  O OG    . SER A 1 96  ? -14.939 2.429   12.225  1.00 21.81 ?  96  SER A OG    1 
ATOM   715  N N     A SER A 1 97  ? -13.114 4.554   14.490  0.46 15.38 ?  97  SER A N     1 
ATOM   716  N N     B SER A 1 97  ? -13.109 4.546   14.490  0.54 15.37 ?  97  SER A N     1 
ATOM   717  C CA    A SER A 1 97  ? -13.332 5.506   15.569  0.46 17.87 ?  97  SER A CA    1 
ATOM   718  C CA    B SER A 1 97  ? -13.259 5.490   15.592  0.54 17.80 ?  97  SER A CA    1 
ATOM   719  C C     A SER A 1 97  ? -12.615 6.832   15.306  0.46 15.48 ?  97  SER A C     1 
ATOM   720  C C     B SER A 1 97  ? -12.646 6.841   15.257  0.54 15.48 ?  97  SER A C     1 
ATOM   721  O O     A SER A 1 97  ? -12.952 7.841   15.943  0.46 17.13 ?  97  SER A O     1 
ATOM   722  O O     B SER A 1 97  ? -13.080 7.871   15.796  0.54 16.86 ?  97  SER A O     1 
ATOM   723  C CB    A SER A 1 97  ? -12.953 4.903   16.920  0.46 21.42 ?  97  SER A CB    1 
ATOM   724  C CB    B SER A 1 97  ? -12.582 4.942   16.841  0.54 18.75 ?  97  SER A CB    1 
ATOM   725  O OG    A SER A 1 97  ? -11.559 4.710   17.028  0.46 21.00 ?  97  SER A OG    1 
ATOM   726  O OG    B SER A 1 97  ? -13.257 3.792   17.289  0.54 21.49 ?  97  SER A OG    1 
ATOM   727  N N     . TRP A 1 98  ? -11.653 6.860   14.373  1.00 14.05 ?  98  TRP A N     1 
ATOM   728  C CA    . TRP A 1 98  ? -10.989 8.082   13.957  1.00 14.59 ?  98  TRP A CA    1 
ATOM   729  C C     . TRP A 1 98  ? -11.681 8.657   12.736  1.00 13.79 ?  98  TRP A C     1 
ATOM   730  O O     . TRP A 1 98  ? -12.003 7.948   11.773  1.00 13.97 ?  98  TRP A O     1 
ATOM   731  C CB    . TRP A 1 98  ? -9.522  7.801   13.622  1.00 14.20 ?  98  TRP A CB    1 
ATOM   732  C CG    . TRP A 1 98  ? -8.742  7.408   14.825  1.00 14.75 ?  98  TRP A CG    1 
ATOM   733  C CD1   . TRP A 1 98  ? -8.617  6.157   15.335  1.00 17.17 ?  98  TRP A CD1   1 
ATOM   734  C CD2   . TRP A 1 98  ? -8.006  8.268   15.684  1.00 17.20 ?  98  TRP A CD2   1 
ATOM   735  N NE1   . TRP A 1 98  ? -7.831  6.177   16.446  1.00 18.57 ?  98  TRP A NE1   1 
ATOM   736  C CE2   . TRP A 1 98  ? -7.448  7.464   16.697  1.00 16.24 ?  98  TRP A CE2   1 
ATOM   737  C CE3   . TRP A 1 98  ? -7.753  9.627   15.693  1.00 14.83 ?  98  TRP A CE3   1 
ATOM   738  C CZ2   . TRP A 1 98  ? -6.636  7.979   17.704  1.00 19.60 ?  98  TRP A CZ2   1 
ATOM   739  C CZ3   . TRP A 1 98  ? -6.941  10.149  16.714  1.00 18.59 ?  98  TRP A CZ3   1 
ATOM   740  C CH2   . TRP A 1 98  ? -6.397  9.315   17.690  1.00 19.28 ?  98  TRP A CH2   1 
ATOM   741  N N     . GLU A 1 99  ? -11.867 9.967   12.767  1.00 13.59 ?  99  GLU A N     1 
ATOM   742  C CA    . GLU A 1 99  ? -12.535 10.678  11.686  1.00 14.42 ?  99  GLU A CA    1 
ATOM   743  C C     . GLU A 1 99  ? -11.803 10.505  10.372  1.00 14.45 ?  99  GLU A C     1 
ATOM   744  O O     . GLU A 1 99  ? -12.427 10.255  9.340   1.00 15.43 ?  99  GLU A O     1 
ATOM   745  C CB    . GLU A 1 99  ? -12.613 12.170  12.034  1.00 18.26 ?  99  GLU A CB    1 
ATOM   746  C CG    . GLU A 1 99  ? -12.867 13.075  10.839  1.00 20.90 ?  99  GLU A CG    1 
ATOM   747  C CD    . GLU A 1 99  ? -14.248 12.870  10.228  1.00 32.97 ?  99  GLU A CD    1 
ATOM   748  O OE1   . GLU A 1 99  ? -14.438 13.275  9.062   1.00 43.90 ?  99  GLU A OE1   1 
ATOM   749  O OE2   . GLU A 1 99  ? -15.136 12.295  10.894  1.00 31.57 ?  99  GLU A OE2   1 
ATOM   750  N N     . TYR A 1 100 ? -10.483 10.640  10.386  1.00 13.38 ?  100 TYR A N     1 
ATOM   751  C CA    . TYR A 1 100 ? -9.696  10.474  9.164   1.00 14.07 ?  100 TYR A CA    1 
ATOM   752  C C     . TYR A 1 100 ? -9.324  8.999   9.035   1.00 13.22 ?  100 TYR A C     1 
ATOM   753  O O     . TYR A 1 100 ? -8.182  8.573   9.227   1.00 13.48 ?  100 TYR A O     1 
ATOM   754  C CB    . TYR A 1 100 ? -8.495  11.413  9.140   1.00 14.15 ?  100 TYR A CB    1 
ATOM   755  C CG    . TYR A 1 100 ? -8.892  12.884  9.215   1.00 16.05 ?  100 TYR A CG    1 
ATOM   756  C CD1   . TYR A 1 100 ? -8.695  13.605  10.379  1.00 17.25 ?  100 TYR A CD1   1 
ATOM   757  C CD2   . TYR A 1 100 ? -9.502  13.526  8.138   1.00 17.26 ?  100 TYR A CD2   1 
ATOM   758  C CE1   . TYR A 1 100 ? -9.040  14.956  10.464  1.00 16.71 ?  100 TYR A CE1   1 
ATOM   759  C CE2   . TYR A 1 100 ? -9.862  14.878  8.215   1.00 20.95 ?  100 TYR A CE2   1 
ATOM   760  C CZ    . TYR A 1 100 ? -9.626  15.574  9.387   1.00 18.03 ?  100 TYR A CZ    1 
ATOM   761  O OH    . TYR A 1 100 ? -9.973  16.907  9.480   1.00 20.06 ?  100 TYR A OH    1 
ATOM   762  N N     . PHE A 1 101 ? -10.336 8.220   8.663   1.00 13.15 ?  101 PHE A N     1 
ATOM   763  C CA    . PHE A 1 101 ? -10.203 6.770   8.616   1.00 13.44 ?  101 PHE A CA    1 
ATOM   764  C C     . PHE A 1 101 ? -9.219  6.372   7.517   1.00 11.86 ?  101 PHE A C     1 
ATOM   765  O O     . PHE A 1 101 ? -9.429  6.673   6.330   1.00 12.36 ?  101 PHE A O     1 
ATOM   766  C CB    . PHE A 1 101 ? -11.576 6.156   8.370   1.00 14.00 ?  101 PHE A CB    1 
ATOM   767  C CG    . PHE A 1 101 ? -11.558 4.674   8.157   1.00 12.07 ?  101 PHE A CG    1 
ATOM   768  C CD1   . PHE A 1 101 ? -11.030 3.815   9.099   1.00 14.28 ?  101 PHE A CD1   1 
ATOM   769  C CD2   . PHE A 1 101 ? -12.042 4.143   6.974   1.00 13.87 ?  101 PHE A CD2   1 
ATOM   770  C CE1   . PHE A 1 101 ? -11.006 2.442   8.855   1.00 14.42 ?  101 PHE A CE1   1 
ATOM   771  C CE2   . PHE A 1 101 ? -12.027 2.771   6.747   1.00 15.62 ?  101 PHE A CE2   1 
ATOM   772  C CZ    . PHE A 1 101 ? -11.505 1.930   7.685   1.00 14.20 ?  101 PHE A CZ    1 
ATOM   773  N N     . CYS A 1 102 ? -8.158  5.662   7.907   1.00 11.50 ?  102 CYS A N     1 
ATOM   774  C CA    . CYS A 1 102 ? -7.072  5.311   6.982   1.00 11.64 ?  102 CYS A CA    1 
ATOM   775  C C     . CYS A 1 102 ? -6.528  6.531   6.232   1.00 11.55 ?  102 CYS A C     1 
ATOM   776  O O     . CYS A 1 102 ? -6.160  6.438   5.061   1.00 11.95 ?  102 CYS A O     1 
ATOM   777  C CB    . CYS A 1 102 ? -7.464  4.189   6.008   1.00 12.99 ?  102 CYS A CB    1 
ATOM   778  S SG    . CYS A 1 102 ? -7.718  2.615   6.887   1.00 12.78 ?  102 CYS A SG    1 
ATOM   779  N N     . GLY A 1 103 ? -6.402  7.672   6.920   1.00 11.56 ?  103 GLY A N     1 
ATOM   780  C CA    . GLY A 1 103 ? -5.936  8.891   6.278   1.00 11.94 ?  103 GLY A CA    1 
ATOM   781  C C     . GLY A 1 103 ? -4.542  8.792   5.693   1.00 12.74 ?  103 GLY A C     1 
ATOM   782  O O     . GLY A 1 103 ? -4.202  9.579   4.799   1.00 12.23 ?  103 GLY A O     1 
ATOM   783  N N     . ALA A 1 104 ? -3.714  7.850   6.153   1.00 11.57 ?  104 ALA A N     1 
ATOM   784  C CA    . ALA A 1 104 ? -2.407  7.682   5.498   1.00 12.48 ?  104 ALA A CA    1 
ATOM   785  C C     . ALA A 1 104 ? -2.573  7.287   4.036   1.00 12.57 ?  104 ALA A C     1 
ATOM   786  O O     . ALA A 1 104 ? -1.747  7.663   3.194   1.00 12.44 ?  104 ALA A O     1 
ATOM   787  C CB    . ALA A 1 104 ? -1.590  6.610   6.236   1.00 12.31 ?  104 ALA A CB    1 
ATOM   788  N N     . VAL A 1 105 ? -3.612  6.507   3.720   1.00 11.28 ?  105 VAL A N     1 
ATOM   789  C CA    . VAL A 1 105 ? -3.832  6.087   2.349   1.00 12.35 ?  105 VAL A CA    1 
ATOM   790  C C     . VAL A 1 105 ? -4.067  7.307   1.474   1.00 14.10 ?  105 VAL A C     1 
ATOM   791  O O     . VAL A 1 105 ? -3.537  7.400   0.362   1.00 13.28 ?  105 VAL A O     1 
ATOM   792  C CB    . VAL A 1 105 ? -4.992  5.080   2.268   1.00 13.31 ?  105 VAL A CB    1 
ATOM   793  C CG1   . VAL A 1 105 ? -5.356  4.768   0.806   1.00 15.35 ?  105 VAL A CG1   1 
ATOM   794  C CG2   . VAL A 1 105 ? -4.669  3.789   3.035   1.00 16.27 ?  105 VAL A CG2   1 
ATOM   795  N N     . ASP A 1 106 ? -4.891  8.255   1.943   1.00 12.63 ?  106 ASP A N     1 
ATOM   796  C CA    . ASP A 1 106 ? -5.112  9.490   1.177   1.00 14.88 ?  106 ASP A CA    1 
ATOM   797  C C     . ASP A 1 106 ? -3.816  10.248  0.954   1.00 13.58 ?  106 ASP A C     1 
ATOM   798  O O     . ASP A 1 106 ? -3.560  10.749  -0.147  1.00 14.33 ?  106 ASP A O     1 
ATOM   799  C CB    . ASP A 1 106 ? -6.098  10.406  1.907   1.00 16.06 ?  106 ASP A CB    1 
ATOM   800  C CG    . ASP A 1 106 ? -7.429  9.764   2.105   1.00 17.59 ?  106 ASP A CG    1 
ATOM   801  O OD1   . ASP A 1 106 ? -8.140  9.601   1.099   1.00 21.89 ?  106 ASP A OD1   1 
ATOM   802  O OD2   . ASP A 1 106 ? -7.765  9.397   3.249   1.00 17.37 ?  106 ASP A OD2   1 
ATOM   803  N N     . ALA A 1 107 ? -3.006  10.387  1.997   1.00 12.64 ?  107 ALA A N     1 
ATOM   804  C CA    . ALA A 1 107 ? -1.775  11.168  1.874   1.00 13.88 ?  107 ALA A CA    1 
ATOM   805  C C     . ALA A 1 107 ? -0.845  10.553  0.832   1.00 13.09 ?  107 ALA A C     1 
ATOM   806  O O     . ALA A 1 107 ? -0.238  11.253  0.012   1.00 11.97 ?  107 ALA A O     1 
ATOM   807  C CB    . ALA A 1 107 ? -1.066  11.250  3.234   1.00 14.41 ?  107 ALA A CB    1 
ATOM   808  N N     . ILE A 1 108 ? -0.728  9.230   0.841   1.00 11.81 ?  108 ILE A N     1 
ATOM   809  C CA    . ILE A 1 108 ? 0.156   8.548   -0.095  1.00 11.13 ?  108 ILE A CA    1 
ATOM   810  C C     . ILE A 1 108 ? -0.390  8.629   -1.515  1.00 12.45 ?  108 ILE A C     1 
ATOM   811  O O     . ILE A 1 108 ? 0.343   8.931   -2.454  1.00 12.10 ?  108 ILE A O     1 
ATOM   812  C CB    . ILE A 1 108 ? 0.371   7.098   0.366   1.00 11.25 ?  108 ILE A CB    1 
ATOM   813  C CG1   . ILE A 1 108 ? 1.078   7.057   1.726   1.00 12.55 ?  108 ILE A CG1   1 
ATOM   814  C CG2   . ILE A 1 108 ? 1.155   6.320   -0.672  1.00 12.32 ?  108 ILE A CG2   1 
ATOM   815  C CD1   . ILE A 1 108 ? 0.933   5.715   2.461   1.00 15.15 ?  108 ILE A CD1   1 
ATOM   816  N N     . GLU A 1 109 ? -1.681  8.382   -1.689  1.00 12.22 ?  109 GLU A N     1 
ATOM   817  C CA    . GLU A 1 109 ? -2.274  8.507   -3.014  1.00 11.73 ?  109 GLU A CA    1 
ATOM   818  C C     . GLU A 1 109 ? -2.098  9.902   -3.594  1.00 12.88 ?  109 GLU A C     1 
ATOM   819  O O     . GLU A 1 109 ? -1.789  10.063  -4.790  1.00 13.28 ?  109 GLU A O     1 
ATOM   820  C CB    . GLU A 1 109 ? -3.751  8.185   -2.967  1.00 13.02 ?  109 GLU A CB    1 
ATOM   821  C CG    . GLU A 1 109 ? -4.063  6.730   -2.732  1.00 14.30 ?  109 GLU A CG    1 
ATOM   822  C CD    . GLU A 1 109 ? -5.526  6.423   -2.804  1.00 15.70 ?  109 GLU A CD    1 
ATOM   823  O OE1   . GLU A 1 109 ? -6.363  7.359   -2.735  1.00 22.53 ?  109 GLU A OE1   1 
ATOM   824  O OE2   . GLU A 1 109 ? -5.870  5.229   -2.915  1.00 17.40 ?  109 GLU A OE2   1 
ATOM   825  N N     . GLU A 1 110 ? -2.326  10.933  -2.790  1.00 12.79 ?  110 GLU A N     1 
ATOM   826  C CA    . GLU A 1 110 ? -2.284  12.277  -3.337  1.00 13.72 ?  110 GLU A CA    1 
ATOM   827  C C     . GLU A 1 110 ? -0.871  12.629  -3.779  1.00 15.09 ?  110 GLU A C     1 
ATOM   828  O O     . GLU A 1 110 ? -0.685  13.242  -4.839  1.00 15.33 ?  110 GLU A O     1 
ATOM   829  C CB    . GLU A 1 110 ? -2.890  13.275  -2.345  1.00 16.67 ?  110 GLU A CB    1 
ATOM   830  C CG    . GLU A 1 110 ? -4.405  13.055  -2.146  1.00 21.94 ?  110 GLU A CG    1 
ATOM   831  C CD    . GLU A 1 110 ? -5.212  13.110  -3.458  1.00 26.32 ?  110 GLU A CD    1 
ATOM   832  O OE1   . GLU A 1 110 ? -5.220  14.175  -4.110  1.00 22.86 ?  110 GLU A OE1   1 
ATOM   833  O OE2   . GLU A 1 110 ? -5.833  12.096  -3.842  1.00 23.81 ?  110 GLU A OE2   1 
ATOM   834  N N     . LYS A 1 111 ? 0.147   12.190  -3.033  1.00 13.46 ?  111 LYS A N     1 
ATOM   835  C CA    . LYS A 1 111 ? 1.520   12.448  -3.428  1.00 13.66 ?  111 LYS A CA    1 
ATOM   836  C C     . LYS A 1 111 ? 1.897   11.645  -4.668  1.00 13.85 ?  111 LYS A C     1 
ATOM   837  O O     . LYS A 1 111 ? 2.551   12.168  -5.589  1.00 14.13 ?  111 LYS A O     1 
ATOM   838  C CB    . LYS A 1 111 ? 2.473   12.184  -2.252  1.00 14.65 ?  111 LYS A CB    1 
ATOM   839  C CG    . LYS A 1 111 ? 3.896   12.681  -2.528  1.00 16.41 ?  111 LYS A CG    1 
ATOM   840  C CD    . LYS A 1 111 ? 4.755   12.748  -1.269  1.00 15.40 ?  111 LYS A CD    1 
ATOM   841  C CE    . LYS A 1 111 ? 6.130   13.359  -1.546  1.00 17.96 ?  111 LYS A CE    1 
ATOM   842  N NZ    . LYS A 1 111 ? 6.883   13.559  -0.272  1.00 20.28 ?  111 LYS A NZ    1 
ATOM   843  N N     . LEU A 1 112 ? 1.482   10.382  -4.722  1.00 12.64 ?  112 LEU A N     1 
ATOM   844  C CA    . LEU A 1 112 ? 1.769   9.556   -5.872  1.00 13.27 ?  112 LEU A CA    1 
ATOM   845  C C     . LEU A 1 112 ? 1.210   10.193  -7.130  1.00 13.91 ?  112 LEU A C     1 
ATOM   846  O O     . LEU A 1 112 ? 1.856   10.176  -8.186  1.00 13.98 ?  112 LEU A O     1 
ATOM   847  C CB    . LEU A 1 112 ? 1.165   8.170   -5.698  1.00 13.48 ?  112 LEU A CB    1 
ATOM   848  C CG    . LEU A 1 112 ? 1.889   7.206   -4.782  1.00 13.96 ?  112 LEU A CG    1 
ATOM   849  C CD1   . LEU A 1 112 ? 0.978   6.030   -4.472  1.00 13.42 ?  112 LEU A CD1   1 
ATOM   850  C CD2   . LEU A 1 112 ? 3.210   6.725   -5.389  1.00 14.89 ?  112 LEU A CD2   1 
ATOM   851  N N     . LYS A 1 113 ? -0.003  10.738  -7.059  1.00 12.93 ?  113 LYS A N     1 
ATOM   852  C CA    . LYS A 1 113 ? -0.564  11.402  -8.231  1.00 13.74 ?  113 LYS A CA    1 
ATOM   853  C C     . LYS A 1 113 ? 0.313   12.562  -8.684  1.00 13.59 ?  113 LYS A C     1 
ATOM   854  O O     . LYS A 1 113 ? 0.565   12.717  -9.882  1.00 14.26 ?  113 LYS A O     1 
ATOM   855  C CB    . LYS A 1 113 ? -2.003  11.848  -7.970  1.00 14.38 ?  113 LYS A CB    1 
ATOM   856  C CG    . LYS A 1 113 ? -3.009  10.714  -7.752  1.00 16.56 ?  113 LYS A CG    1 
ATOM   857  C CD    . LYS A 1 113 ? -4.369  11.317  -7.430  1.00 25.06 ?  113 LYS A CD    1 
ATOM   858  C CE    . LYS A 1 113 ? -5.221  10.432  -6.574  1.00 32.07 ?  113 LYS A CE    1 
ATOM   859  N NZ    . LYS A 1 113 ? -6.572  11.051  -6.379  1.00 20.37 ?  113 LYS A NZ    1 
ATOM   860  N N     . ASN A 1 114 ? 0.739   13.418  -7.763  1.00 13.36 ?  114 ASN A N     1 
ATOM   861  C CA    . ASN A 1 114 ? 1.610   14.524  -8.155  1.00 14.39 ?  114 ASN A CA    1 
ATOM   862  C C     . ASN A 1 114 ? 2.869   14.000  -8.829  1.00 16.52 ?  114 ASN A C     1 
ATOM   863  O O     . ASN A 1 114 ? 3.427   14.643  -9.735  1.00 15.91 ?  114 ASN A O     1 
ATOM   864  C CB    . ASN A 1 114 ? 2.026   15.334  -6.930  1.00 15.72 ?  114 ASN A CB    1 
ATOM   865  C CG    . ASN A 1 114 ? 0.882   16.093  -6.282  1.00 18.80 ?  114 ASN A CG    1 
ATOM   866  O OD1   . ASN A 1 114 ? -0.154  16.332  -6.872  1.00 23.67 ?  114 ASN A OD1   1 
ATOM   867  N ND2   . ASN A 1 114 ? 1.084   16.464  -5.036  1.00 19.88 ?  114 ASN A ND2   1 
ATOM   868  N N     . LEU A 1 115 ? 3.365   12.860  -8.371  1.00 15.11 ?  115 LEU A N     1 
ATOM   869  C CA    . LEU A 1 115 ? 4.611   12.301  -8.861  1.00 16.03 ?  115 LEU A CA    1 
ATOM   870  C C     . LEU A 1 115 ? 4.449   11.549  -10.176 1.00 14.02 ?  115 LEU A C     1 
ATOM   871  O O     . LEU A 1 115 ? 5.426   10.974  -10.672 1.00 15.99 ?  115 LEU A O     1 
ATOM   872  C CB    . LEU A 1 115 ? 5.217   11.406  -7.774  1.00 15.39 ?  115 LEU A CB    1 
ATOM   873  C CG    . LEU A 1 115 ? 5.686   12.173  -6.539  1.00 17.52 ?  115 LEU A CG    1 
ATOM   874  C CD1   . LEU A 1 115 ? 6.229   11.182  -5.526  1.00 20.16 ?  115 LEU A CD1   1 
ATOM   875  C CD2   . LEU A 1 115 ? 6.728   13.241  -6.868  1.00 21.30 ?  115 LEU A CD2   1 
ATOM   876  N N     . GLY A 1 116 ? 3.248   11.527  -10.750 1.00 13.63 ?  116 GLY A N     1 
ATOM   877  C CA    . GLY A 1 116 ? 3.047   10.946  -12.062 1.00 14.76 ?  116 GLY A CA    1 
ATOM   878  C C     . GLY A 1 116 ? 2.670   9.478   -12.062 1.00 13.90 ?  116 GLY A C     1 
ATOM   879  O O     . GLY A 1 116 ? 2.677   8.849   -13.128 1.00 15.11 ?  116 GLY A O     1 
ATOM   880  N N     . ALA A 1 117 ? 2.349   8.907   -10.903 1.00 13.67 ?  117 ALA A N     1 
ATOM   881  C CA    . ALA A 1 117 ? 1.923   7.516   -10.855 1.00 13.24 ?  117 ALA A CA    1 
ATOM   882  C C     . ALA A 1 117 ? 0.536   7.372   -11.446 1.00 13.29 ?  117 ALA A C     1 
ATOM   883  O O     . ALA A 1 117 ? -0.259  8.313   -11.477 1.00 16.09 ?  117 ALA A O     1 
ATOM   884  C CB    . ALA A 1 117 ? 1.929   6.981   -9.422  1.00 13.63 ?  117 ALA A CB    1 
ATOM   885  N N     . GLU A 1 118 ? 0.256   6.182   -11.937 1.00 14.37 ?  118 GLU A N     1 
ATOM   886  C CA    . GLU A 1 118 ? -1.104  5.811   -12.303 1.00 15.08 ?  118 GLU A CA    1 
ATOM   887  C C     . GLU A 1 118 ? -1.705  4.999   -11.157 1.00 15.46 ?  118 GLU A C     1 
ATOM   888  O O     . GLU A 1 118 ? -1.219  3.906   -10.862 1.00 17.13 ?  118 GLU A O     1 
ATOM   889  C CB    . GLU A 1 118 ? -1.102  4.979   -13.577 1.00 16.95 ?  118 GLU A CB    1 
ATOM   890  C CG    . GLU A 1 118 ? -2.526  4.596   -13.965 1.00 22.01 ?  118 GLU A CG    1 
ATOM   891  C CD    . GLU A 1 118 ? -2.619  3.719   -15.184 1.00 29.46 ?  118 GLU A CD    1 
ATOM   892  O OE1   . GLU A 1 118 ? -1.583  3.447   -15.821 1.00 26.00 ?  118 GLU A OE1   1 
ATOM   893  O OE2   . GLU A 1 118 ? -3.753  3.296   -15.492 1.00 32.55 ?  118 GLU A OE2   1 
ATOM   894  N N     . ILE A 1 119 ? -2.754  5.522   -10.534 1.00 13.51 ?  119 ILE A N     1 
ATOM   895  C CA    . ILE A 1 119 ? -3.408  4.829   -9.428  1.00 14.59 ?  119 ILE A CA    1 
ATOM   896  C C     . ILE A 1 119 ? -4.386  3.850   -10.063 1.00 16.66 ?  119 ILE A C     1 
ATOM   897  O O     . ILE A 1 119 ? -5.339  4.263   -10.731 1.00 17.18 ?  119 ILE A O     1 
ATOM   898  C CB    . ILE A 1 119 ? -4.135  5.818   -8.522  1.00 15.79 ?  119 ILE A CB    1 
ATOM   899  C CG1   . ILE A 1 119 ? -3.150  6.859   -7.987  1.00 19.93 ?  119 ILE A CG1   1 
ATOM   900  C CG2   . ILE A 1 119 ? -4.834  5.063   -7.393  1.00 16.63 ?  119 ILE A CG2   1 
ATOM   901  C CD1   . ILE A 1 119 ? -2.038  6.248   -7.197  1.00 23.35 ?  119 ILE A CD1   1 
ATOM   902  N N     A VAL A 1 120 ? -4.159  2.551   -9.894  0.54 14.30 ?  120 VAL A N     1 
ATOM   903  N N     B VAL A 1 120 ? -4.142  2.555   -9.850  0.46 14.21 ?  120 VAL A N     1 
ATOM   904  C CA    A VAL A 1 120 ? -4.999  1.666   -10.700 0.54 14.29 ?  120 VAL A CA    1 
ATOM   905  C CA    B VAL A 1 120 ? -4.863  1.502   -10.556 0.46 16.30 ?  120 VAL A CA    1 
ATOM   906  C C     A VAL A 1 120 ? -6.332  1.331   -10.017 0.54 15.18 ?  120 VAL A C     1 
ATOM   907  C C     B VAL A 1 120 ? -6.270  1.319   -10.001 0.46 14.99 ?  120 VAL A C     1 
ATOM   908  O O     A VAL A 1 120 ? -7.283  0.938   -10.701 0.54 16.43 ?  120 VAL A O     1 
ATOM   909  O O     B VAL A 1 120 ? -7.209  1.046   -10.758 0.46 16.39 ?  120 VAL A O     1 
ATOM   910  C CB    A VAL A 1 120 ? -4.256  0.421   -11.213 0.54 20.61 ?  120 VAL A CB    1 
ATOM   911  C CB    B VAL A 1 120 ? -4.051  0.193   -10.500 0.46 17.30 ?  120 VAL A CB    1 
ATOM   912  C CG1   A VAL A 1 120 ? -3.171  0.809   -12.235 0.54 14.28 ?  120 VAL A CG1   1 
ATOM   913  C CG1   B VAL A 1 120 ? -4.853  -0.976  -11.058 0.46 15.85 ?  120 VAL A CG1   1 
ATOM   914  C CG2   A VAL A 1 120 ? -3.672  -0.337  -10.054 0.54 16.64 ?  120 VAL A CG2   1 
ATOM   915  C CG2   B VAL A 1 120 ? -2.753  0.356   -11.278 0.46 16.31 ?  120 VAL A CG2   1 
ATOM   916  N N     . GLN A 1 121 ? -6.432  1.457   -8.689  1.00 14.00 ?  121 GLN A N     1 
ATOM   917  C CA    . GLN A 1 121 ? -7.709  1.283   -8.001  1.00 14.79 ?  121 GLN A CA    1 
ATOM   918  C C     . GLN A 1 121 ? -7.690  2.187   -6.789  1.00 14.40 ?  121 GLN A C     1 
ATOM   919  O O     . GLN A 1 121 ? -6.627  2.437   -6.213  1.00 15.07 ?  121 GLN A O     1 
ATOM   920  C CB    . GLN A 1 121 ? -7.940  -0.170  -7.523  1.00 17.86 ?  121 GLN A CB    1 
ATOM   921  C CG    . GLN A 1 121 ? -8.291  -1.180  -8.628  1.00 24.49 ?  121 GLN A CG    1 
ATOM   922  C CD    . GLN A 1 121 ? -9.698  -1.007  -9.156  1.00 22.15 ?  121 GLN A CD    1 
ATOM   923  O OE1   . GLN A 1 121 ? -10.669 -1.468  -8.544  1.00 32.70 ?  121 GLN A OE1   1 
ATOM   924  N NE2   . GLN A 1 121 ? -9.824  -0.318  -10.284 1.00 25.54 ?  121 GLN A NE2   1 
ATOM   925  N N     . ASP A 1 122 ? -8.871  2.656   -6.389  1.00 14.15 ?  122 ASP A N     1 
ATOM   926  C CA    . ASP A 1 122 ? -8.980  3.400   -5.140  1.00 15.01 ?  122 ASP A CA    1 
ATOM   927  C C     . ASP A 1 122 ? -8.428  2.562   -3.991  1.00 13.62 ?  122 ASP A C     1 
ATOM   928  O O     . ASP A 1 122 ? -8.556  1.334   -3.962  1.00 14.27 ?  122 ASP A O     1 
ATOM   929  C CB    . ASP A 1 122 ? -10.440 3.742   -4.833  1.00 20.63 ?  122 ASP A CB    1 
ATOM   930  C CG    . ASP A 1 122 ? -11.050 4.687   -5.843  1.00 32.11 ?  122 ASP A CG    1 
ATOM   931  O OD1   . ASP A 1 122 ? -10.291 5.377   -6.560  1.00 32.07 ?  122 ASP A OD1   1 
ATOM   932  O OD2   . ASP A 1 122 ? -12.294 4.748   -5.897  1.00 40.01 ?  122 ASP A OD2   1 
ATOM   933  N N     . GLY A 1 123 ? -7.808  3.247   -3.031  1.00 12.95 ?  123 GLY A N     1 
ATOM   934  C CA    . GLY A 1 123 ? -7.136  2.544   -1.941  1.00 13.93 ?  123 GLY A CA    1 
ATOM   935  C C     . GLY A 1 123 ? -8.059  1.665   -1.110  1.00 13.24 ?  123 GLY A C     1 
ATOM   936  O O     . GLY A 1 123 ? -9.222  1.991   -0.862  1.00 15.81 ?  123 GLY A O     1 
ATOM   937  N N     . LEU A 1 124 ? -7.505  0.550   -0.646  1.00 11.62 ?  124 LEU A N     1 
ATOM   938  C CA    . LEU A 1 124 ? -8.184  -0.362  0.275   1.00 11.70 ?  124 LEU A CA    1 
ATOM   939  C C     . LEU A 1 124 ? -8.022  0.109   1.721   1.00 11.35 ?  124 LEU A C     1 
ATOM   940  O O     . LEU A 1 124 ? -6.905  0.337   2.192   1.00 13.53 ?  124 LEU A O     1 
ATOM   941  C CB    . LEU A 1 124 ? -7.559  -1.747  0.128   1.00 13.39 ?  124 LEU A CB    1 
ATOM   942  C CG    . LEU A 1 124 ? -8.088  -2.845  1.065   1.00 12.85 ?  124 LEU A CG    1 
ATOM   943  C CD1   . LEU A 1 124 ? -9.575  -3.148  0.787   1.00 14.90 ?  124 LEU A CD1   1 
ATOM   944  C CD2   . LEU A 1 124 ? -7.219  -4.074  0.872   1.00 14.08 ?  124 LEU A CD2   1 
ATOM   945  N N     . ARG A 1 125 ? -9.134  0.286   2.427   1.00 11.56 ?  125 ARG A N     1 
ATOM   946  C CA    . ARG A 1 125 ? -9.155  0.774   3.814   1.00 12.43 ?  125 ARG A CA    1 
ATOM   947  C C     . ARG A 1 125 ? -9.791  -0.295  4.692   1.00 13.31 ?  125 ARG A C     1 
ATOM   948  O O     . ARG A 1 125 ? -10.941 -0.686  4.467   1.00 15.03 ?  125 ARG A O     1 
ATOM   949  C CB    . ARG A 1 125 ? -9.970  2.059   3.892   1.00 13.44 ?  125 ARG A CB    1 
ATOM   950  C CG    . ARG A 1 125 ? -9.416  3.137   2.991   1.00 15.53 ?  125 ARG A CG    1 
ATOM   951  C CD    . ARG A 1 125 ? -10.255 4.394   3.086   1.00 18.94 ?  125 ARG A CD    1 
ATOM   952  N NE    . ARG A 1 125 ? -9.909  5.281   1.972   1.00 20.85 ?  125 ARG A NE    1 
ATOM   953  C CZ    . ARG A 1 125 ? -9.307  6.453   2.110   1.00 20.08 ?  125 ARG A CZ    1 
ATOM   954  N NH1   . ARG A 1 125 ? -9.000  6.903   3.319   1.00 18.14 ?  125 ARG A NH1   1 
ATOM   955  N NH2   . ARG A 1 125 ? -8.997  7.179   1.039   1.00 19.32 ?  125 ARG A NH2   1 
ATOM   956  N N     A ILE A 1 126 ? -9.044  -0.789  5.672   0.30 11.12 ?  126 ILE A N     1 
ATOM   957  N N     B ILE A 1 126 ? -9.048  -0.784  5.676   0.70 10.92 ?  126 ILE A N     1 
ATOM   958  C CA    A ILE A 1 126 ? -9.503  -1.881  6.523   0.30 13.31 ?  126 ILE A CA    1 
ATOM   959  C CA    B ILE A 1 126 ? -9.488  -1.897  6.513   0.70 13.24 ?  126 ILE A CA    1 
ATOM   960  C C     A ILE A 1 126 ? -9.722  -1.349  7.929   0.30 13.05 ?  126 ILE A C     1 
ATOM   961  C C     B ILE A 1 126 ? -9.702  -1.377  7.930   0.70 12.92 ?  126 ILE A C     1 
ATOM   962  O O     A ILE A 1 126 ? -8.857  -0.658  8.486   0.30 13.80 ?  126 ILE A O     1 
ATOM   963  O O     B ILE A 1 126 ? -8.816  -0.722  8.501   0.70 13.94 ?  126 ILE A O     1 
ATOM   964  C CB    A ILE A 1 126 ? -8.504  -3.044  6.523   0.30 13.03 ?  126 ILE A CB    1 
ATOM   965  C CB    B ILE A 1 126 ? -8.437  -3.014  6.508   0.70 13.01 ?  126 ILE A CB    1 
ATOM   966  C CG1   A ILE A 1 126 ? -8.457  -3.682  5.138   0.30 14.71 ?  126 ILE A CG1   1 
ATOM   967  C CG1   B ILE A 1 126 ? -8.156  -3.495  5.071   0.70 15.58 ?  126 ILE A CG1   1 
ATOM   968  C CG2   A ILE A 1 126 ? -8.890  -4.070  7.571   0.30 15.32 ?  126 ILE A CG2   1 
ATOM   969  C CG2   B ILE A 1 126 ? -8.863  -4.126  7.441   0.70 15.60 ?  126 ILE A CG2   1 
ATOM   970  C CD1   A ILE A 1 126 ? -7.338  -4.652  4.999   0.30 17.54 ?  126 ILE A CD1   1 
ATOM   971  C CD1   B ILE A 1 126 ? -9.335  -4.073  4.339   0.70 18.09 ?  126 ILE A CD1   1 
ATOM   972  N N     . ASP A 1 127 ? -10.881 -1.667  8.496   1.00 15.10 ?  127 ASP A N     1 
ATOM   973  C CA    . ASP A 1 127 ? -11.264 -1.247  9.841   1.00 13.73 ?  127 ASP A CA    1 
ATOM   974  C C     . ASP A 1 127 ? -11.124 -2.435  10.783  1.00 16.30 ?  127 ASP A C     1 
ATOM   975  O O     . ASP A 1 127 ? -11.734 -3.479  10.552  1.00 19.46 ?  127 ASP A O     1 
ATOM   976  C CB    . ASP A 1 127 ? -12.716 -0.787  9.776   1.00 16.30 ?  127 ASP A CB    1 
ATOM   977  C CG    . ASP A 1 127 ? -13.189 -0.093  11.025  1.00 21.77 ?  127 ASP A CG    1 
ATOM   978  O OD1   . ASP A 1 127 ? -12.388 0.193   11.939  1.00 18.36 ?  127 ASP A OD1   1 
ATOM   979  O OD2   . ASP A 1 127 ? -14.411 0.198   11.057  1.00 27.32 ?  127 ASP A OD2   1 
ATOM   980  N N     . GLY A 1 128 ? -10.345 -2.277  11.849  1.00 14.10 ?  128 GLY A N     1 
ATOM   981  C CA    . GLY A 1 128 ? -10.254 -3.339  12.840  1.00 16.33 ?  128 GLY A CA    1 
ATOM   982  C C     . GLY A 1 128 ? -9.420  -4.516  12.364  1.00 15.00 ?  128 GLY A C     1 
ATOM   983  O O     . GLY A 1 128 ? -8.452  -4.359  11.624  1.00 16.13 ?  128 GLY A O     1 
ATOM   984  N N     . ASP A 1 129 ? -9.796  -5.714  12.810  1.00 15.34 ?  129 ASP A N     1 
ATOM   985  C CA    . ASP A 1 129 ? -8.988  -6.906  12.570  1.00 14.09 ?  129 ASP A CA    1 
ATOM   986  C C     . ASP A 1 129 ? -9.060  -7.282  11.093  1.00 14.56 ?  129 ASP A C     1 
ATOM   987  O O     . ASP A 1 129 ? -10.155 -7.593  10.584  1.00 13.66 ?  129 ASP A O     1 
ATOM   988  C CB    . ASP A 1 129 ? -9.528  -8.031  13.472  1.00 14.63 ?  129 ASP A CB    1 
ATOM   989  C CG    . ASP A 1 129 ? -8.780  -9.355  13.323  1.00 16.77 ?  129 ASP A CG    1 
ATOM   990  O OD1   . ASP A 1 129 ? -7.971  -9.541  12.375  1.00 15.66 ?  129 ASP A OD1   1 
ATOM   991  O OD2   . ASP A 1 129 ? -9.010  -10.241 14.198  1.00 17.56 ?  129 ASP A OD2   1 
ATOM   992  N N     . PRO A 1 130 ? -7.947  -7.241  10.350  1.00 12.91 ?  130 PRO A N     1 
ATOM   993  C CA    . PRO A 1 130 ? -8.038  -7.494  8.911   1.00 11.36 ?  130 PRO A CA    1 
ATOM   994  C C     . PRO A 1 130 ? -8.431  -8.908  8.564   1.00 13.42 ?  130 PRO A C     1 
ATOM   995  O O     . PRO A 1 130 ? -8.904  -9.142  7.453   1.00 14.26 ?  130 PRO A O     1 
ATOM   996  C CB    . PRO A 1 130 ? -6.631  -7.181  8.388   1.00 12.86 ?  130 PRO A CB    1 
ATOM   997  C CG    . PRO A 1 130 ? -5.738  -7.383  9.578   1.00 13.73 ?  130 PRO A CG    1 
ATOM   998  C CD    . PRO A 1 130 ? -6.568  -6.955  10.779  1.00 12.89 ?  130 PRO A CD    1 
ATOM   999  N N     . ARG A 1 131 ? -8.263  -9.871  9.472   1.00 13.33 ?  131 ARG A N     1 
ATOM   1000 C CA    . ARG A 1 131 ? -8.754  -11.212 9.173   1.00 14.19 ?  131 ARG A CA    1 
ATOM   1001 C C     . ARG A 1 131 ? -10.262 -11.203 8.996   1.00 15.69 ?  131 ARG A C     1 
ATOM   1002 O O     . ARG A 1 131 ? -10.795 -12.001 8.210   1.00 18.61 ?  131 ARG A O     1 
ATOM   1003 C CB    . ARG A 1 131 ? -8.324  -12.184 10.279  1.00 15.92 ?  131 ARG A CB    1 
ATOM   1004 C CG    . ARG A 1 131 ? -6.855  -12.381 10.284  1.00 17.54 ?  131 ARG A CG    1 
ATOM   1005 C CD    . ARG A 1 131 ? -6.334  -13.019 11.572  1.00 20.51 ?  131 ARG A CD    1 
ATOM   1006 N NE    . ARG A 1 131 ? -4.890  -12.812 11.689  1.00 23.89 ?  131 ARG A NE    1 
ATOM   1007 C CZ    . ARG A 1 131 ? -3.972  -13.699 11.314  1.00 34.42 ?  131 ARG A CZ    1 
ATOM   1008 N NH1   . ARG A 1 131 ? -2.681  -13.418 11.453  1.00 46.21 ?  131 ARG A NH1   1 
ATOM   1009 N NH2   . ARG A 1 131 ? -4.340  -14.876 10.819  1.00 36.38 ?  131 ARG A NH2   1 
ATOM   1010 N N     . ALA A 1 132 ? -10.961 -10.271 9.650   1.00 14.29 ?  132 ALA A N     1 
ATOM   1011 C CA    . ALA A 1 132 ? -12.416 -10.137 9.464   1.00 15.51 ?  132 ALA A CA    1 
ATOM   1012 C C     . ALA A 1 132 ? -12.767 -9.483  8.124   1.00 16.03 ?  132 ALA A C     1 
ATOM   1013 O O     . ALA A 1 132 ? -13.957 -9.401  7.778   1.00 18.05 ?  132 ALA A O     1 
ATOM   1014 C CB    . ALA A 1 132 ? -13.070 -9.342  10.609  1.00 15.64 ?  132 ALA A CB    1 
ATOM   1015 N N     . ALA A 1 133 ? -11.757 -9.035  7.358   1.00 15.74 ?  133 ALA A N     1 
ATOM   1016 C CA    . ALA A 1 133 ? -11.957 -8.423  6.054   1.00 15.54 ?  133 ALA A CA    1 
ATOM   1017 C C     . ALA A 1 133 ? -11.253 -9.200  4.954   1.00 15.24 ?  133 ALA A C     1 
ATOM   1018 O O     . ALA A 1 133 ? -11.017 -8.665  3.866   1.00 14.06 ?  133 ALA A O     1 
ATOM   1019 C CB    . ALA A 1 133 ? -11.463 -6.973  6.088   1.00 16.48 ?  133 ALA A CB    1 
ATOM   1020 N N     . ARG A 1 134 ? -10.928 -10.469 5.198   1.00 14.96 ?  134 ARG A N     1 
ATOM   1021 C CA    . ARG A 1 134 ? -10.121 -11.228 4.252   1.00 15.77 ?  134 ARG A CA    1 
ATOM   1022 C C     . ARG A 1 134 ? -10.740 -11.235 2.864   1.00 17.48 ?  134 ARG A C     1 
ATOM   1023 O O     . ARG A 1 134 ? -10.030 -11.081 1.856   1.00 15.45 ?  134 ARG A O     1 
ATOM   1024 C CB    . ARG A 1 134 ? -9.908  -12.650 4.769   1.00 21.10 ?  134 ARG A CB    1 
ATOM   1025 C CG    . ARG A 1 134 ? -9.018  -13.457 3.850   1.00 23.50 ?  134 ARG A CG    1 
ATOM   1026 C CD    . ARG A 1 134 ? -8.812  -14.857 4.347   1.00 36.79 ?  134 ARG A CD    1 
ATOM   1027 N NE    . ARG A 1 134 ? -7.784  -15.550 3.580   1.00 45.40 ?  134 ARG A NE    1 
ATOM   1028 C CZ    . ARG A 1 134 ? -7.978  -16.070 2.373   1.00 59.50 ?  134 ARG A CZ    1 
ATOM   1029 N NH1   . ARG A 1 134 ? -9.166  -15.965 1.783   1.00 37.01 ?  134 ARG A NH1   1 
ATOM   1030 N NH2   . ARG A 1 134 ? -6.980  -16.691 1.754   1.00 55.45 ?  134 ARG A NH2   1 
ATOM   1031 N N     . ASP A 1 135 ? -12.061 -11.416 2.783   1.00 16.29 ?  135 ASP A N     1 
ATOM   1032 C CA    . ASP A 1 135 ? -12.711 -11.453 1.472   1.00 16.69 ?  135 ASP A CA    1 
ATOM   1033 C C     . ASP A 1 135 ? -12.577 -10.121 0.756   1.00 17.77 ?  135 ASP A C     1 
ATOM   1034 O O     . ASP A 1 135 ? -12.390 -10.088 -0.464  1.00 16.89 ?  135 ASP A O     1 
ATOM   1035 C CB    . ASP A 1 135 ? -14.188 -11.830 1.606   1.00 18.73 ?  135 ASP A CB    1 
ATOM   1036 C CG    . ASP A 1 135 ? -14.401 -13.315 1.832   1.00 31.57 ?  135 ASP A CG    1 
ATOM   1037 O OD1   . ASP A 1 135 ? -13.429 -14.093 1.740   1.00 24.90 ?  135 ASP A OD1   1 
ATOM   1038 O OD2   . ASP A 1 135 ? -15.563 -13.709 2.091   1.00 41.69 ?  135 ASP A OD2   1 
ATOM   1039 N N     . ASP A 1 136 ? -12.712 -9.010  1.482   1.00 16.17 ?  136 ASP A N     1 
ATOM   1040 C CA    . ASP A 1 136 ? -12.512 -7.693  0.876   1.00 15.56 ?  136 ASP A CA    1 
ATOM   1041 C C     . ASP A 1 136 ? -11.082 -7.514  0.377   1.00 14.88 ?  136 ASP A C     1 
ATOM   1042 O O     . ASP A 1 136 ? -10.850 -6.899  -0.672  1.00 13.94 ?  136 ASP A O     1 
ATOM   1043 C CB    . ASP A 1 136 ? -12.809 -6.587  1.883   1.00 16.71 ?  136 ASP A CB    1 
ATOM   1044 C CG    . ASP A 1 136 ? -14.204 -6.662  2.437   1.00 27.66 ?  136 ASP A CG    1 
ATOM   1045 O OD1   . ASP A 1 136 ? -15.121 -7.008  1.666   1.00 26.18 ?  136 ASP A OD1   1 
ATOM   1046 O OD2   . ASP A 1 136 ? -14.369 -6.393  3.646   1.00 28.68 ?  136 ASP A OD2   1 
ATOM   1047 N N     . ILE A 1 137 ? -10.108 -8.035  1.117   1.00 13.75 ?  137 ILE A N     1 
ATOM   1048 C CA    . ILE A 1 137 ? -8.707  -7.886  0.728   1.00 13.78 ?  137 ILE A CA    1 
ATOM   1049 C C     . ILE A 1 137 ? -8.442  -8.648  -0.567  1.00 12.96 ?  137 ILE A C     1 
ATOM   1050 O O     . ILE A 1 137 ? -7.840  -8.132  -1.528  1.00 12.53 ?  137 ILE A O     1 
ATOM   1051 C CB    . ILE A 1 137 ? -7.787  -8.354  1.872   1.00 13.36 ?  137 ILE A CB    1 
ATOM   1052 C CG1   . ILE A 1 137 ? -7.978  -7.488  3.111   1.00 13.01 ?  137 ILE A CG1   1 
ATOM   1053 C CG2   . ILE A 1 137 ? -6.358  -8.282  1.415   1.00 12.28 ?  137 ILE A CG2   1 
ATOM   1054 C CD1   . ILE A 1 137 ? -7.398  -8.100  4.406   1.00 14.88 ?  137 ILE A CD1   1 
ATOM   1055 N N     . VAL A 1 138 ? -8.897  -9.901  -0.616  1.00 13.85 ?  138 VAL A N     1 
ATOM   1056 C CA    . VAL A 1 138 ? -8.687  -10.735 -1.798  1.00 14.48 ?  138 VAL A CA    1 
ATOM   1057 C C     . VAL A 1 138 ? -9.415  -10.139 -2.986  1.00 14.56 ?  138 VAL A C     1 
ATOM   1058 O O     . VAL A 1 138 ? -8.903  -10.141 -4.116  1.00 14.22 ?  138 VAL A O     1 
ATOM   1059 C CB    . VAL A 1 138 ? -9.168  -12.169 -1.496  1.00 16.83 ?  138 VAL A CB    1 
ATOM   1060 C CG1   . VAL A 1 138 ? -9.149  -13.001 -2.747  1.00 22.01 ?  138 VAL A CG1   1 
ATOM   1061 C CG2   . VAL A 1 138 ? -8.288  -12.798 -0.418  1.00 18.30 ?  138 VAL A CG2   1 
ATOM   1062 N N     . GLY A 1 139 ? -10.637 -9.651  -2.762  1.00 13.42 ?  139 GLY A N     1 
ATOM   1063 C CA    . GLY A 1 139 ? -11.384 -9.002  -3.834  1.00 14.61 ?  139 GLY A CA    1 
ATOM   1064 C C     . GLY A 1 139 ? -10.690 -7.761  -4.365  1.00 14.07 ?  139 GLY A C     1 
ATOM   1065 O O     . GLY A 1 139 ? -10.681 -7.514  -5.580  1.00 13.51 ?  139 GLY A O     1 
ATOM   1066 N N     . TRP A 1 140 ? -10.123 -6.951  -3.478  1.00 14.30 ?  140 TRP A N     1 
ATOM   1067 C CA    . TRP A 1 140 ? -9.402  -5.768  -3.927  1.00 13.63 ?  140 TRP A CA    1 
ATOM   1068 C C     . TRP A 1 140 ? -8.189  -6.152  -4.759  1.00 11.71 ?  140 TRP A C     1 
ATOM   1069 O O     . TRP A 1 140 ? -7.925  -5.536  -5.801  1.00 12.59 ?  140 TRP A O     1 
ATOM   1070 C CB    . TRP A 1 140 ? -8.994  -4.928  -2.708  1.00 13.13 ?  140 TRP A CB    1 
ATOM   1071 C CG    . TRP A 1 140 ? -8.296  -3.631  -3.024  1.00 12.89 ?  140 TRP A CG    1 
ATOM   1072 C CD1   . TRP A 1 140 ? -8.889  -2.427  -3.315  1.00 13.70 ?  140 TRP A CD1   1 
ATOM   1073 C CD2   . TRP A 1 140 ? -6.886  -3.412  -3.045  1.00 11.81 ?  140 TRP A CD2   1 
ATOM   1074 N NE1   . TRP A 1 140 ? -7.919  -1.460  -3.522  1.00 12.38 ?  140 TRP A NE1   1 
ATOM   1075 C CE2   . TRP A 1 140 ? -6.681  -2.046  -3.360  1.00 12.23 ?  140 TRP A CE2   1 
ATOM   1076 C CE3   . TRP A 1 140 ? -5.770  -4.232  -2.805  1.00 12.37 ?  140 TRP A CE3   1 
ATOM   1077 C CZ2   . TRP A 1 140 ? -5.400  -1.483  -3.420  1.00 12.03 ?  140 TRP A CZ2   1 
ATOM   1078 C CZ3   . TRP A 1 140 ? -4.492  -3.655  -2.878  1.00 14.08 ?  140 TRP A CZ3   1 
ATOM   1079 C CH2   . TRP A 1 140 ? -4.332  -2.310  -3.200  1.00 13.04 ?  140 TRP A CH2   1 
ATOM   1080 N N     . ALA A 1 141 ? -7.444  -7.173  -4.335  1.00 12.29 ?  141 ALA A N     1 
ATOM   1081 C CA    . ALA A 1 141 ? -6.300  -7.613  -5.127  1.00 13.13 ?  141 ALA A CA    1 
ATOM   1082 C C     . ALA A 1 141 ? -6.743  -8.063  -6.515  1.00 13.82 ?  141 ALA A C     1 
ATOM   1083 O O     . ALA A 1 141 ? -6.113  -7.722  -7.530  1.00 13.01 ?  141 ALA A O     1 
ATOM   1084 C CB    . ALA A 1 141 ? -5.569  -8.732  -4.398  1.00 14.22 ?  141 ALA A CB    1 
ATOM   1085 N N     . HIS A 1 142 ? -7.850  -8.817  -6.580  1.00 13.65 ?  142 HIS A N     1 
ATOM   1086 C CA    . HIS A 1 142 ? -8.411  -9.241  -7.861  1.00 13.82 ?  142 HIS A CA    1 
ATOM   1087 C C     . HIS A 1 142 ? -8.773  -8.030  -8.719  1.00 14.37 ?  142 HIS A C     1 
ATOM   1088 O O     . HIS A 1 142 ? -8.495  -7.993  -9.921  1.00 14.36 ?  142 HIS A O     1 
ATOM   1089 C CB    . HIS A 1 142 ? -9.651  -10.088 -7.546  1.00 16.62 ?  142 HIS A CB    1 
ATOM   1090 C CG    . HIS A 1 142 ? -10.493 -10.431 -8.743  1.00 17.17 ?  142 HIS A CG    1 
ATOM   1091 N ND1   . HIS A 1 142 ? -11.396 -9.543  -9.284  1.00 19.84 ?  142 HIS A ND1   1 
ATOM   1092 C CD2   . HIS A 1 142 ? -10.583 -11.564 -9.481  1.00 19.80 ?  142 HIS A CD2   1 
ATOM   1093 C CE1   . HIS A 1 142 ? -11.994 -10.108 -10.324 1.00 20.36 ?  142 HIS A CE1   1 
ATOM   1094 N NE2   . HIS A 1 142 ? -11.527 -11.336 -10.457 1.00 19.83 ?  142 HIS A NE2   1 
ATOM   1095 N N     . ASP A 1 143 ? -9.372  -7.015  -8.117  1.00 13.26 ?  143 ASP A N     1 
ATOM   1096 C CA    . ASP A 1 143 ? -9.779  -5.818  -8.839  1.00 14.65 ?  143 ASP A CA    1 
ATOM   1097 C C     . ASP A 1 143 ? -8.583  -5.018  -9.335  1.00 13.60 ?  143 ASP A C     1 
ATOM   1098 O O     . ASP A 1 143 ? -8.614  -4.487  -10.451 1.00 14.04 ?  143 ASP A O     1 
ATOM   1099 C CB    . ASP A 1 143 ? -10.672 -4.951  -7.956  1.00 18.65 ?  143 ASP A CB    1 
ATOM   1100 C CG    . ASP A 1 143 ? -12.027 -5.595  -7.687  1.00 21.96 ?  143 ASP A CG    1 
ATOM   1101 O OD1   . ASP A 1 143 ? -12.337 -6.644  -8.283  1.00 20.63 ?  143 ASP A OD1   1 
ATOM   1102 O OD2   . ASP A 1 143 ? -12.771 -5.025  -6.875  1.00 23.86 ?  143 ASP A OD2   1 
ATOM   1103 N N     . VAL A 1 144 ? -7.533  -4.895  -8.505  1.00 13.83 ?  144 VAL A N     1 
ATOM   1104 C CA    . VAL A 1 144 ? -6.296  -4.271  -8.950  1.00 12.34 ?  144 VAL A CA    1 
ATOM   1105 C C     . VAL A 1 144 ? -5.774  -4.980  -10.181 1.00 13.34 ?  144 VAL A C     1 
ATOM   1106 O O     . VAL A 1 144 ? -5.436  -4.348  -11.180 1.00 13.13 ?  144 VAL A O     1 
ATOM   1107 C CB    . VAL A 1 144 ? -5.256  -4.238  -7.810  1.00 12.41 ?  144 VAL A CB    1 
ATOM   1108 C CG1   . VAL A 1 144 ? -3.880  -3.913  -8.339  1.00 13.99 ?  144 VAL A CG1   1 
ATOM   1109 C CG2   . VAL A 1 144 ? -5.668  -3.218  -6.705  1.00 13.72 ?  144 VAL A CG2   1 
ATOM   1110 N N     . ARG A 1 145 ? -5.689  -6.301  -10.136 1.00 12.73 ?  145 ARG A N     1 
ATOM   1111 C CA    . ARG A 1 145 ? -5.197  -7.025  -11.298 1.00 13.31 ?  145 ARG A CA    1 
ATOM   1112 C C     . ARG A 1 145 ? -6.033  -6.751  -12.531 1.00 15.33 ?  145 ARG A C     1 
ATOM   1113 O O     . ARG A 1 145 ? -5.491  -6.613  -13.638 1.00 14.31 ?  145 ARG A O     1 
ATOM   1114 C CB    . ARG A 1 145 ? -5.177  -8.511  -11.003 1.00 13.07 ?  145 ARG A CB    1 
ATOM   1115 C CG    . ARG A 1 145 ? -4.057  -8.925  -10.053 1.00 14.07 ?  145 ARG A CG    1 
ATOM   1116 C CD    . ARG A 1 145 ? -3.862  -10.458 -10.049 1.00 13.69 ?  145 ARG A CD    1 
ATOM   1117 N NE    . ARG A 1 145 ? -5.019  -11.190 -9.536  1.00 15.01 ?  145 ARG A NE    1 
ATOM   1118 C CZ    . ARG A 1 145 ? -5.903  -11.833 -10.294 1.00 16.76 ?  145 ARG A CZ    1 
ATOM   1119 N NH1   . ARG A 1 145 ? -6.900  -12.459 -9.707  1.00 17.18 ?  145 ARG A NH1   1 
ATOM   1120 N NH2   . ARG A 1 145 ? -5.795  -11.886 -11.637 1.00 15.71 ?  145 ARG A NH2   1 
ATOM   1121 N N     . GLY A 1 146 ? -7.342  -6.691  -12.382 1.00 13.42 ?  146 GLY A N     1 
ATOM   1122 C CA    . GLY A 1 146 ? -8.198  -6.485  -13.539 1.00 13.81 ?  146 GLY A CA    1 
ATOM   1123 C C     . GLY A 1 146 ? -8.144  -5.089  -14.119 1.00 17.14 ?  146 GLY A C     1 
ATOM   1124 O O     . GLY A 1 146 ? -8.641  -4.876  -15.235 1.00 19.25 ?  146 GLY A O     1 
ATOM   1125 N N     . ALA A 1 147 ? -7.581  -4.132  -13.396 1.00 16.54 ?  147 ALA A N     1 
ATOM   1126 C CA    . ALA A 1 147 ? -7.496  -2.753  -13.854 1.00 16.47 ?  147 ALA A CA    1 
ATOM   1127 C C     . ALA A 1 147 ? -6.145  -2.419  -14.453 1.00 17.70 ?  147 ALA A C     1 
ATOM   1128 O O     . ALA A 1 147 ? -5.921  -1.270  -14.866 1.00 23.26 ?  147 ALA A O     1 
ATOM   1129 C CB    . ALA A 1 147 ? -7.809  -1.794  -12.711 1.00 18.82 ?  147 ALA A CB    1 
ATOM   1130 N N     . ILE A 1 148 ? -5.248  -3.388  -14.527 1.00 17.04 ?  148 ILE A N     1 
ATOM   1131 C CA    . ILE A 1 148 ? -3.921  -3.188  -15.109 1.00 19.33 ?  148 ILE A CA    1 
ATOM   1132 C C     . ILE A 1 148 ? -3.997  -2.906  -16.610 1.00 29.96 ?  148 ILE A C     1 
ATOM   1133 O O     . ILE A 1 148 ? -4.751  -3.567  -17.325 1.00 28.34 ?  148 ILE A O     1 
ATOM   1134 C CB    . ILE A 1 148 ? -3.028  -4.404  -14.817 1.00 19.35 ?  148 ILE A CB    1 
ATOM   1135 C CG1   . ILE A 1 148 ? -2.743  -4.483  -13.317 1.00 24.16 ?  148 ILE A CG1   1 
ATOM   1136 C CG2   . ILE A 1 148 ? -1.742  -4.357  -15.636 1.00 24.95 ?  148 ILE A CG2   1 
ATOM   1137 C CD1   . ILE A 1 148 ? -2.137  -3.219  -12.788 1.00 24.19 ?  148 ILE A CD1   1 
ATOM   1138 O OXT   . ILE A 1 148 ? -3.306  -2.028  -17.129 1.00 26.00 ?  148 ILE A OXT   1 
HETATM 1139 N N1    . FMN B 2 .   ? -6.703  4.792   12.408  1.00 11.70 ?  201 FMN A N1    1 
HETATM 1140 C C2    . FMN B 2 .   ? -7.249  5.538   11.414  1.00 11.98 ?  201 FMN A C2    1 
HETATM 1141 O O2    . FMN B 2 .   ? -7.914  5.009   10.572  1.00 11.88 ?  201 FMN A O2    1 
HETATM 1142 N N3    . FMN B 2 .   ? -7.054  6.891   11.414  1.00 11.14 ?  201 FMN A N3    1 
HETATM 1143 C C4    . FMN B 2 .   ? -6.350  7.535   12.361  1.00 12.08 ?  201 FMN A C4    1 
HETATM 1144 O O4    . FMN B 2 .   ? -6.206  8.745   12.312  1.00 12.56 ?  201 FMN A O4    1 
HETATM 1145 C C4A   . FMN B 2 .   ? -5.766  6.759   13.337  1.00 11.22 ?  201 FMN A C4A   1 
HETATM 1146 N N5    . FMN B 2 .   ? -5.025  7.391   14.319  1.00 12.38 ?  201 FMN A N5    1 
HETATM 1147 C C5A   . FMN B 2 .   ? -4.540  6.654   15.332  1.00 11.50 ?  201 FMN A C5A   1 
HETATM 1148 C C6    . FMN B 2 .   ? -3.803  7.248   16.388  1.00 12.84 ?  201 FMN A C6    1 
HETATM 1149 C C7    . FMN B 2 .   ? -3.305  6.484   17.446  1.00 14.21 ?  201 FMN A C7    1 
HETATM 1150 C C7M   . FMN B 2 .   ? -2.550  7.342   18.480  1.00 17.82 ?  201 FMN A C7M   1 
HETATM 1151 C C8    . FMN B 2 .   ? -3.518  5.120   17.476  1.00 14.10 ?  201 FMN A C8    1 
HETATM 1152 C C8M   . FMN B 2 .   ? -2.961  4.313   18.571  1.00 19.67 ?  201 FMN A C8M   1 
HETATM 1153 C C9    . FMN B 2 .   ? -4.219  4.510   16.441  1.00 12.59 ?  201 FMN A C9    1 
HETATM 1154 C C9A   . FMN B 2 .   ? -4.748  5.274   15.377  1.00 11.32 ?  201 FMN A C9A   1 
HETATM 1155 N N10   . FMN B 2 .   ? -5.412  4.636   14.374  1.00 12.03 ?  201 FMN A N10   1 
HETATM 1156 C C10   . FMN B 2 .   ? -5.968  5.406   13.358  1.00 12.59 ?  201 FMN A C10   1 
HETATM 1157 C "C1'" . FMN B 2 .   ? -5.682  3.202   14.326  1.00 13.11 ?  201 FMN A "C1'" 1 
HETATM 1158 C "C2'" . FMN B 2 .   ? -4.488  2.295   13.778  1.00 11.39 ?  201 FMN A "C2'" 1 
HETATM 1159 O "O2'" . FMN B 2 .   ? -4.176  2.593   12.434  1.00 11.73 ?  201 FMN A "O2'" 1 
HETATM 1160 C "C3'" . FMN B 2 .   ? -4.934  0.820   13.859  1.00 13.16 ?  201 FMN A "C3'" 1 
HETATM 1161 O "O3'" . FMN B 2 .   ? -4.618  0.353   15.156  1.00 14.58 ?  201 FMN A "O3'" 1 
HETATM 1162 C "C4'" . FMN B 2 .   ? -4.294  -0.152  12.823  1.00 11.13 ?  201 FMN A "C4'" 1 
HETATM 1163 O "O4'" . FMN B 2 .   ? -4.917  -1.406  12.993  1.00 13.42 ?  201 FMN A "O4'" 1 
HETATM 1164 C "C5'" . FMN B 2 .   ? -2.773  -0.325  12.945  1.00 11.76 ?  201 FMN A "C5'" 1 
HETATM 1165 O "O5'" . FMN B 2 .   ? -2.393  -1.070  11.815  1.00 11.21 ?  201 FMN A "O5'" 1 
HETATM 1166 P P     . FMN B 2 .   ? -0.927  -1.765  11.800  1.00 10.77 ?  201 FMN A P     1 
HETATM 1167 O O1P   . FMN B 2 .   ? -0.757  -2.206  10.403  1.00 10.57 ?  201 FMN A O1P   1 
HETATM 1168 O O2P   . FMN B 2 .   ? 0.091   -0.744  12.188  1.00 11.64 -1 201 FMN A O2P   1 
HETATM 1169 O O3P   . FMN B 2 .   ? -0.991  -2.935  12.733  1.00 12.28 -1 201 FMN A O3P   1 
HETATM 1170 C C1    . GOL C 3 .   ? 1.558   12.465  17.214  1.00 17.50 ?  202 GOL A C1    1 
HETATM 1171 O O1    . GOL C 3 .   ? 2.432   12.190  18.295  1.00 67.48 ?  202 GOL A O1    1 
HETATM 1172 C C2    . GOL C 3 .   ? 1.715   13.946  16.824  1.00 49.59 ?  202 GOL A C2    1 
HETATM 1173 O O2    . GOL C 3 .   ? 1.668   14.119  15.433  1.00 55.80 ?  202 GOL A O2    1 
HETATM 1174 C C3    . GOL C 3 .   ? 0.563   14.784  17.334  1.00 42.90 ?  202 GOL A C3    1 
HETATM 1175 O O3    . GOL C 3 .   ? -0.443  14.717  16.332  1.00 18.42 ?  202 GOL A O3    1 
HETATM 1176 H H11   . GOL C 3 .   ? 1.805   11.830  16.364  1.00 21.00 ?  202 GOL A H11   1 
HETATM 1177 H H12   . GOL C 3 .   ? 0.528   12.265  17.506  1.00 21.00 ?  202 GOL A H12   1 
HETATM 1178 H HO1   . GOL C 3 .   ? 2.296   11.268  18.598  1.00 80.97 ?  202 GOL A HO1   1 
HETATM 1179 H H2    . GOL C 3 .   ? 2.651   14.332  17.228  1.00 59.51 ?  202 GOL A H2    1 
HETATM 1180 H HO2   . GOL C 3 .   ? 0.798   13.817  15.097  1.00 66.96 ?  202 GOL A HO2   1 
HETATM 1181 H H31   . GOL C 3 .   ? 0.189   14.384  18.277  1.00 51.49 ?  202 GOL A H31   1 
HETATM 1182 H H32   . GOL C 3 .   ? 0.881   15.815  17.488  1.00 51.49 ?  202 GOL A H32   1 
HETATM 1183 H HO3   . GOL C 3 .   ? -1.111  15.415  16.493  1.00 22.11 ?  202 GOL A HO3   1 
HETATM 1184 C C1    . GOL D 3 .   ? -10.258 -14.300 -12.862 1.00 48.90 ?  203 GOL A C1    1 
HETATM 1185 O O1    . GOL D 3 .   ? -10.403 -13.212 -13.751 1.00 66.17 ?  203 GOL A O1    1 
HETATM 1186 C C2    . GOL D 3 .   ? -8.835  -14.272 -12.358 1.00 30.63 ?  203 GOL A C2    1 
HETATM 1187 O O2    . GOL D 3 .   ? -8.297  -13.004 -12.692 1.00 35.27 ?  203 GOL A O2    1 
HETATM 1188 C C3    . GOL D 3 .   ? -8.802  -14.510 -10.857 1.00 32.67 ?  203 GOL A C3    1 
HETATM 1189 O O3    . GOL D 3 .   ? -9.621  -15.599 -10.545 1.00 45.47 ?  203 GOL A O3    1 
HETATM 1190 H H11   . GOL D 3 .   ? -10.956 -14.203 -12.031 1.00 58.68 ?  203 GOL A H11   1 
HETATM 1191 H H12   . GOL D 3 .   ? -10.458 -15.239 -13.379 1.00 58.68 ?  203 GOL A H12   1 
HETATM 1192 H HO1   . GOL D 3 .   ? -11.297 -13.234 -14.152 1.00 79.40 ?  203 GOL A HO1   1 
HETATM 1193 H H2    . GOL D 3 .   ? -8.269  -15.061 -12.854 1.00 36.75 ?  203 GOL A H2    1 
HETATM 1194 H HO2   . GOL D 3 .   ? -8.814  -12.303 -12.246 1.00 42.33 ?  203 GOL A HO2   1 
HETATM 1195 H H31   . GOL D 3 .   ? -7.780  -14.712 -10.537 1.00 39.21 ?  203 GOL A H31   1 
HETATM 1196 H H32   . GOL D 3 .   ? -9.155  -13.621 -10.335 1.00 39.21 ?  203 GOL A H32   1 
HETATM 1197 H HO3   . GOL D 3 .   ? -9.900  -15.541 -9.608  1.00 54.56 ?  203 GOL A HO3   1 
HETATM 1198 O O     . HOH E 4 .   ? -5.357  -17.193 -4.465  1.00 44.38 ?  301 HOH A O     1 
HETATM 1199 O O     . HOH E 4 .   ? 7.385   -7.908  -18.280 1.00 33.55 ?  302 HOH A O     1 
HETATM 1200 O O     . HOH E 4 .   ? 17.294  6.289   -0.700  1.00 29.12 ?  303 HOH A O     1 
HETATM 1201 O O     . HOH E 4 .   ? 2.571   9.107   15.173  1.00 17.64 ?  304 HOH A O     1 
HETATM 1202 O O     . HOH E 4 .   ? 7.304   9.104   -17.822 1.00 26.63 ?  305 HOH A O     1 
HETATM 1203 O O     . HOH E 4 .   ? 9.420   11.779  -17.179 1.00 41.34 ?  306 HOH A O     1 
HETATM 1204 O O     . HOH E 4 .   ? 18.545  5.629   1.172   1.00 38.92 ?  307 HOH A O     1 
HETATM 1205 O O     . HOH E 4 .   ? -5.074  -10.527 12.193  1.00 27.26 ?  308 HOH A O     1 
HETATM 1206 O O     . HOH E 4 .   ? -2.916  9.982   21.464  1.00 33.67 ?  309 HOH A O     1 
HETATM 1207 O O     . HOH E 4 .   ? 4.268   10.648  18.466  1.00 32.99 ?  310 HOH A O     1 
HETATM 1208 O O     . HOH E 4 .   ? 12.073  2.406   10.657  1.00 41.73 ?  311 HOH A O     1 
HETATM 1209 O O     . HOH E 4 .   ? 18.946  4.061   -3.371  1.00 22.45 ?  312 HOH A O     1 
HETATM 1210 O O     . HOH E 4 .   ? 11.545  -9.450  -0.503  1.00 30.64 ?  313 HOH A O     1 
HETATM 1211 O O     . HOH E 4 .   ? 0.642   4.372   -16.444 1.00 33.68 ?  314 HOH A O     1 
HETATM 1212 O O     . HOH E 4 .   ? 9.212   14.553  -1.114  1.00 29.42 ?  315 HOH A O     1 
HETATM 1213 O O     . HOH E 4 .   ? 8.048   -7.403  8.920   1.00 28.74 ?  316 HOH A O     1 
HETATM 1214 O O     . HOH E 4 .   ? 9.229   -9.707  -8.004  1.00 23.76 ?  317 HOH A O     1 
HETATM 1215 O O     . HOH E 4 .   ? -7.915  1.898   -13.007 1.00 34.68 ?  318 HOH A O     1 
HETATM 1216 O O     . HOH E 4 .   ? 11.434  10.348  -16.043 1.00 31.05 ?  319 HOH A O     1 
HETATM 1217 O O     . HOH E 4 .   ? -15.780 -8.740  -0.064  1.00 36.99 ?  320 HOH A O     1 
HETATM 1218 O O     . HOH E 4 .   ? -16.627 14.029  7.976   1.00 34.07 ?  321 HOH A O     1 
HETATM 1219 O O     . HOH E 4 .   ? 13.552  9.896   3.057   1.00 27.38 ?  322 HOH A O     1 
HETATM 1220 O O     . HOH E 4 .   ? 11.813  2.930   6.134   1.00 42.29 ?  323 HOH A O     1 
HETATM 1221 O O     . HOH E 4 .   ? -9.081  -13.807 -6.283  1.00 26.29 ?  324 HOH A O     1 
HETATM 1222 O O     . HOH E 4 .   ? -6.959  9.787   -2.061  1.00 27.84 ?  325 HOH A O     1 
HETATM 1223 O O     . HOH E 4 .   ? 0.558   -12.005 9.547   1.00 31.95 ?  326 HOH A O     1 
HETATM 1224 O O     . HOH E 4 .   ? 11.835  4.562   -13.054 1.00 20.09 ?  327 HOH A O     1 
HETATM 1225 O O     . HOH E 4 .   ? -14.294 7.401   10.659  1.00 23.37 ?  328 HOH A O     1 
HETATM 1226 O O     . HOH E 4 .   ? -10.164 -14.903 -15.731 1.00 29.13 ?  329 HOH A O     1 
HETATM 1227 O O     . HOH E 4 .   ? -13.515 12.173  6.876   1.00 33.05 ?  330 HOH A O     1 
HETATM 1228 O O     . HOH E 4 .   ? 6.405   13.416  6.324   1.00 27.46 ?  331 HOH A O     1 
HETATM 1229 O O     . HOH E 4 .   ? -11.265 -1.698  -6.003  1.00 39.79 ?  332 HOH A O     1 
HETATM 1230 O O     . HOH E 4 .   ? 6.347   -11.331 -18.580 1.00 28.56 ?  333 HOH A O     1 
HETATM 1231 O O     . HOH E 4 .   ? 15.897  -0.655  -7.068  1.00 21.07 ?  334 HOH A O     1 
HETATM 1232 O O     . HOH E 4 .   ? -6.995  -2.037  11.501  1.00 14.90 ?  335 HOH A O     1 
HETATM 1233 O O     . HOH E 4 .   ? -12.173 -5.829  9.431   1.00 21.93 ?  336 HOH A O     1 
HETATM 1234 O O     . HOH E 4 .   ? -3.131  -8.202  -13.724 1.00 14.92 ?  337 HOH A O     1 
HETATM 1235 O O     . HOH E 4 .   ? 5.112   -9.905  -20.176 1.00 38.79 ?  338 HOH A O     1 
HETATM 1236 O O     . HOH E 4 .   ? -5.408  16.378  -2.646  1.00 30.41 ?  339 HOH A O     1 
HETATM 1237 O O     . HOH E 4 .   ? 8.717   9.046   13.079  1.00 33.31 ?  340 HOH A O     1 
HETATM 1238 O O     . HOH E 4 .   ? 10.712  3.273   4.486   1.00 27.41 ?  341 HOH A O     1 
HETATM 1239 O O     . HOH E 4 .   ? -13.508 0.026   4.550   1.00 29.65 ?  342 HOH A O     1 
HETATM 1240 O O     . HOH E 4 .   ? 12.059  10.857  6.863   1.00 28.86 ?  343 HOH A O     1 
HETATM 1241 O O     . HOH E 4 .   ? -0.184  11.225  -11.987 1.00 17.77 ?  344 HOH A O     1 
HETATM 1242 O O     . HOH E 4 .   ? -5.504  -14.971 -7.423  1.00 20.29 ?  345 HOH A O     1 
HETATM 1243 O O     . HOH E 4 .   ? -0.017  13.887  0.514   1.00 19.38 ?  346 HOH A O     1 
HETATM 1244 O O     . HOH E 4 .   ? -10.815 -6.185  -16.141 1.00 36.11 ?  347 HOH A O     1 
HETATM 1245 O O     . HOH E 4 .   ? 9.650   2.361   13.545  1.00 28.23 ?  348 HOH A O     1 
HETATM 1246 O O     . HOH E 4 .   ? 12.920  -8.611  -6.901  1.00 30.50 ?  349 HOH A O     1 
HETATM 1247 O O     . HOH E 4 .   ? -12.768 -5.488  -1.947  1.00 22.55 ?  350 HOH A O     1 
HETATM 1248 O O     . HOH E 4 .   ? -4.703  3.292   -4.394  1.00 13.45 ?  351 HOH A O     1 
HETATM 1249 O O     . HOH E 4 .   ? 5.396   -3.286  17.175  1.00 14.72 ?  352 HOH A O     1 
HETATM 1250 O O     . HOH E 4 .   ? 0.675   -9.818  10.928  1.00 26.92 ?  353 HOH A O     1 
HETATM 1251 O O     . HOH E 4 .   ? -12.210 -3.976  -4.440  1.00 34.08 ?  354 HOH A O     1 
HETATM 1252 O O     . HOH E 4 .   ? -2.761  -8.700  12.999  1.00 37.43 ?  355 HOH A O     1 
HETATM 1253 O O     . HOH E 4 .   ? 14.307  -5.157  2.022   1.00 29.79 ?  356 HOH A O     1 
HETATM 1254 O O     . HOH E 4 .   ? -10.855 -4.269  -11.977 1.00 20.25 ?  357 HOH A O     1 
HETATM 1255 O O     . HOH E 4 .   ? 13.546  -2.099  -7.240  1.00 21.13 ?  358 HOH A O     1 
HETATM 1256 O O     . HOH E 4 .   ? 10.105  7.709   10.746  1.00 25.59 ?  359 HOH A O     1 
HETATM 1257 O O     . HOH E 4 .   ? 17.549  -4.054  3.875   1.00 35.14 ?  360 HOH A O     1 
HETATM 1258 O O     . HOH E 4 .   ? -4.153  3.468   7.038   1.00 12.18 ?  361 HOH A O     1 
HETATM 1259 O O     . HOH E 4 .   ? 1.422   -3.324  -14.594 1.00 25.42 ?  362 HOH A O     1 
HETATM 1260 O O     . HOH E 4 .   ? 0.401   8.924   -14.637 1.00 22.21 ?  363 HOH A O     1 
HETATM 1261 O O     . HOH E 4 .   ? 5.075   -10.573 5.843   1.00 34.83 ?  364 HOH A O     1 
HETATM 1262 O O     . HOH E 4 .   ? -2.953  -14.214 4.534   1.00 26.69 ?  365 HOH A O     1 
HETATM 1263 O O     . HOH E 4 .   ? 1.048   -19.027 -5.788  1.00 37.33 ?  366 HOH A O     1 
HETATM 1264 O O     . HOH E 4 .   ? -11.025 0.195   -4.271  1.00 27.27 ?  367 HOH A O     1 
HETATM 1265 O O     . HOH E 4 .   ? 7.382   3.804   -14.464 1.00 31.49 ?  368 HOH A O     1 
HETATM 1266 O O     . HOH E 4 .   ? 8.384   6.977   -16.671 1.00 32.96 ?  369 HOH A O     1 
HETATM 1267 O O     . HOH E 4 .   ? 3.150   16.061  -3.266  1.00 49.38 ?  370 HOH A O     1 
HETATM 1268 O O     . HOH E 4 .   ? 4.566   14.655  12.340  1.00 38.06 ?  371 HOH A O     1 
HETATM 1269 O O     . HOH E 4 .   ? -11.505 8.210   5.376   1.00 26.62 ?  372 HOH A O     1 
HETATM 1270 O O     . HOH E 4 .   ? 4.070   7.730   13.236  1.00 19.58 ?  373 HOH A O     1 
HETATM 1271 O O     . HOH E 4 .   ? 3.891   -16.681 -9.011  1.00 34.77 ?  374 HOH A O     1 
HETATM 1272 O O     . HOH E 4 .   ? -10.196 4.575   -0.904  1.00 21.97 ?  375 HOH A O     1 
HETATM 1273 O O     . HOH E 4 .   ? 6.703   -1.629  9.249   1.00 15.20 ?  376 HOH A O     1 
HETATM 1274 O O     . HOH E 4 .   ? 15.788  1.216   -3.350  1.00 20.44 ?  377 HOH A O     1 
HETATM 1275 O O     . HOH E 4 .   ? -10.846 10.082  1.445   1.00 35.29 ?  378 HOH A O     1 
HETATM 1276 O O     . HOH E 4 .   ? 1.831   -14.253 1.346   1.00 21.99 ?  379 HOH A O     1 
HETATM 1277 O O     . HOH E 4 .   ? -11.354 -14.659 7.632   1.00 35.35 ?  380 HOH A O     1 
HETATM 1278 O O     . HOH E 4 .   ? -1.010  -14.276 6.340   1.00 28.51 ?  381 HOH A O     1 
HETATM 1279 O O     . HOH E 4 .   ? -3.075  14.819  -5.758  1.00 25.48 ?  382 HOH A O     1 
HETATM 1280 O O     . HOH E 4 .   ? 9.291   13.730  8.307   1.00 38.36 ?  383 HOH A O     1 
HETATM 1281 O O     . HOH E 4 .   ? 6.622   -3.453  13.119  1.00 30.92 ?  384 HOH A O     1 
HETATM 1282 O O     . HOH E 4 .   ? 3.017   -14.546 -15.328 1.00 40.40 ?  385 HOH A O     1 
HETATM 1283 O O     . HOH E 4 .   ? 13.657  3.994   4.516   1.00 32.86 ?  386 HOH A O     1 
HETATM 1284 O O     . HOH E 4 .   ? 7.429   14.794  2.872   1.00 31.61 ?  387 HOH A O     1 
HETATM 1285 O O     . HOH E 4 .   ? -1.220  -20.477 -9.654  1.00 41.23 ?  388 HOH A O     1 
HETATM 1286 O O     . HOH E 4 .   ? -13.778 -8.071  -6.356  1.00 36.59 ?  389 HOH A O     1 
HETATM 1287 O O     . HOH E 4 .   ? 4.216   -5.933  11.556  1.00 22.61 ?  390 HOH A O     1 
HETATM 1288 O O     . HOH E 4 .   ? 14.538  1.110   9.537   1.00 28.63 ?  391 HOH A O     1 
HETATM 1289 O O     . HOH E 4 .   ? 14.150  -9.201  -3.190  1.00 29.41 ?  392 HOH A O     1 
HETATM 1290 O O     . HOH E 4 .   ? -4.922  10.732  20.536  1.00 28.45 ?  393 HOH A O     1 
HETATM 1291 O O     . HOH E 4 .   ? 1.346   -6.110  -14.851 1.00 21.58 ?  394 HOH A O     1 
HETATM 1292 O O     . HOH E 4 .   ? 5.786   -4.638  10.000  1.00 21.17 ?  395 HOH A O     1 
HETATM 1293 O O     . HOH E 4 .   ? -3.928  -4.025  -19.973 1.00 33.85 ?  396 HOH A O     1 
HETATM 1294 O O     . HOH E 4 .   ? -3.946  -2.244  16.166  1.00 22.27 ?  397 HOH A O     1 
HETATM 1295 O O     . HOH E 4 .   ? 15.745  1.055   5.673   1.00 40.46 ?  398 HOH A O     1 
HETATM 1296 O O     . HOH E 4 .   ? -4.744  10.597  13.925  1.00 17.53 ?  399 HOH A O     1 
HETATM 1297 O O     . HOH E 4 .   ? -4.786  -14.522 -0.257  1.00 21.57 ?  400 HOH A O     1 
HETATM 1298 O O     . HOH E 4 .   ? 8.922   -7.314  -15.989 1.00 40.83 ?  401 HOH A O     1 
HETATM 1299 O O     . HOH E 4 .   ? 14.005  2.271   5.966   1.00 42.12 ?  402 HOH A O     1 
HETATM 1300 O O     . HOH E 4 .   ? -11.205 2.053   -7.865  1.00 21.31 ?  403 HOH A O     1 
HETATM 1301 O O     . HOH E 4 .   ? 4.023   0.156   -14.014 1.00 17.71 ?  404 HOH A O     1 
HETATM 1302 O O     . HOH E 4 .   ? -4.546  12.376  4.530   1.00 16.05 ?  405 HOH A O     1 
HETATM 1303 O O     . HOH E 4 .   ? -8.892  -9.765  -12.097 1.00 20.17 ?  406 HOH A O     1 
HETATM 1304 O O     . HOH E 4 .   ? 10.037  15.568  1.522   1.00 37.07 ?  407 HOH A O     1 
HETATM 1305 O O     . HOH E 4 .   ? -5.902  -7.616  14.584  1.00 25.43 ?  408 HOH A O     1 
HETATM 1306 O O     . HOH E 4 .   ? 5.589   -12.167 -1.274  1.00 27.93 ?  409 HOH A O     1 
HETATM 1307 O O     . HOH E 4 .   ? -8.479  10.998  5.490   1.00 24.24 ?  410 HOH A O     1 
HETATM 1308 O O     . HOH E 4 .   ? 0.455   8.306   16.999  1.00 16.78 ?  411 HOH A O     1 
HETATM 1309 O O     . HOH E 4 .   ? 11.237  12.980  -9.342  1.00 35.12 ?  412 HOH A O     1 
HETATM 1310 O O     . HOH E 4 .   ? -13.353 -12.044 -2.311  1.00 32.38 ?  413 HOH A O     1 
HETATM 1311 O O     . HOH E 4 .   ? 8.085   10.952  -9.623  1.00 20.07 ?  414 HOH A O     1 
HETATM 1312 O O     . HOH E 4 .   ? 15.975  -1.140  -0.296  1.00 24.40 ?  415 HOH A O     1 
HETATM 1313 O O     . HOH E 4 .   ? -15.191 7.895   17.741  1.00 34.83 ?  416 HOH A O     1 
HETATM 1314 O O     . HOH E 4 .   ? 6.779   -8.389  11.322  1.00 41.27 ?  417 HOH A O     1 
HETATM 1315 O O     . HOH E 4 .   ? -9.070  6.519   -2.223  1.00 28.59 ?  418 HOH A O     1 
HETATM 1316 O O     . HOH E 4 .   ? 8.342   -5.188  -17.910 1.00 45.45 ?  419 HOH A O     1 
HETATM 1317 O O     . HOH E 4 .   ? -13.073 -3.988  4.580   1.00 35.81 ?  420 HOH A O     1 
HETATM 1318 O O     . HOH E 4 .   ? 4.469   -5.750  14.221  1.00 33.14 ?  421 HOH A O     1 
HETATM 1319 O O     . HOH E 4 .   ? 5.729   -14.703 -6.002  1.00 27.32 ?  422 HOH A O     1 
HETATM 1320 O O     . HOH E 4 .   ? -0.347  12.586  6.720   1.00 31.15 ?  423 HOH A O     1 
HETATM 1321 O O     . HOH E 4 .   ? -8.903  -0.877  14.281  1.00 41.59 ?  424 HOH A O     1 
HETATM 1322 O O     . HOH E 4 .   ? -11.746 0.102   1.175   1.00 22.42 ?  425 HOH A O     1 
HETATM 1323 O O     . HOH E 4 .   ? 9.028   8.907   -8.004  1.00 15.14 ?  426 HOH A O     1 
HETATM 1324 O O     . HOH E 4 .   ? -12.840 -3.213  7.010   1.00 19.72 ?  427 HOH A O     1 
HETATM 1325 O O     . HOH E 4 .   ? 3.477   11.444  8.980   1.00 17.73 ?  428 HOH A O     1 
HETATM 1326 O O     . HOH E 4 .   ? -6.111  -14.890 -13.139 1.00 42.74 ?  429 HOH A O     1 
HETATM 1327 O O     . HOH E 4 .   ? -1.689  0.955   -19.492 1.00 40.95 ?  430 HOH A O     1 
HETATM 1328 O O     . HOH E 4 .   ? -7.435  18.359  9.620   1.00 30.11 ?  431 HOH A O     1 
HETATM 1329 O O     . HOH E 4 .   ? -6.387  -11.215 15.064  1.00 22.17 ?  432 HOH A O     1 
HETATM 1330 O O     . HOH E 4 .   ? -8.343  10.815  12.380  1.00 21.11 ?  433 HOH A O     1 
HETATM 1331 O O     . HOH E 4 .   ? 8.850   -11.579 -0.957  1.00 26.47 ?  434 HOH A O     1 
HETATM 1332 O O     . HOH E 4 .   ? 0.880   -18.752 -10.430 1.00 40.68 ?  435 HOH A O     1 
HETATM 1333 O O     . HOH E 4 .   ? -5.660  1.369   17.715  1.00 24.71 ?  436 HOH A O     1 
HETATM 1334 O O     . HOH E 4 .   ? -7.238  8.120   -5.442  1.00 42.17 ?  437 HOH A O     1 
HETATM 1335 O O     . HOH E 4 .   ? -6.284  5.366   -13.299 1.00 35.63 ?  438 HOH A O     1 
HETATM 1336 O O     . HOH E 4 .   ? 5.176   10.714  13.218  1.00 26.48 ?  439 HOH A O     1 
HETATM 1337 O O     . HOH E 4 .   ? 4.938   12.432  15.876  1.00 41.75 ?  440 HOH A O     1 
HETATM 1338 O O     . HOH E 4 .   ? -3.336  16.174  9.767   1.00 19.63 ?  441 HOH A O     1 
HETATM 1339 O O     . HOH E 4 .   ? -7.769  14.573  -5.576  1.00 30.61 ?  442 HOH A O     1 
HETATM 1340 O O     . HOH E 4 .   ? 8.403   15.266  -3.430  1.00 36.14 ?  443 HOH A O     1 
HETATM 1341 O O     . HOH E 4 .   ? -1.228  -3.119  -18.948 1.00 37.27 ?  444 HOH A O     1 
HETATM 1342 O O     . HOH E 4 .   ? 15.879  -3.292  -4.368  1.00 28.60 ?  445 HOH A O     1 
HETATM 1343 O O     . HOH E 4 .   ? 13.036  -11.183 -10.088 1.00 44.84 ?  446 HOH A O     1 
HETATM 1344 O O     . HOH E 4 .   ? 15.041  -6.147  -6.371  1.00 45.17 ?  447 HOH A O     1 
HETATM 1345 O O     . HOH E 4 .   ? -14.925 9.424   13.991  1.00 39.64 ?  448 HOH A O     1 
HETATM 1346 O O     . HOH E 4 .   ? 11.030  -7.409  4.676   1.00 25.70 ?  449 HOH A O     1 
HETATM 1347 O O     . HOH E 4 .   ? -7.396  3.456   17.693  1.00 25.70 ?  450 HOH A O     1 
HETATM 1348 O O     . HOH E 4 .   ? 6.699   -11.529 -16.602 1.00 39.14 ?  451 HOH A O     1 
HETATM 1349 O O     . HOH E 4 .   ? 8.830   -9.234  4.792   1.00 45.55 ?  452 HOH A O     1 
HETATM 1350 O O     . HOH E 4 .   ? 14.983  -3.733  0.058   1.00 25.47 ?  453 HOH A O     1 
HETATM 1351 O O     . HOH E 4 .   ? 14.818  5.739   2.483   1.00 27.95 ?  454 HOH A O     1 
HETATM 1352 O O     . HOH E 4 .   ? -16.605 9.652   10.375  1.00 49.04 ?  455 HOH A O     1 
HETATM 1353 O O     . HOH E 4 .   ? 9.819   8.975   -11.284 1.00 21.99 ?  456 HOH A O     1 
HETATM 1354 O O     . HOH E 4 .   ? 5.035   15.833  0.668   1.00 34.08 ?  457 HOH A O     1 
HETATM 1355 O O     . HOH E 4 .   ? 12.207  2.960   7.923   1.00 27.14 ?  458 HOH A O     1 
HETATM 1356 O O     . HOH E 4 .   ? 17.792  -0.476  3.493   1.00 45.45 ?  459 HOH A O     1 
HETATM 1357 O O     . HOH E 4 .   ? -5.396  -4.245  16.308  1.00 41.32 ?  460 HOH A O     1 
HETATM 1358 O O     . HOH E 4 .   ? -14.005 -6.365  -4.346  1.00 42.11 ?  461 HOH A O     1 
HETATM 1359 O O     . HOH E 4 .   ? 3.073   1.176   -16.329 1.00 33.52 ?  462 HOH A O     1 
HETATM 1360 O O     . HOH E 4 .   ? -7.347  -2.068  14.917  1.00 31.19 ?  463 HOH A O     1 
HETATM 1361 O O     . HOH E 4 .   ? 3.925   -10.337 2.495   1.00 27.72 ?  464 HOH A O     1 
HETATM 1362 O O     . HOH E 4 .   ? -9.396  12.452  -5.667  1.00 28.45 ?  465 HOH A O     1 
HETATM 1363 O O     . HOH E 4 .   ? -11.397 -0.854  -13.098 1.00 45.49 ?  466 HOH A O     1 
HETATM 1364 O O     . HOH E 4 .   ? 7.326   -0.975  13.963  1.00 28.50 ?  467 HOH A O     1 
HETATM 1365 O O     . HOH E 4 .   ? -8.415  4.269   -9.528  1.00 33.44 ?  468 HOH A O     1 
HETATM 1366 O O     . HOH E 4 .   ? -15.501 -2.943  10.912  1.00 44.93 ?  469 HOH A O     1 
HETATM 1367 O O     . HOH E 4 .   ? -15.417 5.720   18.936  1.00 40.43 ?  470 HOH A O     1 
HETATM 1368 O O     . HOH E 4 .   ? 9.093   -2.456  -14.852 1.00 30.34 ?  471 HOH A O     1 
HETATM 1369 O O     . HOH E 4 .   ? -13.180 -11.066 -6.777  1.00 32.98 ?  472 HOH A O     1 
HETATM 1370 O O     . HOH E 4 .   ? 1.075   9.523   20.027  1.00 32.73 ?  473 HOH A O     1 
HETATM 1371 O O     . HOH E 4 .   ? -6.346  -16.072 -11.644 1.00 64.42 ?  474 HOH A O     1 
HETATM 1372 O O     . HOH E 4 .   ? -9.059  -4.458  15.995  1.00 38.55 ?  475 HOH A O     1 
HETATM 1373 O O     . HOH E 4 .   ? -6.012  15.128  11.776  1.00 20.06 ?  476 HOH A O     1 
HETATM 1374 O O     . HOH E 4 .   ? 6.299   1.147   -15.046 1.00 32.90 ?  477 HOH A O     1 
HETATM 1375 O O     . HOH E 4 .   ? -11.113 -2.556  -14.201 1.00 43.55 ?  478 HOH A O     1 
HETATM 1376 O O     . HOH E 4 .   ? 2.499   -15.388 -1.090  1.00 31.35 ?  479 HOH A O     1 
HETATM 1377 O O     . HOH E 4 .   ? -10.177 3.214   -10.329 1.00 43.34 ?  480 HOH A O     1 
HETATM 1378 O O     . HOH E 4 .   ? 10.853  -11.904 -3.426  1.00 46.36 ?  481 HOH A O     1 
HETATM 1379 O O     . HOH E 4 .   ? -4.595  13.580  1.999   1.00 24.28 ?  482 HOH A O     1 
HETATM 1380 O O     . HOH E 4 .   ? 22.093  0.068   -1.881  1.00 36.68 ?  483 HOH A O     1 
HETATM 1381 O O     . HOH E 4 .   ? 14.383  -4.273  8.462   1.00 41.02 ?  484 HOH A O     1 
HETATM 1382 O O     . HOH E 4 .   ? 10.370  -11.976 -6.326  1.00 37.00 ?  485 HOH A O     1 
HETATM 1383 O O     . HOH E 4 .   ? 8.765   -14.430 -6.369  1.00 46.88 ?  486 HOH A O     1 
HETATM 1384 O O     . HOH E 4 .   ? 19.288  6.940   -3.574  1.00 23.64 ?  487 HOH A O     1 
HETATM 1385 O O     . HOH E 4 .   ? 5.485   -10.264 3.545   1.00 39.60 ?  488 HOH A O     1 
HETATM 1386 O O     . HOH E 4 .   ? 15.468  -2.820  10.030  1.00 31.83 ?  489 HOH A O     1 
HETATM 1387 O O     . HOH E 4 .   ? -6.504  12.969  13.441  1.00 20.62 ?  490 HOH A O     1 
HETATM 1388 O O     . HOH E 4 .   ? 4.102   -14.038 -2.701  1.00 33.65 ?  491 HOH A O     1 
HETATM 1389 O O     . HOH E 4 .   ? -13.262 -2.300  2.025   1.00 36.36 ?  492 HOH A O     1 
HETATM 1390 O O     . HOH E 4 .   ? -5.985  -16.304 -9.703  1.00 29.48 ?  493 HOH A O     1 
HETATM 1391 O O     . HOH E 4 .   ? -12.381 8.763   0.298   1.00 41.39 ?  494 HOH A O     1 
HETATM 1392 O O     . HOH E 4 .   ? -11.593 -12.555 -5.331  1.00 33.32 ?  495 HOH A O     1 
HETATM 1393 O O     . HOH E 4 .   ? -13.285 6.341   0.524   1.00 45.41 ?  496 HOH A O     1 
HETATM 1394 O O     . HOH E 4 .   ? 5.039   12.404  11.064  1.00 25.50 ?  497 HOH A O     1 
HETATM 1395 O O     . HOH E 4 .   ? 8.873   1.488   -16.427 1.00 37.27 ?  498 HOH A O     1 
HETATM 1396 O O     . HOH E 4 .   ? -11.239 -8.691  -13.310 1.00 36.40 ?  499 HOH A O     1 
HETATM 1397 O O     . HOH E 4 .   ? 18.296  -1.578  1.080   1.00 39.93 ?  500 HOH A O     1 
HETATM 1398 O O     . HOH E 4 .   ? 17.320  4.251   3.400   1.00 45.80 ?  501 HOH A O     1 
HETATM 1399 O O     . HOH E 4 .   ? 3.491   -18.903 -6.830  1.00 47.16 ?  502 HOH A O     1 
HETATM 1400 O O     . HOH E 4 .   ? -5.856  -15.742 -2.366  1.00 29.31 ?  503 HOH A O     1 
HETATM 1401 O O     . HOH E 4 .   ? -12.925 2.913   1.060   1.00 43.37 ?  504 HOH A O     1 
HETATM 1402 O O     . HOH E 4 .   ? 16.370  -1.194  -3.029  1.00 24.36 ?  505 HOH A O     1 
HETATM 1403 O O     . HOH E 4 .   ? -6.052  16.256  9.059   1.00 24.69 ?  506 HOH A O     1 
HETATM 1404 O O     . HOH E 4 .   ? 3.923   -12.703 1.771   1.00 26.59 ?  507 HOH A O     1 
HETATM 1405 O O     . HOH E 4 .   ? 13.899  -8.088  0.758   1.00 41.14 ?  508 HOH A O     1 
HETATM 1406 O O     . HOH E 4 .   ? -11.196 11.099  5.619   1.00 30.71 ?  509 HOH A O     1 
HETATM 1407 O O     . HOH E 4 .   ? 12.329  -5.138  8.767   1.00 36.51 ?  510 HOH A O     1 
HETATM 1408 O O     . HOH E 4 .   ? -12.122 -6.858  -12.419 1.00 35.86 ?  511 HOH A O     1 
HETATM 1409 O O     . HOH E 4 .   ? 14.090  11.952  4.739   1.00 37.99 ?  512 HOH A O     1 
HETATM 1410 O O     . HOH E 4 .   ? -13.407 6.609   4.008   1.00 47.33 ?  513 HOH A O     1 
HETATM 1411 O O     . HOH E 4 .   ? -14.645 -0.579  6.593   1.00 38.14 ?  514 HOH A O     1 
HETATM 1412 O O     . HOH E 4 .   ? -7.155  13.268  4.988   1.00 20.02 ?  515 HOH A O     1 
HETATM 1413 O O     . HOH E 4 .   ? 11.663  -7.187  7.311   1.00 36.55 ?  516 HOH A O     1 
HETATM 1414 O O     . HOH E 4 .   ? 14.209  0.907   12.102  1.00 53.14 ?  517 HOH A O     1 
HETATM 1415 O O     . HOH E 4 .   ? -2.639  14.906  0.871   1.00 24.30 ?  518 HOH A O     1 
HETATM 1416 O O     . HOH E 4 .   ? 1.094   -2.571  -17.315 1.00 46.50 ?  519 HOH A O     1 
HETATM 1417 O O     . HOH E 4 .   ? 5.279   -15.599 -3.870  1.00 33.09 ?  520 HOH A O     1 
HETATM 1418 O O     . HOH E 4 .   ? 0.640   7.140   -16.745 1.00 34.56 ?  521 HOH A O     1 
HETATM 1419 O O     . HOH E 4 .   ? -7.092  13.895  0.633   1.00 29.32 ?  522 HOH A O     1 
HETATM 1420 O O     . HOH E 4 .   ? -7.137  15.709  6.233   1.00 26.54 ?  523 HOH A O     1 
HETATM 1421 O O     . HOH E 4 .   ? -8.682  13.760  2.792   1.00 25.75 ?  524 HOH A O     1 
HETATM 1422 O O     . HOH E 4 .   ? 9.816   15.949  8.775   1.00 50.23 ?  525 HOH A O     1 
HETATM 1423 O O     . HOH E 4 .   ? -16.116 9.515   18.673  1.00 54.24 ?  526 HOH A O     1 
HETATM 1424 O O     . HOH E 4 .   ? -3.269  16.777  -0.998  1.00 37.30 ?  527 HOH A O     1 
HETATM 1425 O O     . HOH E 4 .   ? 4.422   11.733  6.514   1.00 31.78 ?  528 HOH A O     1 
HETATM 1426 O O     . HOH E 4 .   ? -8.185  -15.717 -4.026  1.00 40.02 ?  529 HOH A O     1 
HETATM 1427 O O     . HOH E 4 .   ? 2.339   15.507  -0.723  1.00 30.25 ?  530 HOH A O     1 
HETATM 1428 O O     . HOH E 4 .   ? -2.527  14.104  5.595   1.00 21.84 ?  531 HOH A O     1 
HETATM 1429 O O     . HOH E 4 .   ? 6.917   13.481  9.255   1.00 40.00 ?  532 HOH A O     1 
HETATM 1430 O O     . HOH E 4 .   ? 11.322  15.571  -8.256  1.00 51.07 ?  533 HOH A O     1 
HETATM 1431 O O     . HOH E 4 .   ? -2.973  16.160  7.198   1.00 31.50 ?  534 HOH A O     1 
HETATM 1432 O O     . HOH E 4 .   ? -14.302 7.430   6.067   1.00 40.86 ?  535 HOH A O     1 
HETATM 1433 O O     . HOH E 4 .   ? -2.887  18.480  11.088  1.00 31.47 ?  536 HOH A O     1 
HETATM 1434 O O     . HOH E 4 .   ? -14.131 3.951   3.761   1.00 42.42 ?  537 HOH A O     1 
HETATM 1435 O O     . HOH E 4 .   ? 1.026   14.673  3.123   1.00 31.91 ?  538 HOH A O     1 
HETATM 1436 O O     . HOH E 4 .   ? 1.854   12.962  5.367   1.00 28.69 ?  539 HOH A O     1 
HETATM 1437 O O     . HOH E 4 .   ? -15.666 3.271   7.451   1.00 39.58 ?  540 HOH A O     1 
HETATM 1438 O O     . HOH E 4 .   ? -15.211 6.053   8.212   1.00 35.97 ?  541 HOH A O     1 
HETATM 1439 O O     . HOH E 4 .   ? 7.756   -13.491 9.063   1.00 52.11 ?  542 HOH A O     1 
HETATM 1440 O O     . HOH E 4 .   ? 3.441   16.275  2.902   1.00 37.18 ?  543 HOH A O     1 
HETATM 1441 O O     . HOH E 4 .   ? 4.748   -18.033 -3.584  1.00 45.00 ?  544 HOH A O     1 
HETATM 1442 O O     . HOH E 4 .   ? -1.529  15.839  3.585   1.00 42.69 ?  545 HOH A O     1 
HETATM 1443 O O     . HOH E 4 .   ? -2.490  18.471  6.363   1.00 44.08 ?  546 HOH A O     1 
# 
loop_
_pdbx_poly_seq_scheme.asym_id 
_pdbx_poly_seq_scheme.entity_id 
_pdbx_poly_seq_scheme.seq_id 
_pdbx_poly_seq_scheme.mon_id 
_pdbx_poly_seq_scheme.ndb_seq_num 
_pdbx_poly_seq_scheme.pdb_seq_num 
_pdbx_poly_seq_scheme.auth_seq_num 
_pdbx_poly_seq_scheme.pdb_mon_id 
_pdbx_poly_seq_scheme.auth_mon_id 
_pdbx_poly_seq_scheme.pdb_strand_id 
_pdbx_poly_seq_scheme.pdb_ins_code 
_pdbx_poly_seq_scheme.hetero 
A 1 1   SER 1   1   1   SER SER A . n 
A 1 2   ALA 2   2   2   ALA ALA A . n 
A 1 3   LYS 3   3   3   LYS LYS A . n 
A 1 4   ALA 4   4   4   ALA ALA A . n 
A 1 5   LEU 5   5   5   LEU LEU A . n 
A 1 6   ILE 6   6   6   ILE ILE A . n 
A 1 7   VAL 7   7   7   VAL VAL A . n 
A 1 8   TYR 8   8   8   TYR TYR A . n 
A 1 9   GLY 9   9   9   GLY GLY A . n 
A 1 10  SER 10  10  10  SER SER A . n 
A 1 11  THR 11  11  11  THR THR A . n 
A 1 12  THR 12  12  12  THR THR A . n 
A 1 13  GLY 13  13  13  GLY GLY A . n 
A 1 14  ASN 14  14  14  ASN ASN A . n 
A 1 15  THR 15  15  15  THR THR A . n 
A 1 16  GLU 16  16  16  GLU GLU A . n 
A 1 17  TYR 17  17  17  TYR TYR A . n 
A 1 18  THR 18  18  18  THR THR A . n 
A 1 19  ALA 19  19  19  ALA ALA A . n 
A 1 20  GLU 20  20  20  GLU GLU A . n 
A 1 21  THR 21  21  21  THR THR A . n 
A 1 22  ILE 22  22  22  ILE ILE A . n 
A 1 23  ALA 23  23  23  ALA ALA A . n 
A 1 24  ARG 24  24  24  ARG ARG A . n 
A 1 25  GLU 25  25  25  GLU GLU A . n 
A 1 26  LEU 26  26  26  LEU LEU A . n 
A 1 27  ALA 27  27  27  ALA ALA A . n 
A 1 28  ASP 28  28  28  ASP ASP A . n 
A 1 29  ALA 29  29  29  ALA ALA A . n 
A 1 30  GLY 30  30  30  GLY GLY A . n 
A 1 31  TYR 31  31  31  TYR TYR A . n 
A 1 32  GLU 32  32  32  GLU GLU A . n 
A 1 33  VAL 33  33  33  VAL VAL A . n 
A 1 34  ASP 34  34  34  ASP ASP A . n 
A 1 35  SER 35  35  35  SER SER A . n 
A 1 36  ARG 36  36  36  ARG ARG A . n 
A 1 37  ASP 37  37  37  ASP ASP A . n 
A 1 38  ALA 38  38  38  ALA ALA A . n 
A 1 39  ALA 39  39  39  ALA ALA A . n 
A 1 40  SER 40  40  40  SER SER A . n 
A 1 41  VAL 41  41  41  VAL VAL A . n 
A 1 42  GLU 42  42  42  GLU GLU A . n 
A 1 43  ALA 43  43  43  ALA ALA A . n 
A 1 44  GLY 44  44  44  GLY GLY A . n 
A 1 45  GLY 45  45  45  GLY GLY A . n 
A 1 46  LEU 46  46  46  LEU LEU A . n 
A 1 47  PHE 47  47  47  PHE PHE A . n 
A 1 48  GLU 48  48  48  GLU GLU A . n 
A 1 49  GLY 49  49  49  GLY GLY A . n 
A 1 50  PHE 50  50  50  PHE PHE A . n 
A 1 51  ASP 51  51  51  ASP ASP A . n 
A 1 52  LEU 52  52  52  LEU LEU A . n 
A 1 53  VAL 53  53  53  VAL VAL A . n 
A 1 54  LEU 54  54  54  LEU LEU A . n 
A 1 55  LEU 55  55  55  LEU LEU A . n 
A 1 56  GLY 56  56  56  GLY GLY A . n 
A 1 57  CYS 57  57  57  CYS CYS A . n 
A 1 58  SER 58  58  58  SER SER A . n 
A 1 59  THR 59  59  59  THR THR A . n 
A 1 60  TRP 60  60  60  TRP TRP A . n 
A 1 61  GLY 61  61  61  GLY GLY A . n 
A 1 62  ASP 62  62  62  ASP ASP A . n 
A 1 63  ASP 63  63  63  ASP ASP A . n 
A 1 64  SER 64  64  64  SER SER A . n 
A 1 65  ILE 65  65  65  ILE ILE A . n 
A 1 66  GLU 66  66  66  GLU GLU A . n 
A 1 67  LEU 67  67  67  LEU LEU A . n 
A 1 68  GLN 68  68  68  GLN GLN A . n 
A 1 69  ASP 69  69  69  ASP ASP A . n 
A 1 70  ASP 70  70  70  ASP ASP A . n 
A 1 71  PHE 71  71  71  PHE PHE A . n 
A 1 72  ILE 72  72  72  ILE ILE A . n 
A 1 73  PRO 73  73  73  PRO PRO A . n 
A 1 74  LEU 74  74  74  LEU LEU A . n 
A 1 75  PHE 75  75  75  PHE PHE A . n 
A 1 76  ASP 76  76  76  ASP ASP A . n 
A 1 77  SER 77  77  77  SER SER A . n 
A 1 78  LEU 78  78  78  LEU LEU A . n 
A 1 79  GLU 79  79  79  GLU GLU A . n 
A 1 80  GLU 80  80  80  GLU GLU A . n 
A 1 81  THR 81  81  81  THR THR A . n 
A 1 82  GLY 82  82  82  GLY GLY A . n 
A 1 83  ALA 83  83  83  ALA ALA A . n 
A 1 84  GLN 84  84  84  GLN GLN A . n 
A 1 85  GLY 85  85  85  GLY GLY A . n 
A 1 86  ARG 86  86  86  ARG ARG A . n 
A 1 87  LYS 87  87  87  LYS LYS A . n 
A 1 88  VAL 88  88  88  VAL VAL A . n 
A 1 89  ALA 89  89  89  ALA ALA A . n 
A 1 90  CYS 90  90  90  CYS CYS A . n 
A 1 91  PHE 91  91  91  PHE PHE A . n 
A 1 92  GLY 92  92  92  GLY GLY A . n 
A 1 93  CYS 93  93  93  CYS CYS A . n 
A 1 94  GLY 94  94  94  GLY GLY A . n 
A 1 95  ASP 95  95  95  ASP ASP A . n 
A 1 96  SER 96  96  96  SER SER A . n 
A 1 97  SER 97  97  97  SER SER A . n 
A 1 98  TRP 98  98  98  TRP TRP A . n 
A 1 99  GLU 99  99  99  GLU GLU A . n 
A 1 100 TYR 100 100 100 TYR TYR A . n 
A 1 101 PHE 101 101 101 PHE PHE A . n 
A 1 102 CYS 102 102 102 CYS CYS A . n 
A 1 103 GLY 103 103 103 GLY GLY A . n 
A 1 104 ALA 104 104 104 ALA ALA A . n 
A 1 105 VAL 105 105 105 VAL VAL A . n 
A 1 106 ASP 106 106 106 ASP ASP A . n 
A 1 107 ALA 107 107 107 ALA ALA A . n 
A 1 108 ILE 108 108 108 ILE ILE A . n 
A 1 109 GLU 109 109 109 GLU GLU A . n 
A 1 110 GLU 110 110 110 GLU GLU A . n 
A 1 111 LYS 111 111 111 LYS LYS A . n 
A 1 112 LEU 112 112 112 LEU LEU A . n 
A 1 113 LYS 113 113 113 LYS LYS A . n 
A 1 114 ASN 114 114 114 ASN ASN A . n 
A 1 115 LEU 115 115 115 LEU LEU A . n 
A 1 116 GLY 116 116 116 GLY GLY A . n 
A 1 117 ALA 117 117 117 ALA ALA A . n 
A 1 118 GLU 118 118 118 GLU GLU A . n 
A 1 119 ILE 119 119 119 ILE ILE A . n 
A 1 120 VAL 120 120 120 VAL VAL A . n 
A 1 121 GLN 121 121 121 GLN GLN A . n 
A 1 122 ASP 122 122 122 ASP ASP A . n 
A 1 123 GLY 123 123 123 GLY GLY A . n 
A 1 124 LEU 124 124 124 LEU LEU A . n 
A 1 125 ARG 125 125 125 ARG ARG A . n 
A 1 126 ILE 126 126 126 ILE ILE A . n 
A 1 127 ASP 127 127 127 ASP ASP A . n 
A 1 128 GLY 128 128 128 GLY GLY A . n 
A 1 129 ASP 129 129 129 ASP ASP A . n 
A 1 130 PRO 130 130 130 PRO PRO A . n 
A 1 131 ARG 131 131 131 ARG ARG A . n 
A 1 132 ALA 132 132 132 ALA ALA A . n 
A 1 133 ALA 133 133 133 ALA ALA A . n 
A 1 134 ARG 134 134 134 ARG ARG A . n 
A 1 135 ASP 135 135 135 ASP ASP A . n 
A 1 136 ASP 136 136 136 ASP ASP A . n 
A 1 137 ILE 137 137 137 ILE ILE A . n 
A 1 138 VAL 138 138 138 VAL VAL A . n 
A 1 139 GLY 139 139 139 GLY GLY A . n 
A 1 140 TRP 140 140 140 TRP TRP A . n 
A 1 141 ALA 141 141 141 ALA ALA A . n 
A 1 142 HIS 142 142 142 HIS HIS A . n 
A 1 143 ASP 143 143 143 ASP ASP A . n 
A 1 144 VAL 144 144 144 VAL VAL A . n 
A 1 145 ARG 145 145 145 ARG ARG A . n 
A 1 146 GLY 146 146 146 GLY GLY A . n 
A 1 147 ALA 147 147 147 ALA ALA A . n 
A 1 148 ILE 148 148 148 ILE ILE A . n 
# 
loop_
_pdbx_nonpoly_scheme.asym_id 
_pdbx_nonpoly_scheme.entity_id 
_pdbx_nonpoly_scheme.mon_id 
_pdbx_nonpoly_scheme.ndb_seq_num 
_pdbx_nonpoly_scheme.pdb_seq_num 
_pdbx_nonpoly_scheme.auth_seq_num 
_pdbx_nonpoly_scheme.pdb_mon_id 
_pdbx_nonpoly_scheme.auth_mon_id 
_pdbx_nonpoly_scheme.pdb_strand_id 
_pdbx_nonpoly_scheme.pdb_ins_code 
B 2 FMN 1   201 201 FMN FMN A . 
C 3 GOL 1   202 1   GOL GOL A . 
D 3 GOL 1   203 2   GOL GOL A . 
E 4 HOH 1   301 236 HOH HOH A . 
E 4 HOH 2   302 210 HOH HOH A . 
E 4 HOH 3   303 92  HOH HOH A . 
E 4 HOH 4   304 21  HOH HOH A . 
E 4 HOH 5   305 32  HOH HOH A . 
E 4 HOH 6   306 166 HOH HOH A . 
E 4 HOH 7   307 190 HOH HOH A . 
E 4 HOH 8   308 182 HOH HOH A . 
E 4 HOH 9   309 85  HOH HOH A . 
E 4 HOH 10  310 98  HOH HOH A . 
E 4 HOH 11  311 150 HOH HOH A . 
E 4 HOH 12  312 223 HOH HOH A . 
E 4 HOH 13  313 91  HOH HOH A . 
E 4 HOH 14  314 86  HOH HOH A . 
E 4 HOH 15  315 82  HOH HOH A . 
E 4 HOH 16  316 116 HOH HOH A . 
E 4 HOH 17  317 74  HOH HOH A . 
E 4 HOH 18  318 135 HOH HOH A . 
E 4 HOH 19  319 143 HOH HOH A . 
E 4 HOH 20  320 139 HOH HOH A . 
E 4 HOH 21  321 159 HOH HOH A . 
E 4 HOH 22  322 76  HOH HOH A . 
E 4 HOH 23  323 211 HOH HOH A . 
E 4 HOH 24  324 174 HOH HOH A . 
E 4 HOH 25  325 34  HOH HOH A . 
E 4 HOH 26  326 119 HOH HOH A . 
E 4 HOH 27  327 6   HOH HOH A . 
E 4 HOH 28  328 38  HOH HOH A . 
E 4 HOH 29  329 97  HOH HOH A . 
E 4 HOH 30  330 106 HOH HOH A . 
E 4 HOH 31  331 53  HOH HOH A . 
E 4 HOH 32  332 231 HOH HOH A . 
E 4 HOH 33  333 209 HOH HOH A . 
E 4 HOH 34  334 57  HOH HOH A . 
E 4 HOH 35  335 4   HOH HOH A . 
E 4 HOH 36  336 35  HOH HOH A . 
E 4 HOH 37  337 1   HOH HOH A . 
E 4 HOH 38  338 149 HOH HOH A . 
E 4 HOH 39  339 89  HOH HOH A . 
E 4 HOH 40  340 131 HOH HOH A . 
E 4 HOH 41  341 212 HOH HOH A . 
E 4 HOH 42  342 120 HOH HOH A . 
E 4 HOH 43  343 195 HOH HOH A . 
E 4 HOH 44  344 8   HOH HOH A . 
E 4 HOH 45  345 19  HOH HOH A . 
E 4 HOH 46  346 14  HOH HOH A . 
E 4 HOH 47  347 133 HOH HOH A . 
E 4 HOH 48  348 80  HOH HOH A . 
E 4 HOH 49  349 186 HOH HOH A . 
E 4 HOH 50  350 37  HOH HOH A . 
E 4 HOH 51  351 9   HOH HOH A . 
E 4 HOH 52  352 3   HOH HOH A . 
E 4 HOH 53  353 101 HOH HOH A . 
E 4 HOH 54  354 176 HOH HOH A . 
E 4 HOH 55  355 161 HOH HOH A . 
E 4 HOH 56  356 128 HOH HOH A . 
E 4 HOH 57  357 31  HOH HOH A . 
E 4 HOH 58  358 30  HOH HOH A . 
E 4 HOH 59  359 64  HOH HOH A . 
E 4 HOH 60  360 129 HOH HOH A . 
E 4 HOH 61  361 2   HOH HOH A . 
E 4 HOH 62  362 69  HOH HOH A . 
E 4 HOH 63  363 50  HOH HOH A . 
E 4 HOH 64  364 199 HOH HOH A . 
E 4 HOH 65  365 66  HOH HOH A . 
E 4 HOH 66  366 134 HOH HOH A . 
E 4 HOH 67  367 63  HOH HOH A . 
E 4 HOH 68  368 117 HOH HOH A . 
E 4 HOH 69  369 59  HOH HOH A . 
E 4 HOH 70  370 156 HOH HOH A . 
E 4 HOH 71  371 177 HOH HOH A . 
E 4 HOH 72  372 51  HOH HOH A . 
E 4 HOH 73  373 18  HOH HOH A . 
E 4 HOH 74  374 105 HOH HOH A . 
E 4 HOH 75  375 25  HOH HOH A . 
E 4 HOH 76  376 5   HOH HOH A . 
E 4 HOH 77  377 33  HOH HOH A . 
E 4 HOH 78  378 169 HOH HOH A . 
E 4 HOH 79  379 48  HOH HOH A . 
E 4 HOH 80  380 187 HOH HOH A . 
E 4 HOH 81  381 54  HOH HOH A . 
E 4 HOH 82  382 65  HOH HOH A . 
E 4 HOH 83  383 100 HOH HOH A . 
E 4 HOH 84  384 137 HOH HOH A . 
E 4 HOH 85  385 183 HOH HOH A . 
E 4 HOH 86  386 196 HOH HOH A . 
E 4 HOH 87  387 141 HOH HOH A . 
E 4 HOH 88  388 217 HOH HOH A . 
E 4 HOH 89  389 123 HOH HOH A . 
E 4 HOH 90  390 60  HOH HOH A . 
E 4 HOH 91  391 138 HOH HOH A . 
E 4 HOH 92  392 110 HOH HOH A . 
E 4 HOH 93  393 81  HOH HOH A . 
E 4 HOH 94  394 75  HOH HOH A . 
E 4 HOH 95  395 43  HOH HOH A . 
E 4 HOH 96  396 170 HOH HOH A . 
E 4 HOH 97  397 90  HOH HOH A . 
E 4 HOH 98  398 115 HOH HOH A . 
E 4 HOH 99  399 15  HOH HOH A . 
E 4 HOH 100 400 180 HOH HOH A . 
E 4 HOH 101 401 184 HOH HOH A . 
E 4 HOH 102 402 230 HOH HOH A . 
E 4 HOH 103 403 40  HOH HOH A . 
E 4 HOH 104 404 10  HOH HOH A . 
E 4 HOH 105 405 7   HOH HOH A . 
E 4 HOH 106 406 47  HOH HOH A . 
E 4 HOH 107 407 122 HOH HOH A . 
E 4 HOH 108 408 108 HOH HOH A . 
E 4 HOH 109 409 103 HOH HOH A . 
E 4 HOH 110 410 29  HOH HOH A . 
E 4 HOH 111 411 16  HOH HOH A . 
E 4 HOH 112 412 130 HOH HOH A . 
E 4 HOH 113 413 93  HOH HOH A . 
E 4 HOH 114 414 17  HOH HOH A . 
E 4 HOH 115 415 45  HOH HOH A . 
E 4 HOH 116 416 107 HOH HOH A . 
E 4 HOH 117 417 206 HOH HOH A . 
E 4 HOH 118 418 73  HOH HOH A . 
E 4 HOH 119 419 241 HOH HOH A . 
E 4 HOH 120 420 77  HOH HOH A . 
E 4 HOH 121 421 67  HOH HOH A . 
E 4 HOH 122 422 36  HOH HOH A . 
E 4 HOH 123 423 121 HOH HOH A . 
E 4 HOH 124 424 201 HOH HOH A . 
E 4 HOH 125 425 24  HOH HOH A . 
E 4 HOH 126 426 11  HOH HOH A . 
E 4 HOH 127 427 22  HOH HOH A . 
E 4 HOH 128 428 13  HOH HOH A . 
E 4 HOH 129 429 215 HOH HOH A . 
E 4 HOH 130 430 216 HOH HOH A . 
E 4 HOH 131 431 111 HOH HOH A . 
E 4 HOH 132 432 23  HOH HOH A . 
E 4 HOH 133 433 46  HOH HOH A . 
E 4 HOH 134 434 41  HOH HOH A . 
E 4 HOH 135 435 113 HOH HOH A . 
E 4 HOH 136 436 155 HOH HOH A . 
E 4 HOH 137 437 203 HOH HOH A . 
E 4 HOH 138 438 109 HOH HOH A . 
E 4 HOH 139 439 52  HOH HOH A . 
E 4 HOH 140 440 163 HOH HOH A . 
E 4 HOH 141 441 12  HOH HOH A . 
E 4 HOH 142 442 68  HOH HOH A . 
E 4 HOH 143 443 144 HOH HOH A . 
E 4 HOH 144 444 151 HOH HOH A . 
E 4 HOH 145 445 61  HOH HOH A . 
E 4 HOH 146 446 191 HOH HOH A . 
E 4 HOH 147 447 234 HOH HOH A . 
E 4 HOH 148 448 171 HOH HOH A . 
E 4 HOH 149 449 20  HOH HOH A . 
E 4 HOH 150 450 153 HOH HOH A . 
E 4 HOH 151 451 225 HOH HOH A . 
E 4 HOH 152 452 192 HOH HOH A . 
E 4 HOH 153 453 79  HOH HOH A . 
E 4 HOH 154 454 140 HOH HOH A . 
E 4 HOH 155 455 193 HOH HOH A . 
E 4 HOH 156 456 181 HOH HOH A . 
E 4 HOH 157 457 114 HOH HOH A . 
E 4 HOH 158 458 95  HOH HOH A . 
E 4 HOH 159 459 124 HOH HOH A . 
E 4 HOH 160 460 204 HOH HOH A . 
E 4 HOH 161 461 188 HOH HOH A . 
E 4 HOH 162 462 213 HOH HOH A . 
E 4 HOH 163 463 99  HOH HOH A . 
E 4 HOH 164 464 208 HOH HOH A . 
E 4 HOH 165 465 71  HOH HOH A . 
E 4 HOH 166 466 219 HOH HOH A . 
E 4 HOH 167 467 127 HOH HOH A . 
E 4 HOH 168 468 224 HOH HOH A . 
E 4 HOH 169 469 221 HOH HOH A . 
E 4 HOH 170 470 172 HOH HOH A . 
E 4 HOH 171 471 154 HOH HOH A . 
E 4 HOH 172 472 94  HOH HOH A . 
E 4 HOH 173 473 214 HOH HOH A . 
E 4 HOH 174 474 245 HOH HOH A . 
E 4 HOH 175 475 142 HOH HOH A . 
E 4 HOH 176 476 39  HOH HOH A . 
E 4 HOH 177 477 145 HOH HOH A . 
E 4 HOH 178 478 205 HOH HOH A . 
E 4 HOH 179 479 112 HOH HOH A . 
E 4 HOH 180 480 243 HOH HOH A . 
E 4 HOH 181 481 202 HOH HOH A . 
E 4 HOH 182 482 42  HOH HOH A . 
E 4 HOH 183 483 237 HOH HOH A . 
E 4 HOH 184 484 168 HOH HOH A . 
E 4 HOH 185 485 207 HOH HOH A . 
E 4 HOH 186 486 220 HOH HOH A . 
E 4 HOH 187 487 126 HOH HOH A . 
E 4 HOH 188 488 218 HOH HOH A . 
E 4 HOH 189 489 84  HOH HOH A . 
E 4 HOH 190 490 26  HOH HOH A . 
E 4 HOH 191 491 88  HOH HOH A . 
E 4 HOH 192 492 162 HOH HOH A . 
E 4 HOH 193 493 197 HOH HOH A . 
E 4 HOH 194 494 178 HOH HOH A . 
E 4 HOH 195 495 102 HOH HOH A . 
E 4 HOH 196 496 175 HOH HOH A . 
E 4 HOH 197 497 194 HOH HOH A . 
E 4 HOH 198 498 228 HOH HOH A . 
E 4 HOH 199 499 136 HOH HOH A . 
E 4 HOH 200 500 229 HOH HOH A . 
E 4 HOH 201 501 222 HOH HOH A . 
E 4 HOH 202 502 179 HOH HOH A . 
E 4 HOH 203 503 78  HOH HOH A . 
E 4 HOH 204 504 104 HOH HOH A . 
E 4 HOH 205 505 125 HOH HOH A . 
E 4 HOH 206 506 44  HOH HOH A . 
E 4 HOH 207 507 49  HOH HOH A . 
E 4 HOH 208 508 189 HOH HOH A . 
E 4 HOH 209 509 96  HOH HOH A . 
E 4 HOH 210 510 173 HOH HOH A . 
E 4 HOH 211 511 55  HOH HOH A . 
E 4 HOH 212 512 235 HOH HOH A . 
E 4 HOH 213 513 240 HOH HOH A . 
E 4 HOH 214 514 132 HOH HOH A . 
E 4 HOH 215 515 28  HOH HOH A . 
E 4 HOH 216 516 118 HOH HOH A . 
E 4 HOH 217 517 164 HOH HOH A . 
E 4 HOH 218 518 58  HOH HOH A . 
E 4 HOH 219 519 158 HOH HOH A . 
E 4 HOH 220 520 226 HOH HOH A . 
E 4 HOH 221 521 146 HOH HOH A . 
E 4 HOH 222 522 56  HOH HOH A . 
E 4 HOH 223 523 62  HOH HOH A . 
E 4 HOH 224 524 165 HOH HOH A . 
E 4 HOH 225 525 185 HOH HOH A . 
E 4 HOH 226 526 160 HOH HOH A . 
E 4 HOH 227 527 233 HOH HOH A . 
E 4 HOH 228 528 227 HOH HOH A . 
E 4 HOH 229 529 83  HOH HOH A . 
E 4 HOH 230 530 198 HOH HOH A . 
E 4 HOH 231 531 27  HOH HOH A . 
E 4 HOH 232 532 148 HOH HOH A . 
E 4 HOH 233 533 238 HOH HOH A . 
E 4 HOH 234 534 87  HOH HOH A . 
E 4 HOH 235 535 200 HOH HOH A . 
E 4 HOH 236 536 152 HOH HOH A . 
E 4 HOH 237 537 242 HOH HOH A . 
E 4 HOH 238 538 72  HOH HOH A . 
E 4 HOH 239 539 70  HOH HOH A . 
E 4 HOH 240 540 232 HOH HOH A . 
E 4 HOH 241 541 157 HOH HOH A . 
E 4 HOH 242 542 246 HOH HOH A . 
E 4 HOH 243 543 147 HOH HOH A . 
E 4 HOH 244 544 239 HOH HOH A . 
E 4 HOH 245 545 167 HOH HOH A . 
E 4 HOH 246 546 244 HOH HOH A . 
# 
_pdbx_struct_assembly.id                   1 
_pdbx_struct_assembly.details              author_defined_assembly 
_pdbx_struct_assembly.method_details       ? 
_pdbx_struct_assembly.oligomeric_details   monomeric 
_pdbx_struct_assembly.oligomeric_count     1 
# 
_pdbx_struct_assembly_gen.assembly_id       1 
_pdbx_struct_assembly_gen.oper_expression   1 
_pdbx_struct_assembly_gen.asym_id_list      A,B,C,D,E 
# 
loop_
_pdbx_struct_assembly_prop.biol_id 
_pdbx_struct_assembly_prop.type 
_pdbx_struct_assembly_prop.value 
_pdbx_struct_assembly_prop.details 
1 'ABSA (A^2)' 1130 ? 
1 MORE         -6   ? 
1 'SSA (A^2)'  7100 ? 
# 
_pdbx_struct_oper_list.id                   1 
_pdbx_struct_oper_list.type                 'identity operation' 
_pdbx_struct_oper_list.name                 1_555 
_pdbx_struct_oper_list.symmetry_operation   x,y,z 
_pdbx_struct_oper_list.matrix[1][1]         1.0000000000 
_pdbx_struct_oper_list.matrix[1][2]         0.0000000000 
_pdbx_struct_oper_list.matrix[1][3]         0.0000000000 
_pdbx_struct_oper_list.vector[1]            0.0000000000 
_pdbx_struct_oper_list.matrix[2][1]         0.0000000000 
_pdbx_struct_oper_list.matrix[2][2]         1.0000000000 
_pdbx_struct_oper_list.matrix[2][3]         0.0000000000 
_pdbx_struct_oper_list.vector[2]            0.0000000000 
_pdbx_struct_oper_list.matrix[3][1]         0.0000000000 
_pdbx_struct_oper_list.matrix[3][2]         0.0000000000 
_pdbx_struct_oper_list.matrix[3][3]         1.0000000000 
_pdbx_struct_oper_list.vector[3]            0.0000000000 
# 
loop_
_pdbx_audit_revision_history.ordinal 
_pdbx_audit_revision_history.data_content_type 
_pdbx_audit_revision_history.major_revision 
_pdbx_audit_revision_history.minor_revision 
_pdbx_audit_revision_history.revision_date 
1 'Structure model' 1 0 2017-12-27 
2 'Structure model' 1 1 2018-07-11 
3 'Structure model' 1 2 2023-11-22 
# 
_pdbx_audit_revision_details.ordinal             1 
_pdbx_audit_revision_details.revision_ordinal    1 
_pdbx_audit_revision_details.data_content_type   'Structure model' 
_pdbx_audit_revision_details.provider            repository 
_pdbx_audit_revision_details.type                'Initial release' 
_pdbx_audit_revision_details.description         ? 
_pdbx_audit_revision_details.details             ? 
# 
loop_
_pdbx_audit_revision_group.ordinal 
_pdbx_audit_revision_group.revision_ordinal 
_pdbx_audit_revision_group.data_content_type 
_pdbx_audit_revision_group.group 
1 2 'Structure model' 'Data collection'        
2 2 'Structure model' 'Database references'    
3 3 'Structure model' 'Data collection'        
4 3 'Structure model' 'Database references'    
5 3 'Structure model' 'Refinement description' 
# 
loop_
_pdbx_audit_revision_category.ordinal 
_pdbx_audit_revision_category.revision_ordinal 
_pdbx_audit_revision_category.data_content_type 
_pdbx_audit_revision_category.category 
1 2 'Structure model' citation                      
2 3 'Structure model' chem_comp_atom                
3 3 'Structure model' chem_comp_bond                
4 3 'Structure model' database_2                    
5 3 'Structure model' pdbx_initial_refinement_model 
# 
loop_
_pdbx_audit_revision_item.ordinal 
_pdbx_audit_revision_item.revision_ordinal 
_pdbx_audit_revision_item.data_content_type 
_pdbx_audit_revision_item.item 
1 2 'Structure model' '_citation.journal_volume'            
2 2 'Structure model' '_citation.page_first'                
3 2 'Structure model' '_citation.page_last'                 
4 2 'Structure model' '_citation.year'                      
5 3 'Structure model' '_database_2.pdbx_DOI'                
6 3 'Structure model' '_database_2.pdbx_database_accession' 
# 
loop_
_software.citation_id 
_software.classification 
_software.compiler_name 
_software.compiler_version 
_software.contact_author 
_software.contact_author_email 
_software.date 
_software.description 
_software.dependencies 
_software.hardware 
_software.language 
_software.location 
_software.mods 
_software.name 
_software.os 
_software.os_version 
_software.type 
_software.version 
_software.pdbx_ordinal 
? refinement     ? ? ? ? ? ? ? ? ? ? ? PHENIX   ? ? ? 1.10.1-2155-000 1 
? 'data scaling' ? ? ? ? ? ? ? ? ? ? ? HKL-2000 ? ? ? .               2 
? phasing        ? ? ? ? ? ? ? ? ? ? ? PHENIX   ? ? ? .               3 
# 
loop_
_pdbx_validate_close_contact.id 
_pdbx_validate_close_contact.PDB_model_num 
_pdbx_validate_close_contact.auth_atom_id_1 
_pdbx_validate_close_contact.auth_asym_id_1 
_pdbx_validate_close_contact.auth_comp_id_1 
_pdbx_validate_close_contact.auth_seq_id_1 
_pdbx_validate_close_contact.PDB_ins_code_1 
_pdbx_validate_close_contact.label_alt_id_1 
_pdbx_validate_close_contact.auth_atom_id_2 
_pdbx_validate_close_contact.auth_asym_id_2 
_pdbx_validate_close_contact.auth_comp_id_2 
_pdbx_validate_close_contact.auth_seq_id_2 
_pdbx_validate_close_contact.PDB_ins_code_2 
_pdbx_validate_close_contact.label_alt_id_2 
_pdbx_validate_close_contact.dist 
1  1 O   A HOH 323 ? ? O  A HOH 458 ? ? 1.83 
2  1 O   A HOH 464 ? ? O  A HOH 488 ? ? 1.88 
3  1 O   A HOH 429 ? ? O  A HOH 474 ? ? 1.92 
4  1 OE2 A GLU 66  ? ? O2 A GOL 202 ? ? 1.94 
5  1 O   A HOH 474 ? ? O  A HOH 493 ? ? 1.99 
6  1 O   A HOH 323 ? ? O  A HOH 341 ? ? 2.01 
7  1 O   A HOH 333 ? ? O  A HOH 451 ? ? 2.02 
8  1 O   A HOH 466 ? ? O  A HOH 478 ? ? 2.05 
9  1 O   A HOH 424 ? ? O  A HOH 463 ? ? 2.06 
10 1 OD2 A ASP 28  ? ? O  A HOH 301 ? ? 2.08 
11 1 O   A HOH 416 ? ? O  A HOH 526 ? ? 2.09 
12 1 O   A HOH 398 ? ? O  A HOH 402 ? ? 2.14 
13 1 N   A SER 1   ? ? O  A HOH 302 ? ? 2.16 
# 
loop_
_pdbx_validate_symm_contact.id 
_pdbx_validate_symm_contact.PDB_model_num 
_pdbx_validate_symm_contact.auth_atom_id_1 
_pdbx_validate_symm_contact.auth_asym_id_1 
_pdbx_validate_symm_contact.auth_comp_id_1 
_pdbx_validate_symm_contact.auth_seq_id_1 
_pdbx_validate_symm_contact.PDB_ins_code_1 
_pdbx_validate_symm_contact.label_alt_id_1 
_pdbx_validate_symm_contact.site_symmetry_1 
_pdbx_validate_symm_contact.auth_atom_id_2 
_pdbx_validate_symm_contact.auth_asym_id_2 
_pdbx_validate_symm_contact.auth_comp_id_2 
_pdbx_validate_symm_contact.auth_seq_id_2 
_pdbx_validate_symm_contact.PDB_ins_code_2 
_pdbx_validate_symm_contact.label_alt_id_2 
_pdbx_validate_symm_contact.site_symmetry_2 
_pdbx_validate_symm_contact.dist 
1 1 O A HOH 447 ? ? 1_555 O A HOH 473 ? ? 2_849  1.85 
2 1 O A HOH 474 ? ? 1_555 O A HOH 475 ? ? 2_8410 2.15 
3 1 O A HOH 429 ? ? 1_555 O A HOH 475 ? ? 2_8410 2.17 
# 
_pdbx_validate_torsion.id              1 
_pdbx_validate_torsion.PDB_model_num   1 
_pdbx_validate_torsion.auth_comp_id    ASP 
_pdbx_validate_torsion.auth_asym_id    A 
_pdbx_validate_torsion.auth_seq_id     63 
_pdbx_validate_torsion.PDB_ins_code    ? 
_pdbx_validate_torsion.label_alt_id    ? 
_pdbx_validate_torsion.phi             -147.32 
_pdbx_validate_torsion.psi             29.02 
# 
loop_
_pdbx_distant_solvent_atoms.id 
_pdbx_distant_solvent_atoms.PDB_model_num 
_pdbx_distant_solvent_atoms.auth_atom_id 
_pdbx_distant_solvent_atoms.label_alt_id 
_pdbx_distant_solvent_atoms.auth_asym_id 
_pdbx_distant_solvent_atoms.auth_comp_id 
_pdbx_distant_solvent_atoms.auth_seq_id 
_pdbx_distant_solvent_atoms.PDB_ins_code 
_pdbx_distant_solvent_atoms.neighbor_macromolecule_distance 
_pdbx_distant_solvent_atoms.neighbor_ligand_distance 
1 1 O ? A HOH 545 ? 5.87 . 
2 1 O ? A HOH 546 ? 6.70 . 
# 
loop_
_chem_comp_atom.comp_id 
_chem_comp_atom.atom_id 
_chem_comp_atom.type_symbol 
_chem_comp_atom.pdbx_aromatic_flag 
_chem_comp_atom.pdbx_stereo_config 
_chem_comp_atom.pdbx_ordinal 
ALA N      N N N 1   
ALA CA     C N S 2   
ALA C      C N N 3   
ALA O      O N N 4   
ALA CB     C N N 5   
ALA OXT    O N N 6   
ALA H      H N N 7   
ALA H2     H N N 8   
ALA HA     H N N 9   
ALA HB1    H N N 10  
ALA HB2    H N N 11  
ALA HB3    H N N 12  
ALA HXT    H N N 13  
ARG N      N N N 14  
ARG CA     C N S 15  
ARG C      C N N 16  
ARG O      O N N 17  
ARG CB     C N N 18  
ARG CG     C N N 19  
ARG CD     C N N 20  
ARG NE     N N N 21  
ARG CZ     C N N 22  
ARG NH1    N N N 23  
ARG NH2    N N N 24  
ARG OXT    O N N 25  
ARG H      H N N 26  
ARG H2     H N N 27  
ARG HA     H N N 28  
ARG HB2    H N N 29  
ARG HB3    H N N 30  
ARG HG2    H N N 31  
ARG HG3    H N N 32  
ARG HD2    H N N 33  
ARG HD3    H N N 34  
ARG HE     H N N 35  
ARG HH11   H N N 36  
ARG HH12   H N N 37  
ARG HH21   H N N 38  
ARG HH22   H N N 39  
ARG HXT    H N N 40  
ASN N      N N N 41  
ASN CA     C N S 42  
ASN C      C N N 43  
ASN O      O N N 44  
ASN CB     C N N 45  
ASN CG     C N N 46  
ASN OD1    O N N 47  
ASN ND2    N N N 48  
ASN OXT    O N N 49  
ASN H      H N N 50  
ASN H2     H N N 51  
ASN HA     H N N 52  
ASN HB2    H N N 53  
ASN HB3    H N N 54  
ASN HD21   H N N 55  
ASN HD22   H N N 56  
ASN HXT    H N N 57  
ASP N      N N N 58  
ASP CA     C N S 59  
ASP C      C N N 60  
ASP O      O N N 61  
ASP CB     C N N 62  
ASP CG     C N N 63  
ASP OD1    O N N 64  
ASP OD2    O N N 65  
ASP OXT    O N N 66  
ASP H      H N N 67  
ASP H2     H N N 68  
ASP HA     H N N 69  
ASP HB2    H N N 70  
ASP HB3    H N N 71  
ASP HD2    H N N 72  
ASP HXT    H N N 73  
CYS N      N N N 74  
CYS CA     C N R 75  
CYS C      C N N 76  
CYS O      O N N 77  
CYS CB     C N N 78  
CYS SG     S N N 79  
CYS OXT    O N N 80  
CYS H      H N N 81  
CYS H2     H N N 82  
CYS HA     H N N 83  
CYS HB2    H N N 84  
CYS HB3    H N N 85  
CYS HG     H N N 86  
CYS HXT    H N N 87  
FMN N1     N N N 88  
FMN C2     C N N 89  
FMN O2     O N N 90  
FMN N3     N N N 91  
FMN C4     C N N 92  
FMN O4     O N N 93  
FMN C4A    C N N 94  
FMN N5     N N N 95  
FMN C5A    C Y N 96  
FMN C6     C Y N 97  
FMN C7     C Y N 98  
FMN C7M    C N N 99  
FMN C8     C Y N 100 
FMN C8M    C N N 101 
FMN C9     C Y N 102 
FMN C9A    C Y N 103 
FMN N10    N N N 104 
FMN C10    C N N 105 
FMN "C1'"  C N N 106 
FMN "C2'"  C N S 107 
FMN "O2'"  O N N 108 
FMN "C3'"  C N S 109 
FMN "O3'"  O N N 110 
FMN "C4'"  C N R 111 
FMN "O4'"  O N N 112 
FMN "C5'"  C N N 113 
FMN "O5'"  O N N 114 
FMN P      P N N 115 
FMN O1P    O N N 116 
FMN O2P    O N N 117 
FMN O3P    O N N 118 
FMN HN3    H N N 119 
FMN H6     H N N 120 
FMN HM71   H N N 121 
FMN HM72   H N N 122 
FMN HM73   H N N 123 
FMN HM81   H N N 124 
FMN HM82   H N N 125 
FMN HM83   H N N 126 
FMN H9     H N N 127 
FMN "H1'1" H N N 128 
FMN "H1'2" H N N 129 
FMN "H2'"  H N N 130 
FMN "HO2'" H N N 131 
FMN "H3'"  H N N 132 
FMN "HO3'" H N N 133 
FMN "H4'"  H N N 134 
FMN "HO4'" H N N 135 
FMN "H5'1" H N N 136 
FMN "H5'2" H N N 137 
FMN HOP2   H N N 138 
FMN HOP3   H N N 139 
GLN N      N N N 140 
GLN CA     C N S 141 
GLN C      C N N 142 
GLN O      O N N 143 
GLN CB     C N N 144 
GLN CG     C N N 145 
GLN CD     C N N 146 
GLN OE1    O N N 147 
GLN NE2    N N N 148 
GLN OXT    O N N 149 
GLN H      H N N 150 
GLN H2     H N N 151 
GLN HA     H N N 152 
GLN HB2    H N N 153 
GLN HB3    H N N 154 
GLN HG2    H N N 155 
GLN HG3    H N N 156 
GLN HE21   H N N 157 
GLN HE22   H N N 158 
GLN HXT    H N N 159 
GLU N      N N N 160 
GLU CA     C N S 161 
GLU C      C N N 162 
GLU O      O N N 163 
GLU CB     C N N 164 
GLU CG     C N N 165 
GLU CD     C N N 166 
GLU OE1    O N N 167 
GLU OE2    O N N 168 
GLU OXT    O N N 169 
GLU H      H N N 170 
GLU H2     H N N 171 
GLU HA     H N N 172 
GLU HB2    H N N 173 
GLU HB3    H N N 174 
GLU HG2    H N N 175 
GLU HG3    H N N 176 
GLU HE2    H N N 177 
GLU HXT    H N N 178 
GLY N      N N N 179 
GLY CA     C N N 180 
GLY C      C N N 181 
GLY O      O N N 182 
GLY OXT    O N N 183 
GLY H      H N N 184 
GLY H2     H N N 185 
GLY HA2    H N N 186 
GLY HA3    H N N 187 
GLY HXT    H N N 188 
GOL C1     C N N 189 
GOL O1     O N N 190 
GOL C2     C N N 191 
GOL O2     O N N 192 
GOL C3     C N N 193 
GOL O3     O N N 194 
GOL H11    H N N 195 
GOL H12    H N N 196 
GOL HO1    H N N 197 
GOL H2     H N N 198 
GOL HO2    H N N 199 
GOL H31    H N N 200 
GOL H32    H N N 201 
GOL HO3    H N N 202 
HIS N      N N N 203 
HIS CA     C N S 204 
HIS C      C N N 205 
HIS O      O N N 206 
HIS CB     C N N 207 
HIS CG     C Y N 208 
HIS ND1    N Y N 209 
HIS CD2    C Y N 210 
HIS CE1    C Y N 211 
HIS NE2    N Y N 212 
HIS OXT    O N N 213 
HIS H      H N N 214 
HIS H2     H N N 215 
HIS HA     H N N 216 
HIS HB2    H N N 217 
HIS HB3    H N N 218 
HIS HD1    H N N 219 
HIS HD2    H N N 220 
HIS HE1    H N N 221 
HIS HE2    H N N 222 
HIS HXT    H N N 223 
HOH O      O N N 224 
HOH H1     H N N 225 
HOH H2     H N N 226 
ILE N      N N N 227 
ILE CA     C N S 228 
ILE C      C N N 229 
ILE O      O N N 230 
ILE CB     C N S 231 
ILE CG1    C N N 232 
ILE CG2    C N N 233 
ILE CD1    C N N 234 
ILE OXT    O N N 235 
ILE H      H N N 236 
ILE H2     H N N 237 
ILE HA     H N N 238 
ILE HB     H N N 239 
ILE HG12   H N N 240 
ILE HG13   H N N 241 
ILE HG21   H N N 242 
ILE HG22   H N N 243 
ILE HG23   H N N 244 
ILE HD11   H N N 245 
ILE HD12   H N N 246 
ILE HD13   H N N 247 
ILE HXT    H N N 248 
LEU N      N N N 249 
LEU CA     C N S 250 
LEU C      C N N 251 
LEU O      O N N 252 
LEU CB     C N N 253 
LEU CG     C N N 254 
LEU CD1    C N N 255 
LEU CD2    C N N 256 
LEU OXT    O N N 257 
LEU H      H N N 258 
LEU H2     H N N 259 
LEU HA     H N N 260 
LEU HB2    H N N 261 
LEU HB3    H N N 262 
LEU HG     H N N 263 
LEU HD11   H N N 264 
LEU HD12   H N N 265 
LEU HD13   H N N 266 
LEU HD21   H N N 267 
LEU HD22   H N N 268 
LEU HD23   H N N 269 
LEU HXT    H N N 270 
LYS N      N N N 271 
LYS CA     C N S 272 
LYS C      C N N 273 
LYS O      O N N 274 
LYS CB     C N N 275 
LYS CG     C N N 276 
LYS CD     C N N 277 
LYS CE     C N N 278 
LYS NZ     N N N 279 
LYS OXT    O N N 280 
LYS H      H N N 281 
LYS H2     H N N 282 
LYS HA     H N N 283 
LYS HB2    H N N 284 
LYS HB3    H N N 285 
LYS HG2    H N N 286 
LYS HG3    H N N 287 
LYS HD2    H N N 288 
LYS HD3    H N N 289 
LYS HE2    H N N 290 
LYS HE3    H N N 291 
LYS HZ1    H N N 292 
LYS HZ2    H N N 293 
LYS HZ3    H N N 294 
LYS HXT    H N N 295 
PHE N      N N N 296 
PHE CA     C N S 297 
PHE C      C N N 298 
PHE O      O N N 299 
PHE CB     C N N 300 
PHE CG     C Y N 301 
PHE CD1    C Y N 302 
PHE CD2    C Y N 303 
PHE CE1    C Y N 304 
PHE CE2    C Y N 305 
PHE CZ     C Y N 306 
PHE OXT    O N N 307 
PHE H      H N N 308 
PHE H2     H N N 309 
PHE HA     H N N 310 
PHE HB2    H N N 311 
PHE HB3    H N N 312 
PHE HD1    H N N 313 
PHE HD2    H N N 314 
PHE HE1    H N N 315 
PHE HE2    H N N 316 
PHE HZ     H N N 317 
PHE HXT    H N N 318 
PRO N      N N N 319 
PRO CA     C N S 320 
PRO C      C N N 321 
PRO O      O N N 322 
PRO CB     C N N 323 
PRO CG     C N N 324 
PRO CD     C N N 325 
PRO OXT    O N N 326 
PRO H      H N N 327 
PRO HA     H N N 328 
PRO HB2    H N N 329 
PRO HB3    H N N 330 
PRO HG2    H N N 331 
PRO HG3    H N N 332 
PRO HD2    H N N 333 
PRO HD3    H N N 334 
PRO HXT    H N N 335 
SER N      N N N 336 
SER CA     C N S 337 
SER C      C N N 338 
SER O      O N N 339 
SER CB     C N N 340 
SER OG     O N N 341 
SER OXT    O N N 342 
SER H      H N N 343 
SER H2     H N N 344 
SER HA     H N N 345 
SER HB2    H N N 346 
SER HB3    H N N 347 
SER HG     H N N 348 
SER HXT    H N N 349 
THR N      N N N 350 
THR CA     C N S 351 
THR C      C N N 352 
THR O      O N N 353 
THR CB     C N R 354 
THR OG1    O N N 355 
THR CG2    C N N 356 
THR OXT    O N N 357 
THR H      H N N 358 
THR H2     H N N 359 
THR HA     H N N 360 
THR HB     H N N 361 
THR HG1    H N N 362 
THR HG21   H N N 363 
THR HG22   H N N 364 
THR HG23   H N N 365 
THR HXT    H N N 366 
TRP N      N N N 367 
TRP CA     C N S 368 
TRP C      C N N 369 
TRP O      O N N 370 
TRP CB     C N N 371 
TRP CG     C Y N 372 
TRP CD1    C Y N 373 
TRP CD2    C Y N 374 
TRP NE1    N Y N 375 
TRP CE2    C Y N 376 
TRP CE3    C Y N 377 
TRP CZ2    C Y N 378 
TRP CZ3    C Y N 379 
TRP CH2    C Y N 380 
TRP OXT    O N N 381 
TRP H      H N N 382 
TRP H2     H N N 383 
TRP HA     H N N 384 
TRP HB2    H N N 385 
TRP HB3    H N N 386 
TRP HD1    H N N 387 
TRP HE1    H N N 388 
TRP HE3    H N N 389 
TRP HZ2    H N N 390 
TRP HZ3    H N N 391 
TRP HH2    H N N 392 
TRP HXT    H N N 393 
TYR N      N N N 394 
TYR CA     C N S 395 
TYR C      C N N 396 
TYR O      O N N 397 
TYR CB     C N N 398 
TYR CG     C Y N 399 
TYR CD1    C Y N 400 
TYR CD2    C Y N 401 
TYR CE1    C Y N 402 
TYR CE2    C Y N 403 
TYR CZ     C Y N 404 
TYR OH     O N N 405 
TYR OXT    O N N 406 
TYR H      H N N 407 
TYR H2     H N N 408 
TYR HA     H N N 409 
TYR HB2    H N N 410 
TYR HB3    H N N 411 
TYR HD1    H N N 412 
TYR HD2    H N N 413 
TYR HE1    H N N 414 
TYR HE2    H N N 415 
TYR HH     H N N 416 
TYR HXT    H N N 417 
VAL N      N N N 418 
VAL CA     C N S 419 
VAL C      C N N 420 
VAL O      O N N 421 
VAL CB     C N N 422 
VAL CG1    C N N 423 
VAL CG2    C N N 424 
VAL OXT    O N N 425 
VAL H      H N N 426 
VAL H2     H N N 427 
VAL HA     H N N 428 
VAL HB     H N N 429 
VAL HG11   H N N 430 
VAL HG12   H N N 431 
VAL HG13   H N N 432 
VAL HG21   H N N 433 
VAL HG22   H N N 434 
VAL HG23   H N N 435 
VAL HXT    H N N 436 
# 
loop_
_chem_comp_bond.comp_id 
_chem_comp_bond.atom_id_1 
_chem_comp_bond.atom_id_2 
_chem_comp_bond.value_order 
_chem_comp_bond.pdbx_aromatic_flag 
_chem_comp_bond.pdbx_stereo_config 
_chem_comp_bond.pdbx_ordinal 
ALA N     CA     sing N N 1   
ALA N     H      sing N N 2   
ALA N     H2     sing N N 3   
ALA CA    C      sing N N 4   
ALA CA    CB     sing N N 5   
ALA CA    HA     sing N N 6   
ALA C     O      doub N N 7   
ALA C     OXT    sing N N 8   
ALA CB    HB1    sing N N 9   
ALA CB    HB2    sing N N 10  
ALA CB    HB3    sing N N 11  
ALA OXT   HXT    sing N N 12  
ARG N     CA     sing N N 13  
ARG N     H      sing N N 14  
ARG N     H2     sing N N 15  
ARG CA    C      sing N N 16  
ARG CA    CB     sing N N 17  
ARG CA    HA     sing N N 18  
ARG C     O      doub N N 19  
ARG C     OXT    sing N N 20  
ARG CB    CG     sing N N 21  
ARG CB    HB2    sing N N 22  
ARG CB    HB3    sing N N 23  
ARG CG    CD     sing N N 24  
ARG CG    HG2    sing N N 25  
ARG CG    HG3    sing N N 26  
ARG CD    NE     sing N N 27  
ARG CD    HD2    sing N N 28  
ARG CD    HD3    sing N N 29  
ARG NE    CZ     sing N N 30  
ARG NE    HE     sing N N 31  
ARG CZ    NH1    sing N N 32  
ARG CZ    NH2    doub N N 33  
ARG NH1   HH11   sing N N 34  
ARG NH1   HH12   sing N N 35  
ARG NH2   HH21   sing N N 36  
ARG NH2   HH22   sing N N 37  
ARG OXT   HXT    sing N N 38  
ASN N     CA     sing N N 39  
ASN N     H      sing N N 40  
ASN N     H2     sing N N 41  
ASN CA    C      sing N N 42  
ASN CA    CB     sing N N 43  
ASN CA    HA     sing N N 44  
ASN C     O      doub N N 45  
ASN C     OXT    sing N N 46  
ASN CB    CG     sing N N 47  
ASN CB    HB2    sing N N 48  
ASN CB    HB3    sing N N 49  
ASN CG    OD1    doub N N 50  
ASN CG    ND2    sing N N 51  
ASN ND2   HD21   sing N N 52  
ASN ND2   HD22   sing N N 53  
ASN OXT   HXT    sing N N 54  
ASP N     CA     sing N N 55  
ASP N     H      sing N N 56  
ASP N     H2     sing N N 57  
ASP CA    C      sing N N 58  
ASP CA    CB     sing N N 59  
ASP CA    HA     sing N N 60  
ASP C     O      doub N N 61  
ASP C     OXT    sing N N 62  
ASP CB    CG     sing N N 63  
ASP CB    HB2    sing N N 64  
ASP CB    HB3    sing N N 65  
ASP CG    OD1    doub N N 66  
ASP CG    OD2    sing N N 67  
ASP OD2   HD2    sing N N 68  
ASP OXT   HXT    sing N N 69  
CYS N     CA     sing N N 70  
CYS N     H      sing N N 71  
CYS N     H2     sing N N 72  
CYS CA    C      sing N N 73  
CYS CA    CB     sing N N 74  
CYS CA    HA     sing N N 75  
CYS C     O      doub N N 76  
CYS C     OXT    sing N N 77  
CYS CB    SG     sing N N 78  
CYS CB    HB2    sing N N 79  
CYS CB    HB3    sing N N 80  
CYS SG    HG     sing N N 81  
CYS OXT   HXT    sing N N 82  
FMN N1    C2     sing N N 83  
FMN N1    C10    doub N N 84  
FMN C2    O2     doub N N 85  
FMN C2    N3     sing N N 86  
FMN N3    C4     sing N N 87  
FMN N3    HN3    sing N N 88  
FMN C4    O4     doub N N 89  
FMN C4    C4A    sing N N 90  
FMN C4A   N5     doub N N 91  
FMN C4A   C10    sing N N 92  
FMN N5    C5A    sing N N 93  
FMN C5A   C6     doub Y N 94  
FMN C5A   C9A    sing Y N 95  
FMN C6    C7     sing Y N 96  
FMN C6    H6     sing N N 97  
FMN C7    C7M    sing N N 98  
FMN C7    C8     doub Y N 99  
FMN C7M   HM71   sing N N 100 
FMN C7M   HM72   sing N N 101 
FMN C7M   HM73   sing N N 102 
FMN C8    C8M    sing N N 103 
FMN C8    C9     sing Y N 104 
FMN C8M   HM81   sing N N 105 
FMN C8M   HM82   sing N N 106 
FMN C8M   HM83   sing N N 107 
FMN C9    C9A    doub Y N 108 
FMN C9    H9     sing N N 109 
FMN C9A   N10    sing N N 110 
FMN N10   C10    sing N N 111 
FMN N10   "C1'"  sing N N 112 
FMN "C1'" "C2'"  sing N N 113 
FMN "C1'" "H1'1" sing N N 114 
FMN "C1'" "H1'2" sing N N 115 
FMN "C2'" "O2'"  sing N N 116 
FMN "C2'" "C3'"  sing N N 117 
FMN "C2'" "H2'"  sing N N 118 
FMN "O2'" "HO2'" sing N N 119 
FMN "C3'" "O3'"  sing N N 120 
FMN "C3'" "C4'"  sing N N 121 
FMN "C3'" "H3'"  sing N N 122 
FMN "O3'" "HO3'" sing N N 123 
FMN "C4'" "O4'"  sing N N 124 
FMN "C4'" "C5'"  sing N N 125 
FMN "C4'" "H4'"  sing N N 126 
FMN "O4'" "HO4'" sing N N 127 
FMN "C5'" "O5'"  sing N N 128 
FMN "C5'" "H5'1" sing N N 129 
FMN "C5'" "H5'2" sing N N 130 
FMN "O5'" P      sing N N 131 
FMN P     O1P    doub N N 132 
FMN P     O2P    sing N N 133 
FMN P     O3P    sing N N 134 
FMN O2P   HOP2   sing N N 135 
FMN O3P   HOP3   sing N N 136 
GLN N     CA     sing N N 137 
GLN N     H      sing N N 138 
GLN N     H2     sing N N 139 
GLN CA    C      sing N N 140 
GLN CA    CB     sing N N 141 
GLN CA    HA     sing N N 142 
GLN C     O      doub N N 143 
GLN C     OXT    sing N N 144 
GLN CB    CG     sing N N 145 
GLN CB    HB2    sing N N 146 
GLN CB    HB3    sing N N 147 
GLN CG    CD     sing N N 148 
GLN CG    HG2    sing N N 149 
GLN CG    HG3    sing N N 150 
GLN CD    OE1    doub N N 151 
GLN CD    NE2    sing N N 152 
GLN NE2   HE21   sing N N 153 
GLN NE2   HE22   sing N N 154 
GLN OXT   HXT    sing N N 155 
GLU N     CA     sing N N 156 
GLU N     H      sing N N 157 
GLU N     H2     sing N N 158 
GLU CA    C      sing N N 159 
GLU CA    CB     sing N N 160 
GLU CA    HA     sing N N 161 
GLU C     O      doub N N 162 
GLU C     OXT    sing N N 163 
GLU CB    CG     sing N N 164 
GLU CB    HB2    sing N N 165 
GLU CB    HB3    sing N N 166 
GLU CG    CD     sing N N 167 
GLU CG    HG2    sing N N 168 
GLU CG    HG3    sing N N 169 
GLU CD    OE1    doub N N 170 
GLU CD    OE2    sing N N 171 
GLU OE2   HE2    sing N N 172 
GLU OXT   HXT    sing N N 173 
GLY N     CA     sing N N 174 
GLY N     H      sing N N 175 
GLY N     H2     sing N N 176 
GLY CA    C      sing N N 177 
GLY CA    HA2    sing N N 178 
GLY CA    HA3    sing N N 179 
GLY C     O      doub N N 180 
GLY C     OXT    sing N N 181 
GLY OXT   HXT    sing N N 182 
GOL C1    O1     sing N N 183 
GOL C1    C2     sing N N 184 
GOL C1    H11    sing N N 185 
GOL C1    H12    sing N N 186 
GOL O1    HO1    sing N N 187 
GOL C2    O2     sing N N 188 
GOL C2    C3     sing N N 189 
GOL C2    H2     sing N N 190 
GOL O2    HO2    sing N N 191 
GOL C3    O3     sing N N 192 
GOL C3    H31    sing N N 193 
GOL C3    H32    sing N N 194 
GOL O3    HO3    sing N N 195 
HIS N     CA     sing N N 196 
HIS N     H      sing N N 197 
HIS N     H2     sing N N 198 
HIS CA    C      sing N N 199 
HIS CA    CB     sing N N 200 
HIS CA    HA     sing N N 201 
HIS C     O      doub N N 202 
HIS C     OXT    sing N N 203 
HIS CB    CG     sing N N 204 
HIS CB    HB2    sing N N 205 
HIS CB    HB3    sing N N 206 
HIS CG    ND1    sing Y N 207 
HIS CG    CD2    doub Y N 208 
HIS ND1   CE1    doub Y N 209 
HIS ND1   HD1    sing N N 210 
HIS CD2   NE2    sing Y N 211 
HIS CD2   HD2    sing N N 212 
HIS CE1   NE2    sing Y N 213 
HIS CE1   HE1    sing N N 214 
HIS NE2   HE2    sing N N 215 
HIS OXT   HXT    sing N N 216 
HOH O     H1     sing N N 217 
HOH O     H2     sing N N 218 
ILE N     CA     sing N N 219 
ILE N     H      sing N N 220 
ILE N     H2     sing N N 221 
ILE CA    C      sing N N 222 
ILE CA    CB     sing N N 223 
ILE CA    HA     sing N N 224 
ILE C     O      doub N N 225 
ILE C     OXT    sing N N 226 
ILE CB    CG1    sing N N 227 
ILE CB    CG2    sing N N 228 
ILE CB    HB     sing N N 229 
ILE CG1   CD1    sing N N 230 
ILE CG1   HG12   sing N N 231 
ILE CG1   HG13   sing N N 232 
ILE CG2   HG21   sing N N 233 
ILE CG2   HG22   sing N N 234 
ILE CG2   HG23   sing N N 235 
ILE CD1   HD11   sing N N 236 
ILE CD1   HD12   sing N N 237 
ILE CD1   HD13   sing N N 238 
ILE OXT   HXT    sing N N 239 
LEU N     CA     sing N N 240 
LEU N     H      sing N N 241 
LEU N     H2     sing N N 242 
LEU CA    C      sing N N 243 
LEU CA    CB     sing N N 244 
LEU CA    HA     sing N N 245 
LEU C     O      doub N N 246 
LEU C     OXT    sing N N 247 
LEU CB    CG     sing N N 248 
LEU CB    HB2    sing N N 249 
LEU CB    HB3    sing N N 250 
LEU CG    CD1    sing N N 251 
LEU CG    CD2    sing N N 252 
LEU CG    HG     sing N N 253 
LEU CD1   HD11   sing N N 254 
LEU CD1   HD12   sing N N 255 
LEU CD1   HD13   sing N N 256 
LEU CD2   HD21   sing N N 257 
LEU CD2   HD22   sing N N 258 
LEU CD2   HD23   sing N N 259 
LEU OXT   HXT    sing N N 260 
LYS N     CA     sing N N 261 
LYS N     H      sing N N 262 
LYS N     H2     sing N N 263 
LYS CA    C      sing N N 264 
LYS CA    CB     sing N N 265 
LYS CA    HA     sing N N 266 
LYS C     O      doub N N 267 
LYS C     OXT    sing N N 268 
LYS CB    CG     sing N N 269 
LYS CB    HB2    sing N N 270 
LYS CB    HB3    sing N N 271 
LYS CG    CD     sing N N 272 
LYS CG    HG2    sing N N 273 
LYS CG    HG3    sing N N 274 
LYS CD    CE     sing N N 275 
LYS CD    HD2    sing N N 276 
LYS CD    HD3    sing N N 277 
LYS CE    NZ     sing N N 278 
LYS CE    HE2    sing N N 279 
LYS CE    HE3    sing N N 280 
LYS NZ    HZ1    sing N N 281 
LYS NZ    HZ2    sing N N 282 
LYS NZ    HZ3    sing N N 283 
LYS OXT   HXT    sing N N 284 
PHE N     CA     sing N N 285 
PHE N     H      sing N N 286 
PHE N     H2     sing N N 287 
PHE CA    C      sing N N 288 
PHE CA    CB     sing N N 289 
PHE CA    HA     sing N N 290 
PHE C     O      doub N N 291 
PHE C     OXT    sing N N 292 
PHE CB    CG     sing N N 293 
PHE CB    HB2    sing N N 294 
PHE CB    HB3    sing N N 295 
PHE CG    CD1    doub Y N 296 
PHE CG    CD2    sing Y N 297 
PHE CD1   CE1    sing Y N 298 
PHE CD1   HD1    sing N N 299 
PHE CD2   CE2    doub Y N 300 
PHE CD2   HD2    sing N N 301 
PHE CE1   CZ     doub Y N 302 
PHE CE1   HE1    sing N N 303 
PHE CE2   CZ     sing Y N 304 
PHE CE2   HE2    sing N N 305 
PHE CZ    HZ     sing N N 306 
PHE OXT   HXT    sing N N 307 
PRO N     CA     sing N N 308 
PRO N     CD     sing N N 309 
PRO N     H      sing N N 310 
PRO CA    C      sing N N 311 
PRO CA    CB     sing N N 312 
PRO CA    HA     sing N N 313 
PRO C     O      doub N N 314 
PRO C     OXT    sing N N 315 
PRO CB    CG     sing N N 316 
PRO CB    HB2    sing N N 317 
PRO CB    HB3    sing N N 318 
PRO CG    CD     sing N N 319 
PRO CG    HG2    sing N N 320 
PRO CG    HG3    sing N N 321 
PRO CD    HD2    sing N N 322 
PRO CD    HD3    sing N N 323 
PRO OXT   HXT    sing N N 324 
SER N     CA     sing N N 325 
SER N     H      sing N N 326 
SER N     H2     sing N N 327 
SER CA    C      sing N N 328 
SER CA    CB     sing N N 329 
SER CA    HA     sing N N 330 
SER C     O      doub N N 331 
SER C     OXT    sing N N 332 
SER CB    OG     sing N N 333 
SER CB    HB2    sing N N 334 
SER CB    HB3    sing N N 335 
SER OG    HG     sing N N 336 
SER OXT   HXT    sing N N 337 
THR N     CA     sing N N 338 
THR N     H      sing N N 339 
THR N     H2     sing N N 340 
THR CA    C      sing N N 341 
THR CA    CB     sing N N 342 
THR CA    HA     sing N N 343 
THR C     O      doub N N 344 
THR C     OXT    sing N N 345 
THR CB    OG1    sing N N 346 
THR CB    CG2    sing N N 347 
THR CB    HB     sing N N 348 
THR OG1   HG1    sing N N 349 
THR CG2   HG21   sing N N 350 
THR CG2   HG22   sing N N 351 
THR CG2   HG23   sing N N 352 
THR OXT   HXT    sing N N 353 
TRP N     CA     sing N N 354 
TRP N     H      sing N N 355 
TRP N     H2     sing N N 356 
TRP CA    C      sing N N 357 
TRP CA    CB     sing N N 358 
TRP CA    HA     sing N N 359 
TRP C     O      doub N N 360 
TRP C     OXT    sing N N 361 
TRP CB    CG     sing N N 362 
TRP CB    HB2    sing N N 363 
TRP CB    HB3    sing N N 364 
TRP CG    CD1    doub Y N 365 
TRP CG    CD2    sing Y N 366 
TRP CD1   NE1    sing Y N 367 
TRP CD1   HD1    sing N N 368 
TRP CD2   CE2    doub Y N 369 
TRP CD2   CE3    sing Y N 370 
TRP NE1   CE2    sing Y N 371 
TRP NE1   HE1    sing N N 372 
TRP CE2   CZ2    sing Y N 373 
TRP CE3   CZ3    doub Y N 374 
TRP CE3   HE3    sing N N 375 
TRP CZ2   CH2    doub Y N 376 
TRP CZ2   HZ2    sing N N 377 
TRP CZ3   CH2    sing Y N 378 
TRP CZ3   HZ3    sing N N 379 
TRP CH2   HH2    sing N N 380 
TRP OXT   HXT    sing N N 381 
TYR N     CA     sing N N 382 
TYR N     H      sing N N 383 
TYR N     H2     sing N N 384 
TYR CA    C      sing N N 385 
TYR CA    CB     sing N N 386 
TYR CA    HA     sing N N 387 
TYR C     O      doub N N 388 
TYR C     OXT    sing N N 389 
TYR CB    CG     sing N N 390 
TYR CB    HB2    sing N N 391 
TYR CB    HB3    sing N N 392 
TYR CG    CD1    doub Y N 393 
TYR CG    CD2    sing Y N 394 
TYR CD1   CE1    sing Y N 395 
TYR CD1   HD1    sing N N 396 
TYR CD2   CE2    doub Y N 397 
TYR CD2   HD2    sing N N 398 
TYR CE1   CZ     doub Y N 399 
TYR CE1   HE1    sing N N 400 
TYR CE2   CZ     sing Y N 401 
TYR CE2   HE2    sing N N 402 
TYR CZ    OH     sing N N 403 
TYR OH    HH     sing N N 404 
TYR OXT   HXT    sing N N 405 
VAL N     CA     sing N N 406 
VAL N     H      sing N N 407 
VAL N     H2     sing N N 408 
VAL CA    C      sing N N 409 
VAL CA    CB     sing N N 410 
VAL CA    HA     sing N N 411 
VAL C     O      doub N N 412 
VAL C     OXT    sing N N 413 
VAL CB    CG1    sing N N 414 
VAL CB    CG2    sing N N 415 
VAL CB    HB     sing N N 416 
VAL CG1   HG11   sing N N 417 
VAL CG1   HG12   sing N N 418 
VAL CG1   HG13   sing N N 419 
VAL CG2   HG21   sing N N 420 
VAL CG2   HG22   sing N N 421 
VAL CG2   HG23   sing N N 422 
VAL OXT   HXT    sing N N 423 
# 
loop_
_pdbx_entity_nonpoly.entity_id 
_pdbx_entity_nonpoly.name 
_pdbx_entity_nonpoly.comp_id 
2 'FLAVIN MONONUCLEOTIDE' FMN 
3 GLYCEROL                GOL 
4 water                   HOH 
# 
_pdbx_initial_refinement_model.id               1 
_pdbx_initial_refinement_model.entity_id_list   ? 
_pdbx_initial_refinement_model.type             'experimental model' 
_pdbx_initial_refinement_model.source_name      PDB 
_pdbx_initial_refinement_model.accession_code   1J8Q 
_pdbx_initial_refinement_model.details          ? 
# 
_pdbx_struct_assembly_auth_evidence.id                     1 
_pdbx_struct_assembly_auth_evidence.assembly_id            1 
_pdbx_struct_assembly_auth_evidence.experimental_support   'gel filtration' 
_pdbx_struct_assembly_auth_evidence.details                ? 
# 
